data_1SJJ
#
_entry.id   1SJJ
#
_cell.length_a   263.100
_cell.length_b   203.700
_cell.length_c   100.000
_cell.angle_alpha   90.00
_cell.angle_beta   90.00
_cell.angle_gamma   107.10
#
_symmetry.space_group_name_H-M   'P 1 1 2'
#
_entity_poly.entity_id   1
_entity_poly.type   'polypeptide(L)'
_entity_poly.pdbx_seq_one_letter_code
;LDPAWEKQQRKTFTAWCNSHLRKAGTQIENIEEDFRDGLKLMLLLEVISGERLAKPERGKMRVHKISNVNKALDFIASKG
VKLVSIGAEEIVDGNVKMTLGMIWTIILRFAIQDISVEETSAKEGLLLWYQRKTAPYKNVNIQNFHISWKDGLGFCALIH
RHRPELIDYGKLRKDDPLTNLNTAFDVAEKYLDIPKMLDAEDIVGTARPDEKAIMTYVSSFYHAFSGAQKAETAANRICK
VLAVNQENEQLMEDYEKLASDLLEWIRRTIPWLENRAPENTMQAMQQKLEDFRDYRRLHKPPKVQEKCQLEINFNTLQTK
LRLSNRPAFMPSEGKMVSDINNAWGGLEQAEKGYEEWLLNEIRRLERLDHLAEKFRQKASIHESWTDGKEAMLQQKDYET
ATLSEIKALLKKHEAFESDLAAHQDRVEQIAAIAQELNELDYYDSPSVNARCQKICDQWDNLGALTQKRREALERTEKLL
ETIDQLYLEYAKRAAPFNNWMEGAMEDLQDTFIVHTIEEIQGLTTAHEQFKATLPDADKERQAILGIHNEVSKIVQTYHV
NMAGTNPYTTITPQEINGKWEHVRQLVPRRDQALMEEHARQQQNERLRKQFGAQANVIGPWIQTKMEEIGRISIEMHGTL
EDQLNHLRQYEKSIVNYKPKIDQLEGDHQQIQEALIFDNKHTNYTMEHIRVGWEQLLTTIARTINEVENQILTRDAKGIS
QEQMNEFRASFNHFDRKKTGMMDCEDFRACLISMGYNMGEAEFARIMSIVDPNRMGVVTFQAFIDFMSRETADTDTADQV
MASFKILAGDKNYITVDELRRELPPDQAEYCIARMAPYNGRDAVPGALDYMSFSTALYGESDL
;
_entity_poly.pdbx_strand_id   A,B
#
# COMPACT_ATOMS: atom_id res chain seq x y z
N LEU A 1 -40.27 -122.91 102.98
CA LEU A 1 -41.44 -122.01 103.19
C LEU A 1 -42.27 -121.72 101.92
N ASP A 2 -42.54 -122.77 101.11
CA ASP A 2 -42.33 -122.70 99.68
C ASP A 2 -43.57 -122.62 98.78
N PRO A 3 -44.51 -123.56 98.90
CA PRO A 3 -45.37 -123.99 97.78
C PRO A 3 -44.77 -124.29 96.40
N ALA A 4 -43.45 -124.23 96.19
CA ALA A 4 -42.77 -124.47 94.94
C ALA A 4 -42.59 -125.95 94.70
N TRP A 5 -43.66 -126.63 94.25
CA TRP A 5 -43.65 -128.07 94.07
C TRP A 5 -42.88 -128.53 92.84
N GLU A 6 -41.63 -128.99 93.00
CA GLU A 6 -40.72 -129.38 91.93
C GLU A 6 -41.24 -130.45 90.97
N LYS A 7 -41.99 -131.43 91.52
CA LYS A 7 -42.67 -132.47 90.79
C LYS A 7 -43.91 -131.99 90.06
N GLN A 8 -44.52 -130.86 90.46
CA GLN A 8 -45.57 -130.19 89.69
C GLN A 8 -44.91 -129.39 88.59
N GLN A 9 -43.93 -128.55 89.00
CA GLN A 9 -43.16 -127.63 88.18
C GLN A 9 -42.60 -128.24 86.92
N ARG A 10 -42.14 -129.52 86.92
CA ARG A 10 -41.76 -130.17 85.68
C ARG A 10 -42.89 -130.22 84.62
N LYS A 11 -44.13 -130.58 84.98
CA LYS A 11 -45.28 -130.49 84.07
C LYS A 11 -45.52 -129.06 83.57
N THR A 12 -45.54 -128.07 84.48
CA THR A 12 -45.76 -126.66 84.14
C THR A 12 -44.70 -126.11 83.18
N PHE A 13 -43.41 -126.43 83.38
CA PHE A 13 -42.33 -125.90 82.58
C PHE A 13 -42.21 -126.62 81.23
N THR A 14 -42.60 -127.91 81.17
CA THR A 14 -42.75 -128.70 79.94
C THR A 14 -43.95 -128.23 79.15
N ALA A 15 -45.06 -127.91 79.84
CA ALA A 15 -46.20 -127.26 79.23
C ALA A 15 -45.92 -125.80 78.83
N TRP A 16 -44.72 -125.26 79.09
CA TRP A 16 -44.33 -123.93 78.70
C TRP A 16 -43.45 -123.95 77.45
N CYS A 17 -42.42 -124.83 77.36
CA CYS A 17 -41.65 -124.96 76.13
C CYS A 17 -42.50 -125.38 74.92
N ASN A 18 -43.37 -126.39 75.07
CA ASN A 18 -44.25 -126.81 73.99
C ASN A 18 -45.43 -125.86 73.70
N SER A 19 -45.74 -124.96 74.65
CA SER A 19 -46.60 -123.79 74.42
C SER A 19 -45.88 -122.78 73.54
N HIS A 20 -44.56 -122.59 73.72
CA HIS A 20 -43.80 -121.68 72.88
C HIS A 20 -43.52 -122.23 71.48
N LEU A 21 -43.19 -123.54 71.33
CA LEU A 21 -42.85 -124.17 70.04
C LEU A 21 -43.84 -123.89 68.93
N ARG A 22 -45.15 -124.16 69.12
CA ARG A 22 -46.20 -123.90 68.14
C ARG A 22 -46.39 -122.42 67.71
N LYS A 23 -45.61 -121.47 68.26
CA LYS A 23 -45.62 -120.07 67.89
C LYS A 23 -44.42 -119.71 67.01
N ALA A 24 -43.36 -120.52 66.94
CA ALA A 24 -42.26 -120.34 65.99
C ALA A 24 -42.19 -121.43 64.92
N GLY A 25 -42.54 -122.69 65.27
CA GLY A 25 -42.55 -123.83 64.35
C GLY A 25 -43.60 -124.85 64.71
N THR A 26 -44.31 -125.44 63.72
CA THR A 26 -45.48 -126.27 64.00
C THR A 26 -45.19 -127.67 64.50
N GLN A 27 -43.93 -128.15 64.45
CA GLN A 27 -43.49 -129.34 65.16
C GLN A 27 -43.59 -129.20 66.69
N ILE A 28 -43.84 -130.34 67.40
CA ILE A 28 -43.96 -130.40 68.84
C ILE A 28 -43.06 -131.49 69.41
N GLU A 29 -42.43 -131.26 70.58
CA GLU A 29 -41.61 -132.26 71.25
C GLU A 29 -41.93 -132.43 72.74
N ASN A 30 -40.90 -132.75 73.55
CA ASN A 30 -41.05 -133.34 74.87
C ASN A 30 -39.88 -132.99 75.83
N ILE A 31 -40.01 -133.31 77.16
CA ILE A 31 -38.98 -133.23 78.20
C ILE A 31 -39.05 -134.41 79.21
N GLU A 32 -38.00 -135.27 79.23
CA GLU A 32 -37.49 -135.98 80.41
C GLU A 32 -35.96 -135.98 80.42
N GLU A 33 -35.26 -136.27 79.31
CA GLU A 33 -33.80 -136.13 79.28
C GLU A 33 -33.43 -134.70 78.91
N ASP A 34 -34.31 -134.04 78.13
CA ASP A 34 -34.00 -133.48 76.83
C ASP A 34 -33.60 -132.02 76.85
N PHE A 35 -32.84 -131.68 77.89
CA PHE A 35 -32.28 -130.36 78.12
C PHE A 35 -30.80 -130.45 78.32
N ARG A 36 -30.33 -131.52 78.99
CA ARG A 36 -28.96 -131.72 79.42
C ARG A 36 -27.97 -131.61 78.27
N ASP A 37 -28.41 -132.15 77.12
CA ASP A 37 -27.74 -132.17 75.84
C ASP A 37 -27.56 -130.77 75.20
N GLY A 38 -28.60 -129.92 75.28
CA GLY A 38 -28.52 -128.48 75.07
C GLY A 38 -29.02 -127.92 73.77
N LEU A 39 -29.39 -128.75 72.78
CA LEU A 39 -29.79 -128.28 71.44
C LEU A 39 -31.15 -127.60 71.46
N LYS A 40 -32.09 -128.18 72.25
CA LYS A 40 -33.45 -127.73 72.49
C LYS A 40 -33.42 -126.44 73.29
N LEU A 41 -32.41 -126.35 74.18
CA LEU A 41 -32.11 -125.15 74.93
C LEU A 41 -31.63 -124.03 74.01
N MET A 42 -30.72 -124.33 73.04
CA MET A 42 -30.35 -123.42 71.96
C MET A 42 -31.52 -122.98 71.07
N LEU A 43 -32.46 -123.88 70.70
CA LEU A 43 -33.57 -123.51 69.82
C LEU A 43 -34.62 -122.64 70.52
N LEU A 44 -34.96 -122.96 71.78
CA LEU A 44 -35.85 -122.17 72.62
C LEU A 44 -35.26 -120.79 72.90
N LEU A 45 -33.92 -120.70 72.93
CA LEU A 45 -33.19 -119.46 72.96
C LEU A 45 -33.31 -118.62 71.69
N GLU A 46 -33.50 -119.23 70.50
CA GLU A 46 -33.74 -118.51 69.25
C GLU A 46 -35.11 -117.87 69.18
N VAL A 47 -36.15 -118.55 69.68
CA VAL A 47 -37.53 -118.07 69.59
C VAL A 47 -37.80 -116.94 70.58
N ILE A 48 -37.05 -116.91 71.70
CA ILE A 48 -36.83 -115.75 72.56
C ILE A 48 -35.59 -114.97 72.12
N SER A 49 -35.52 -114.73 70.80
CA SER A 49 -34.84 -113.64 70.13
C SER A 49 -35.30 -113.66 68.68
N GLY A 50 -34.36 -113.78 67.73
CA GLY A 50 -34.55 -114.35 66.40
C GLY A 50 -33.38 -115.26 66.14
N GLU A 51 -32.18 -114.68 66.38
CA GLU A 51 -30.83 -115.09 66.07
C GLU A 51 -30.56 -116.58 65.88
N ARG A 52 -29.84 -116.94 64.80
CA ARG A 52 -29.48 -118.28 64.39
C ARG A 52 -28.46 -118.96 65.31
N LEU A 53 -28.91 -119.80 66.25
CA LEU A 53 -28.07 -120.40 67.28
C LEU A 53 -27.45 -121.72 66.83
N ALA A 54 -26.51 -121.53 65.89
CA ALA A 54 -25.64 -122.55 65.39
C ALA A 54 -24.43 -122.60 66.29
N LYS A 55 -24.22 -123.75 66.95
CA LYS A 55 -22.95 -124.09 67.52
C LYS A 55 -22.35 -125.08 66.53
N PRO A 56 -21.06 -125.14 66.22
CA PRO A 56 -20.56 -126.12 65.25
C PRO A 56 -20.48 -127.54 65.79
N GLU A 57 -21.63 -128.18 66.14
CA GLU A 57 -21.80 -129.59 66.50
C GLU A 57 -23.30 -129.74 66.73
N ARG A 58 -24.01 -130.90 66.69
CA ARG A 58 -23.71 -132.31 66.45
C ARG A 58 -23.25 -133.03 67.71
N GLY A 59 -22.29 -133.97 67.60
CA GLY A 59 -21.81 -134.77 68.71
C GLY A 59 -22.73 -135.84 69.24
N LYS A 60 -22.36 -136.32 70.44
CA LYS A 60 -23.13 -137.19 71.31
C LYS A 60 -22.40 -137.25 72.64
N MET A 61 -21.05 -137.20 72.58
CA MET A 61 -20.18 -137.08 73.73
C MET A 61 -20.31 -135.75 74.45
N ARG A 62 -19.80 -135.73 75.70
CA ARG A 62 -19.98 -134.61 76.64
C ARG A 62 -19.54 -133.28 76.05
N VAL A 63 -18.26 -133.16 75.62
CA VAL A 63 -17.67 -131.99 74.94
C VAL A 63 -18.51 -131.35 73.84
N HIS A 64 -19.09 -132.17 72.96
CA HIS A 64 -19.74 -131.70 71.75
C HIS A 64 -21.20 -131.33 72.01
N LYS A 65 -21.79 -131.84 73.12
CA LYS A 65 -23.13 -131.55 73.59
C LYS A 65 -23.12 -130.38 74.56
N ILE A 66 -22.19 -130.34 75.57
CA ILE A 66 -22.01 -129.24 76.54
C ILE A 66 -21.72 -127.93 75.85
N SER A 67 -21.09 -127.98 74.66
CA SER A 67 -20.98 -126.90 73.71
C SER A 67 -22.23 -126.07 73.47
N ASN A 68 -23.42 -126.71 73.49
CA ASN A 68 -24.71 -126.08 73.36
C ASN A 68 -25.18 -125.45 74.66
N VAL A 69 -25.12 -126.17 75.80
CA VAL A 69 -25.47 -125.61 77.10
C VAL A 69 -24.53 -124.47 77.47
N ASN A 70 -23.22 -124.58 77.17
CA ASN A 70 -22.25 -123.50 77.30
C ASN A 70 -22.54 -122.32 76.42
N LYS A 71 -22.70 -122.44 75.08
CA LYS A 71 -23.05 -121.28 74.25
C LYS A 71 -24.41 -120.70 74.64
N ALA A 72 -25.39 -121.57 74.95
CA ALA A 72 -26.69 -121.18 75.48
C ALA A 72 -26.63 -120.26 76.69
N LEU A 73 -25.67 -120.46 77.63
CA LEU A 73 -25.49 -119.49 78.70
C LEU A 73 -25.30 -118.03 78.28
N ASP A 74 -24.52 -117.65 77.24
CA ASP A 74 -24.44 -116.24 76.85
C ASP A 74 -25.73 -115.64 76.41
N PHE A 75 -26.45 -116.31 75.50
CA PHE A 75 -27.75 -115.82 75.05
C PHE A 75 -28.73 -115.67 76.21
N ILE A 76 -28.67 -116.51 77.25
CA ILE A 76 -29.36 -116.22 78.50
C ILE A 76 -28.76 -115.03 79.28
N ALA A 77 -27.43 -115.01 79.55
CA ALA A 77 -26.71 -113.98 80.28
C ALA A 77 -26.81 -112.58 79.70
N SER A 78 -26.55 -112.41 78.38
CA SER A 78 -26.78 -111.22 77.59
C SER A 78 -28.18 -110.68 77.85
N LYS A 79 -29.25 -111.45 77.51
CA LYS A 79 -30.68 -111.14 77.63
C LYS A 79 -31.23 -110.84 79.03
N GLY A 80 -30.38 -110.39 79.98
CA GLY A 80 -30.76 -109.87 81.29
C GLY A 80 -31.26 -110.90 82.24
N VAL A 81 -30.39 -111.85 82.65
CA VAL A 81 -30.79 -112.94 83.51
C VAL A 81 -29.82 -113.04 84.68
N LYS A 82 -30.32 -113.54 85.82
CA LYS A 82 -29.53 -114.00 86.94
C LYS A 82 -29.08 -115.40 86.61
N LEU A 83 -27.85 -115.57 86.06
CA LEU A 83 -27.25 -116.89 85.90
C LEU A 83 -26.58 -117.28 87.20
N VAL A 84 -25.37 -116.71 87.44
CA VAL A 84 -24.46 -116.87 88.58
C VAL A 84 -25.05 -117.57 89.80
N SER A 85 -24.79 -118.89 89.86
CA SER A 85 -25.43 -119.95 90.64
C SER A 85 -25.61 -121.11 89.69
N ILE A 86 -26.09 -120.87 88.45
CA ILE A 86 -26.28 -121.90 87.45
C ILE A 86 -25.21 -121.81 86.37
N GLY A 87 -24.31 -122.82 86.34
CA GLY A 87 -23.30 -123.00 85.30
C GLY A 87 -23.64 -124.17 84.43
N ALA A 88 -22.63 -124.88 83.93
CA ALA A 88 -22.77 -125.86 82.86
C ALA A 88 -23.00 -127.26 83.39
N GLU A 89 -22.20 -127.70 84.38
CA GLU A 89 -22.32 -128.95 85.13
C GLU A 89 -23.67 -129.20 85.77
N GLU A 90 -24.19 -128.21 86.53
CA GLU A 90 -25.50 -128.21 87.15
C GLU A 90 -26.64 -128.36 86.13
N ILE A 91 -26.46 -127.91 84.87
CA ILE A 91 -27.37 -128.21 83.76
C ILE A 91 -27.11 -129.57 83.12
N VAL A 92 -25.90 -129.87 82.60
CA VAL A 92 -25.68 -131.04 81.74
C VAL A 92 -25.71 -132.39 82.43
N ASP A 93 -24.81 -132.60 83.40
CA ASP A 93 -24.65 -133.85 84.12
C ASP A 93 -25.73 -133.95 85.20
N GLY A 94 -26.23 -132.79 85.62
CA GLY A 94 -27.65 -132.53 85.44
C GLY A 94 -28.43 -132.61 86.68
N ASN A 95 -28.48 -131.46 87.37
CA ASN A 95 -29.25 -131.25 88.56
C ASN A 95 -30.63 -130.83 88.12
N VAL A 96 -31.60 -131.68 88.49
CA VAL A 96 -33.00 -131.56 88.18
C VAL A 96 -33.64 -130.36 88.87
N LYS A 97 -33.00 -129.75 89.89
CA LYS A 97 -33.43 -128.48 90.45
C LYS A 97 -32.89 -127.29 89.66
N MET A 98 -31.71 -127.45 89.06
CA MET A 98 -31.04 -126.34 88.39
C MET A 98 -31.52 -126.19 86.96
N THR A 99 -31.86 -127.28 86.25
CA THR A 99 -32.62 -127.27 84.99
C THR A 99 -33.88 -126.44 85.12
N LEU A 100 -34.80 -126.86 86.03
CA LEU A 100 -35.97 -126.13 86.47
C LEU A 100 -35.71 -124.67 86.86
N GLY A 101 -34.66 -124.38 87.67
CA GLY A 101 -34.24 -123.02 88.02
C GLY A 101 -33.93 -122.11 86.85
N MET A 102 -33.11 -122.60 85.90
CA MET A 102 -32.76 -122.00 84.62
C MET A 102 -33.97 -121.77 83.72
N ILE A 103 -34.94 -122.70 83.69
CA ILE A 103 -36.13 -122.52 82.87
C ILE A 103 -37.19 -121.62 83.51
N TRP A 104 -37.21 -121.47 84.85
CA TRP A 104 -37.97 -120.43 85.52
C TRP A 104 -37.34 -119.07 85.28
N THR A 105 -35.99 -118.99 85.17
CA THR A 105 -35.34 -117.71 84.80
C THR A 105 -35.66 -117.33 83.36
N ILE A 106 -36.13 -118.27 82.51
CA ILE A 106 -36.64 -118.00 81.18
C ILE A 106 -38.15 -117.74 81.19
N ILE A 107 -38.94 -118.43 82.03
CA ILE A 107 -40.37 -118.19 82.23
C ILE A 107 -40.66 -116.78 82.70
N LEU A 108 -39.91 -116.30 83.70
CA LEU A 108 -40.02 -114.97 84.26
C LEU A 108 -39.44 -113.85 83.37
N ARG A 109 -38.64 -114.18 82.33
CA ARG A 109 -38.08 -113.18 81.42
C ARG A 109 -39.03 -112.68 80.34
N PHE A 110 -39.22 -111.36 80.24
CA PHE A 110 -39.96 -110.70 79.18
C PHE A 110 -39.10 -110.08 78.07
N ALA A 111 -38.70 -108.79 78.24
CA ALA A 111 -38.15 -107.86 77.24
C ALA A 111 -39.23 -107.10 76.46
N ILE A 112 -40.49 -107.58 76.51
CA ILE A 112 -41.63 -106.67 76.48
C ILE A 112 -41.60 -105.84 77.74
N GLN A 113 -41.48 -104.52 77.55
CA GLN A 113 -41.60 -103.55 78.59
C GLN A 113 -42.08 -102.27 77.96
N ASP A 114 -42.40 -101.29 78.83
CA ASP A 114 -42.78 -99.97 78.47
C ASP A 114 -41.46 -99.14 78.42
N ILE A 115 -40.86 -98.53 79.47
CA ILE A 115 -41.14 -98.42 80.89
C ILE A 115 -42.33 -97.50 81.06
N SER A 116 -43.10 -97.65 82.16
CA SER A 116 -44.47 -97.19 82.19
C SER A 116 -44.53 -95.67 82.47
N VAL A 117 -44.33 -95.07 83.67
CA VAL A 117 -44.98 -95.37 84.95
C VAL A 117 -44.40 -96.71 85.53
N GLU A 118 -44.84 -97.43 86.58
CA GLU A 118 -45.64 -97.11 87.75
C GLU A 118 -44.66 -96.73 88.87
N GLU A 119 -44.95 -95.78 89.78
CA GLU A 119 -46.10 -94.94 89.99
C GLU A 119 -46.41 -93.94 88.86
N THR A 120 -47.63 -93.38 88.72
CA THR A 120 -48.98 -93.63 89.31
C THR A 120 -49.09 -93.97 90.80
N SER A 121 -48.95 -93.06 91.79
CA SER A 121 -49.05 -91.60 91.94
C SER A 121 -49.16 -90.72 90.72
N ALA A 122 -50.31 -90.05 90.62
CA ALA A 122 -50.74 -89.37 89.44
C ALA A 122 -51.86 -88.44 89.82
N LYS A 123 -52.77 -88.93 90.69
CA LYS A 123 -53.79 -88.24 91.47
C LYS A 123 -55.16 -88.92 91.40
N GLU A 124 -55.39 -90.20 91.81
CA GLU A 124 -54.64 -91.47 91.86
C GLU A 124 -53.75 -91.91 90.69
N GLY A 125 -54.23 -92.02 89.42
CA GLY A 125 -55.51 -91.62 88.85
C GLY A 125 -55.35 -90.68 87.68
N LEU A 126 -55.01 -89.40 87.93
CA LEU A 126 -54.89 -88.41 86.88
C LEU A 126 -53.49 -88.32 86.27
N LEU A 127 -52.69 -87.29 86.62
CA LEU A 127 -51.60 -86.73 85.82
C LEU A 127 -50.59 -87.71 85.22
N LEU A 128 -49.82 -88.48 86.02
CA LEU A 128 -48.95 -89.51 85.48
C LEU A 128 -49.67 -90.59 84.66
N TRP A 129 -50.85 -91.11 85.12
CA TRP A 129 -51.64 -92.09 84.36
C TRP A 129 -51.93 -91.69 82.92
N TYR A 130 -52.18 -90.39 82.61
CA TYR A 130 -52.40 -89.92 81.24
C TYR A 130 -51.13 -90.00 80.42
N GLN A 131 -50.00 -89.50 80.94
CA GLN A 131 -48.65 -89.52 80.36
C GLN A 131 -48.22 -90.87 79.77
N ARG A 132 -48.34 -91.95 80.59
CA ARG A 132 -48.03 -93.33 80.25
C ARG A 132 -48.46 -93.78 78.85
N LYS A 133 -49.73 -93.50 78.49
CA LYS A 133 -50.35 -93.92 77.25
C LYS A 133 -49.70 -93.27 76.06
N THR A 134 -49.45 -91.95 76.12
CA THR A 134 -48.95 -91.21 74.98
C THR A 134 -47.48 -91.40 74.74
N ALA A 135 -46.69 -91.81 75.75
CA ALA A 135 -45.24 -91.99 75.70
C ALA A 135 -44.69 -92.99 74.67
N PRO A 136 -45.37 -94.07 74.25
CA PRO A 136 -44.95 -94.81 73.05
C PRO A 136 -45.10 -94.07 71.72
N TYR A 137 -45.66 -92.86 71.69
CA TYR A 137 -45.63 -91.98 70.53
C TYR A 137 -44.87 -90.72 70.93
N LYS A 138 -43.52 -90.75 70.83
CA LYS A 138 -42.56 -89.72 71.19
C LYS A 138 -42.52 -88.54 70.24
N ASN A 139 -43.66 -87.85 70.18
CA ASN A 139 -43.93 -86.53 69.67
C ASN A 139 -44.76 -85.78 70.70
N VAL A 140 -45.18 -86.40 71.82
CA VAL A 140 -46.11 -85.81 72.77
C VAL A 140 -45.58 -85.94 74.20
N ASN A 141 -45.24 -84.82 74.85
CA ASN A 141 -44.85 -84.75 76.25
C ASN A 141 -46.00 -84.16 77.08
N ILE A 142 -46.78 -84.97 77.83
CA ILE A 142 -47.76 -84.43 78.78
C ILE A 142 -47.06 -84.16 80.11
N GLN A 143 -46.64 -82.91 80.36
CA GLN A 143 -45.97 -82.55 81.61
C GLN A 143 -46.96 -82.04 82.67
N ASN A 144 -47.90 -81.18 82.23
CA ASN A 144 -48.78 -80.40 83.08
C ASN A 144 -50.25 -80.50 82.66
N PHE A 145 -51.09 -79.47 82.96
CA PHE A 145 -52.45 -79.34 82.44
C PHE A 145 -52.64 -77.97 81.79
N HIS A 146 -51.67 -77.42 81.05
CA HIS A 146 -51.84 -76.08 80.50
C HIS A 146 -51.03 -75.92 79.24
N ILE A 147 -49.80 -75.40 79.30
CA ILE A 147 -49.01 -75.24 78.10
C ILE A 147 -48.59 -76.53 77.43
N SER A 148 -48.36 -77.66 78.12
CA SER A 148 -47.88 -78.86 77.42
C SER A 148 -49.03 -79.68 76.83
N TRP A 149 -50.13 -79.01 76.40
CA TRP A 149 -51.20 -79.52 75.56
C TRP A 149 -51.36 -78.65 74.33
N LYS A 150 -50.45 -77.68 74.15
CA LYS A 150 -50.58 -76.63 73.17
C LYS A 150 -50.22 -77.14 71.79
N ASP A 151 -49.41 -78.19 71.73
CA ASP A 151 -49.19 -78.98 70.53
C ASP A 151 -50.48 -79.54 69.93
N GLY A 152 -51.48 -79.93 70.75
CA GLY A 152 -52.81 -80.33 70.27
C GLY A 152 -52.87 -81.75 69.78
N LEU A 153 -51.75 -82.19 69.15
CA LEU A 153 -51.40 -83.55 68.78
C LEU A 153 -51.70 -84.56 69.89
N GLY A 154 -51.30 -84.20 71.14
CA GLY A 154 -51.55 -84.98 72.37
C GLY A 154 -52.91 -85.57 72.63
N PHE A 155 -53.99 -84.81 72.36
CA PHE A 155 -55.38 -85.24 72.50
C PHE A 155 -55.69 -86.38 71.56
N CYS A 156 -55.60 -86.15 70.23
CA CYS A 156 -55.75 -87.14 69.16
C CYS A 156 -54.97 -88.44 69.37
N ALA A 157 -53.74 -88.33 69.88
CA ALA A 157 -52.83 -89.37 70.24
C ALA A 157 -53.31 -90.15 71.47
N LEU A 158 -53.68 -89.42 72.55
CA LEU A 158 -54.30 -89.95 73.78
C LEU A 158 -55.59 -90.73 73.54
N ILE A 159 -56.41 -90.30 72.55
CA ILE A 159 -57.52 -91.07 72.01
C ILE A 159 -57.03 -92.37 71.37
N HIS A 160 -56.03 -92.33 70.45
CA HIS A 160 -55.52 -93.49 69.70
C HIS A 160 -54.97 -94.63 70.56
N ARG A 161 -54.53 -94.35 71.80
CA ARG A 161 -54.04 -95.34 72.74
C ARG A 161 -55.17 -96.04 73.47
N HIS A 162 -56.37 -95.46 73.48
CA HIS A 162 -57.58 -96.19 73.84
C HIS A 162 -58.25 -96.79 72.63
N ARG A 163 -58.43 -96.01 71.55
CA ARG A 163 -59.13 -96.40 70.32
C ARG A 163 -58.21 -96.25 69.09
N PRO A 164 -57.48 -97.28 68.66
CA PRO A 164 -56.54 -97.18 67.55
C PRO A 164 -57.21 -97.28 66.19
N GLU A 165 -58.52 -97.56 66.10
CA GLU A 165 -59.16 -97.94 64.85
C GLU A 165 -59.65 -96.80 63.95
N LEU A 166 -60.38 -95.81 64.51
CA LEU A 166 -61.23 -94.84 63.84
C LEU A 166 -60.51 -93.94 62.86
N ILE A 167 -59.65 -93.09 63.43
CA ILE A 167 -58.75 -92.24 62.73
C ILE A 167 -57.36 -92.82 62.97
N ASP A 168 -56.41 -92.51 62.08
CA ASP A 168 -55.03 -92.93 62.22
C ASP A 168 -54.32 -91.95 63.15
N TYR A 169 -53.23 -92.38 63.80
CA TYR A 169 -52.36 -91.47 64.52
C TYR A 169 -51.51 -90.70 63.54
N GLY A 170 -50.92 -91.43 62.54
CA GLY A 170 -49.88 -90.99 61.62
C GLY A 170 -50.17 -89.76 60.83
N LYS A 171 -51.35 -89.67 60.18
CA LYS A 171 -51.76 -88.51 59.41
C LYS A 171 -51.96 -87.25 60.25
N LEU A 172 -52.30 -87.42 61.54
CA LEU A 172 -52.61 -86.32 62.44
C LEU A 172 -51.36 -85.75 63.09
N ARG A 173 -50.20 -86.32 62.70
CA ARG A 173 -48.86 -85.95 63.12
C ARG A 173 -48.11 -85.34 61.93
N LYS A 174 -48.85 -84.91 60.89
CA LYS A 174 -48.30 -84.05 59.83
C LYS A 174 -49.32 -82.95 59.60
N ASP A 175 -49.84 -82.38 60.71
CA ASP A 175 -50.79 -81.30 60.66
C ASP A 175 -50.21 -80.11 61.43
N ASP A 176 -49.78 -79.10 60.67
CA ASP A 176 -49.34 -77.80 61.13
C ASP A 176 -50.41 -76.88 61.72
N PRO A 177 -51.71 -76.81 61.40
CA PRO A 177 -52.58 -75.81 62.04
C PRO A 177 -52.98 -76.19 63.45
N LEU A 178 -52.05 -75.98 64.41
CA LEU A 178 -52.19 -76.14 65.84
C LEU A 178 -53.45 -75.52 66.37
N THR A 179 -53.74 -74.24 66.09
CA THR A 179 -54.83 -73.56 66.77
C THR A 179 -56.23 -73.85 66.26
N ASN A 180 -56.40 -74.75 65.26
CA ASN A 180 -57.71 -75.12 64.75
C ASN A 180 -57.82 -76.65 64.63
N LEU A 181 -57.25 -77.37 65.62
CA LEU A 181 -57.16 -78.83 65.61
C LEU A 181 -58.41 -79.53 66.15
N ASN A 182 -59.59 -78.87 66.16
CA ASN A 182 -60.81 -79.31 66.87
C ASN A 182 -61.34 -80.74 66.64
N THR A 183 -60.92 -81.44 65.55
CA THR A 183 -61.21 -82.87 65.31
C THR A 183 -60.98 -83.77 66.51
N ALA A 184 -59.85 -83.56 67.25
CA ALA A 184 -59.57 -83.99 68.60
C ALA A 184 -60.76 -84.02 69.56
N PHE A 185 -61.33 -82.84 69.85
CA PHE A 185 -62.39 -82.65 70.84
C PHE A 185 -63.75 -83.08 70.36
N ASP A 186 -63.91 -83.11 69.03
CA ASP A 186 -65.14 -83.45 68.35
C ASP A 186 -65.33 -84.96 68.29
N VAL A 187 -64.27 -85.73 67.94
CA VAL A 187 -64.38 -87.17 67.91
C VAL A 187 -64.62 -87.76 69.28
N ALA A 188 -63.92 -87.26 70.32
CA ALA A 188 -64.24 -87.45 71.74
C ALA A 188 -65.74 -87.43 72.09
N GLU A 189 -66.48 -86.46 71.57
CA GLU A 189 -67.93 -86.40 71.67
C GLU A 189 -68.67 -87.57 70.98
N LYS A 190 -68.71 -87.63 69.63
CA LYS A 190 -69.43 -88.61 68.82
C LYS A 190 -68.97 -90.05 69.00
N TYR A 191 -67.69 -90.26 69.34
CA TYR A 191 -67.09 -91.58 69.36
C TYR A 191 -66.83 -92.06 70.78
N LEU A 192 -66.78 -91.17 71.80
CA LEU A 192 -66.48 -91.61 73.15
C LEU A 192 -67.50 -91.16 74.20
N ASP A 193 -68.60 -90.46 73.84
CA ASP A 193 -69.54 -89.86 74.80
C ASP A 193 -68.86 -88.87 75.77
N ILE A 194 -68.28 -87.77 75.25
CA ILE A 194 -67.57 -86.77 76.08
C ILE A 194 -68.30 -85.43 76.03
N PRO A 195 -68.61 -84.74 77.14
CA PRO A 195 -69.02 -83.35 77.13
C PRO A 195 -67.89 -82.34 76.88
N LYS A 196 -68.02 -81.48 75.84
CA LYS A 196 -67.10 -80.36 75.68
C LYS A 196 -67.34 -79.26 76.70
N MET A 197 -66.39 -79.08 77.63
CA MET A 197 -66.43 -78.03 78.62
C MET A 197 -65.49 -76.87 78.27
N LEU A 198 -64.91 -76.96 77.06
CA LEU A 198 -63.77 -76.20 76.57
C LEU A 198 -63.91 -76.24 75.05
N ASP A 199 -63.22 -75.34 74.31
CA ASP A 199 -63.12 -75.36 72.85
C ASP A 199 -61.64 -75.40 72.45
N ALA A 200 -61.23 -74.76 71.32
CA ALA A 200 -59.83 -74.70 70.91
C ALA A 200 -59.15 -73.51 71.54
N GLU A 201 -59.87 -72.38 71.61
CA GLU A 201 -59.49 -71.07 72.10
C GLU A 201 -58.59 -71.07 73.35
N ASP A 202 -58.89 -72.00 74.28
CA ASP A 202 -58.14 -72.41 75.45
C ASP A 202 -57.11 -73.55 75.21
N ILE A 203 -57.56 -74.80 75.05
CA ILE A 203 -56.87 -76.07 75.11
C ILE A 203 -55.63 -76.17 74.20
N VAL A 204 -55.77 -75.75 72.92
CA VAL A 204 -54.71 -75.70 71.93
C VAL A 204 -54.27 -74.27 71.74
N GLY A 205 -55.25 -73.36 71.62
CA GLY A 205 -55.16 -71.99 71.14
C GLY A 205 -54.25 -71.06 71.88
N THR A 206 -54.33 -71.03 73.23
CA THR A 206 -53.83 -69.89 74.00
C THR A 206 -52.37 -69.99 74.46
N ALA A 207 -51.93 -68.98 75.24
CA ALA A 207 -50.59 -68.80 75.74
C ALA A 207 -50.43 -69.23 77.20
N ARG A 208 -51.47 -69.02 78.03
CA ARG A 208 -51.48 -69.52 79.39
C ARG A 208 -52.86 -70.13 79.65
N PRO A 209 -53.09 -71.43 79.46
CA PRO A 209 -54.41 -72.02 79.69
C PRO A 209 -54.74 -72.16 81.18
N ASP A 210 -55.96 -72.60 81.56
CA ASP A 210 -56.30 -72.91 82.95
C ASP A 210 -56.08 -74.39 83.29
N GLU A 211 -55.39 -74.63 84.40
CA GLU A 211 -55.02 -75.92 84.96
C GLU A 211 -56.21 -76.76 85.44
N LYS A 212 -57.28 -76.09 85.93
CA LYS A 212 -58.37 -76.73 86.65
C LYS A 212 -59.46 -77.23 85.72
N ALA A 213 -59.78 -76.40 84.70
CA ALA A 213 -60.71 -76.69 83.64
C ALA A 213 -60.16 -77.73 82.68
N ILE A 214 -58.85 -77.61 82.34
CA ILE A 214 -58.14 -78.58 81.53
C ILE A 214 -57.98 -79.88 82.30
N MET A 215 -57.70 -79.85 83.61
CA MET A 215 -57.83 -81.01 84.47
C MET A 215 -59.23 -81.67 84.50
N THR A 216 -60.35 -80.92 84.56
CA THR A 216 -61.71 -81.49 84.48
C THR A 216 -62.03 -82.15 83.15
N TYR A 217 -61.48 -81.63 82.04
CA TYR A 217 -61.68 -82.16 80.70
C TYR A 217 -61.02 -83.52 80.55
N VAL A 218 -59.69 -83.61 80.81
CA VAL A 218 -58.97 -84.87 80.83
C VAL A 218 -59.55 -85.89 81.81
N SER A 219 -60.07 -85.46 82.98
CA SER A 219 -60.70 -86.33 83.98
C SER A 219 -62.08 -86.81 83.61
N SER A 220 -62.81 -86.14 82.70
CA SER A 220 -64.00 -86.75 82.07
C SER A 220 -63.57 -87.83 81.09
N PHE A 221 -62.52 -87.57 80.29
CA PHE A 221 -61.79 -88.48 79.40
C PHE A 221 -61.15 -89.72 80.07
N TYR A 222 -61.36 -89.95 81.38
CA TYR A 222 -60.75 -91.01 82.15
C TYR A 222 -61.39 -92.39 81.92
N HIS A 223 -62.66 -92.56 82.36
CA HIS A 223 -63.44 -93.77 82.26
C HIS A 223 -63.97 -93.98 80.85
N ALA A 224 -64.35 -92.90 80.14
CA ALA A 224 -64.79 -92.87 78.76
C ALA A 224 -63.71 -93.28 77.76
N PHE A 225 -63.42 -94.60 77.73
CA PHE A 225 -62.44 -95.26 76.93
C PHE A 225 -61.04 -95.02 77.52
N SER A 226 -60.52 -95.78 78.52
CA SER A 226 -60.81 -97.07 79.16
C SER A 226 -61.90 -97.97 78.60
N GLY A 227 -61.75 -98.58 77.40
CA GLY A 227 -60.63 -98.39 76.49
C GLY A 227 -60.25 -99.70 75.93
N ALA A 228 -61.22 -100.28 75.20
CA ALA A 228 -61.14 -101.50 74.44
C ALA A 228 -61.33 -101.08 72.99
N GLN A 229 -60.88 -101.84 71.96
CA GLN A 229 -60.32 -103.18 72.04
C GLN A 229 -58.82 -103.13 72.31
N LYS A 230 -58.37 -103.81 73.40
CA LYS A 230 -57.01 -103.63 73.87
C LYS A 230 -56.44 -104.82 74.66
N ALA A 231 -56.80 -106.06 74.27
CA ALA A 231 -56.03 -107.22 74.64
C ALA A 231 -54.92 -107.36 73.59
N GLU A 232 -55.29 -107.76 72.36
CA GLU A 232 -54.79 -107.12 71.15
C GLU A 232 -55.09 -105.61 71.26
N THR A 233 -54.16 -104.66 71.46
CA THR A 233 -52.89 -104.46 70.78
C THR A 233 -51.74 -105.43 70.92
N ALA A 234 -51.60 -106.22 72.02
CA ALA A 234 -50.44 -107.07 72.21
C ALA A 234 -50.74 -108.53 71.86
N ALA A 235 -49.95 -109.31 71.10
CA ALA A 235 -48.56 -109.30 70.67
C ALA A 235 -47.64 -110.06 71.64
N ASN A 236 -47.96 -111.34 71.91
CA ASN A 236 -47.34 -112.30 72.82
C ASN A 236 -45.81 -112.35 72.84
N ARG A 237 -45.25 -111.86 73.96
CA ARG A 237 -43.91 -111.97 74.49
C ARG A 237 -42.79 -112.28 73.51
N ILE A 238 -42.51 -111.29 72.64
CA ILE A 238 -41.32 -111.26 71.84
C ILE A 238 -40.19 -110.86 72.75
N CYS A 239 -39.02 -111.51 72.60
CA CYS A 239 -37.79 -111.01 73.15
C CYS A 239 -36.99 -110.68 71.89
N LYS A 240 -35.99 -109.81 71.98
CA LYS A 240 -34.91 -109.83 70.99
C LYS A 240 -33.66 -110.14 71.80
N VAL A 241 -32.78 -109.14 72.03
CA VAL A 241 -31.64 -109.35 72.90
C VAL A 241 -31.52 -108.18 73.87
N LEU A 242 -31.02 -108.38 75.10
CA LEU A 242 -30.42 -107.33 75.92
C LEU A 242 -28.95 -107.50 75.54
N ALA A 243 -28.38 -106.49 74.87
CA ALA A 243 -27.24 -106.60 73.96
C ALA A 243 -27.49 -105.63 72.81
N VAL A 244 -28.75 -105.63 72.28
CA VAL A 244 -29.36 -104.69 71.32
C VAL A 244 -29.21 -103.23 71.75
N ASN A 245 -28.79 -103.04 72.99
CA ASN A 245 -28.71 -101.79 73.70
C ASN A 245 -27.53 -100.93 73.24
N GLN A 246 -26.37 -101.53 72.89
CA GLN A 246 -25.17 -100.76 72.58
C GLN A 246 -25.33 -100.05 71.27
N GLU A 247 -26.03 -100.67 70.31
CA GLU A 247 -26.57 -99.96 69.19
C GLU A 247 -27.63 -98.96 69.60
N ASN A 248 -28.75 -99.42 70.21
CA ASN A 248 -30.03 -98.76 70.13
C ASN A 248 -30.22 -97.52 70.99
N GLU A 249 -29.61 -97.45 72.18
CA GLU A 249 -29.66 -96.30 73.06
C GLU A 249 -28.45 -95.39 72.80
N GLN A 250 -27.60 -95.81 71.85
CA GLN A 250 -26.72 -94.91 71.14
C GLN A 250 -27.40 -94.23 69.94
N LEU A 251 -28.34 -94.86 69.20
CA LEU A 251 -29.19 -94.13 68.26
C LEU A 251 -29.86 -92.92 68.97
N MET A 252 -30.43 -93.17 70.16
CA MET A 252 -30.81 -92.18 71.14
C MET A 252 -29.75 -91.12 71.58
N GLU A 253 -28.42 -91.42 71.60
CA GLU A 253 -27.36 -90.46 71.96
C GLU A 253 -26.86 -89.68 70.75
N ASP A 254 -26.72 -90.34 69.58
CA ASP A 254 -26.28 -89.82 68.30
C ASP A 254 -27.07 -88.60 67.86
N TYR A 255 -28.41 -88.69 67.85
CA TYR A 255 -29.32 -87.57 67.70
C TYR A 255 -28.99 -86.43 68.67
N GLU A 256 -28.77 -86.74 69.96
CA GLU A 256 -28.38 -85.76 70.97
C GLU A 256 -27.07 -85.01 70.69
N LYS A 257 -25.92 -85.68 70.61
CA LYS A 257 -24.63 -85.18 70.15
C LYS A 257 -24.69 -84.41 68.83
N LEU A 258 -25.19 -85.04 67.75
CA LEU A 258 -25.23 -84.48 66.40
C LEU A 258 -26.03 -83.20 66.34
N ALA A 259 -27.28 -83.22 66.89
CA ALA A 259 -28.13 -82.05 67.00
C ALA A 259 -27.50 -80.92 67.81
N SER A 260 -26.64 -81.27 68.79
CA SER A 260 -25.93 -80.28 69.58
C SER A 260 -25.01 -79.41 68.75
N ASP A 261 -24.27 -79.95 67.76
CA ASP A 261 -23.42 -79.18 66.87
C ASP A 261 -24.18 -78.38 65.84
N LEU A 262 -25.24 -78.98 65.25
CA LEU A 262 -26.04 -78.29 64.26
C LEU A 262 -26.75 -77.07 64.84
N LEU A 263 -27.27 -77.21 66.08
CA LEU A 263 -27.85 -76.13 66.84
C LEU A 263 -26.83 -75.20 67.47
N GLU A 264 -25.59 -75.67 67.78
CA GLU A 264 -24.47 -74.82 68.15
C GLU A 264 -24.16 -73.90 66.98
N TRP A 265 -23.88 -74.44 65.79
CA TRP A 265 -23.52 -73.69 64.60
C TRP A 265 -24.48 -72.58 64.14
N ILE A 266 -25.81 -72.83 64.02
CA ILE A 266 -26.74 -71.76 63.60
C ILE A 266 -27.09 -70.77 64.71
N ARG A 267 -26.87 -71.07 66.00
CA ARG A 267 -27.06 -70.14 67.09
C ARG A 267 -25.85 -69.20 67.18
N ARG A 268 -24.72 -69.65 66.62
CA ARG A 268 -23.49 -68.92 66.43
C ARG A 268 -23.54 -67.98 65.24
N THR A 269 -23.90 -68.46 64.03
CA THR A 269 -23.82 -67.65 62.79
C THR A 269 -24.87 -66.56 62.64
N ILE A 270 -26.13 -66.78 63.09
CA ILE A 270 -27.21 -65.79 62.97
C ILE A 270 -26.90 -64.35 63.42
N PRO A 271 -26.19 -63.95 64.46
CA PRO A 271 -25.87 -62.53 64.69
C PRO A 271 -24.80 -61.96 63.74
N TRP A 272 -24.33 -62.73 62.74
CA TRP A 272 -23.54 -62.25 61.62
C TRP A 272 -24.43 -62.21 60.37
N LEU A 273 -25.65 -62.81 60.41
CA LEU A 273 -26.72 -62.47 59.49
C LEU A 273 -27.50 -61.32 60.12
N GLU A 274 -28.61 -60.84 59.50
CA GLU A 274 -29.33 -59.63 59.88
C GLU A 274 -28.56 -58.33 59.71
N ASN A 275 -27.31 -58.26 60.21
CA ASN A 275 -26.33 -57.18 60.22
C ASN A 275 -26.63 -55.93 59.38
N ARG A 276 -26.43 -55.96 58.03
CA ARG A 276 -26.69 -54.85 57.11
C ARG A 276 -25.89 -53.59 57.40
N ALA A 277 -24.63 -53.59 56.92
CA ALA A 277 -23.63 -52.64 57.38
C ALA A 277 -22.65 -52.34 56.24
N PRO A 278 -22.70 -51.15 55.63
CA PRO A 278 -21.72 -50.81 54.61
C PRO A 278 -20.35 -50.48 55.17
N GLU A 279 -19.33 -50.61 54.31
CA GLU A 279 -17.95 -50.26 54.61
C GLU A 279 -17.59 -49.02 53.81
N ASN A 280 -16.34 -48.56 53.91
CA ASN A 280 -15.85 -47.29 53.45
C ASN A 280 -15.53 -47.35 51.96
N THR A 281 -15.28 -48.58 51.42
CA THR A 281 -14.93 -48.77 50.00
C THR A 281 -15.82 -49.76 49.26
N MET A 282 -15.84 -49.65 47.90
CA MET A 282 -16.40 -50.63 47.00
C MET A 282 -15.61 -51.96 46.97
N GLN A 283 -14.31 -51.96 47.36
CA GLN A 283 -13.54 -53.18 47.47
C GLN A 283 -13.94 -54.04 48.67
N ALA A 284 -14.18 -53.40 49.83
CA ALA A 284 -14.64 -54.05 51.04
C ALA A 284 -16.08 -54.55 50.95
N MET A 285 -16.95 -53.82 50.23
CA MET A 285 -18.33 -54.20 49.98
C MET A 285 -18.45 -55.50 49.16
N GLN A 286 -17.58 -55.64 48.14
CA GLN A 286 -17.39 -56.85 47.36
C GLN A 286 -16.66 -57.98 48.08
N GLN A 287 -15.74 -57.69 49.04
CA GLN A 287 -15.24 -58.65 50.02
C GLN A 287 -16.36 -59.17 50.90
N LYS A 288 -17.26 -58.28 51.35
CA LYS A 288 -18.41 -58.62 52.16
C LYS A 288 -19.37 -59.53 51.37
N LEU A 289 -19.48 -59.29 50.03
CA LEU A 289 -20.00 -60.26 49.06
C LEU A 289 -19.21 -61.58 49.02
N GLU A 290 -17.88 -61.57 48.81
CA GLU A 290 -17.07 -62.79 48.74
C GLU A 290 -17.12 -63.66 50.01
N ASP A 291 -16.99 -63.05 51.18
CA ASP A 291 -17.16 -63.61 52.51
C ASP A 291 -18.57 -64.19 52.75
N PHE A 292 -19.56 -63.65 51.99
CA PHE A 292 -20.92 -64.16 51.96
C PHE A 292 -21.06 -65.34 50.98
N ARG A 293 -20.16 -65.48 49.99
CA ARG A 293 -20.22 -66.51 48.97
C ARG A 293 -19.54 -67.77 49.41
N ASP A 294 -18.47 -67.77 50.21
CA ASP A 294 -18.01 -69.02 50.80
C ASP A 294 -18.88 -69.46 51.94
N TYR A 295 -19.54 -68.49 52.62
CA TYR A 295 -20.64 -68.76 53.50
C TYR A 295 -21.79 -69.45 52.76
N ARG A 296 -22.29 -68.89 51.66
CA ARG A 296 -23.42 -69.44 50.93
C ARG A 296 -23.11 -70.65 50.05
N ARG A 297 -22.00 -70.65 49.29
CA ARG A 297 -21.66 -71.60 48.23
C ARG A 297 -21.19 -72.96 48.73
N LEU A 298 -20.42 -73.07 49.83
CA LEU A 298 -20.00 -74.38 50.30
C LEU A 298 -19.92 -74.57 51.82
N HIS A 299 -20.03 -73.51 52.64
CA HIS A 299 -20.28 -73.68 54.07
C HIS A 299 -21.75 -74.13 54.27
N LYS A 300 -22.73 -73.39 53.72
CA LYS A 300 -24.17 -73.62 53.90
C LYS A 300 -24.80 -74.89 53.31
N PRO A 301 -24.74 -75.27 52.02
CA PRO A 301 -25.59 -76.31 51.42
C PRO A 301 -25.62 -77.68 52.10
N PRO A 302 -24.56 -78.29 52.66
CA PRO A 302 -24.75 -79.56 53.35
C PRO A 302 -25.56 -79.42 54.62
N LYS A 303 -25.84 -78.20 55.12
CA LYS A 303 -26.70 -77.98 56.29
C LYS A 303 -28.16 -77.86 55.87
N VAL A 304 -28.42 -77.40 54.64
CA VAL A 304 -29.70 -77.41 53.95
C VAL A 304 -30.20 -78.84 53.76
N GLN A 305 -29.25 -79.77 53.51
CA GLN A 305 -29.52 -81.19 53.54
C GLN A 305 -29.40 -81.86 54.93
N GLU A 306 -28.35 -81.61 55.76
CA GLU A 306 -28.10 -82.27 57.06
C GLU A 306 -29.27 -82.15 58.02
N LYS A 307 -29.90 -80.96 58.07
CA LYS A 307 -31.05 -80.68 58.91
C LYS A 307 -32.29 -81.53 58.66
N CYS A 308 -32.36 -82.25 57.52
CA CYS A 308 -33.32 -83.29 57.24
C CYS A 308 -32.78 -84.66 57.65
N GLN A 309 -31.48 -84.94 57.53
CA GLN A 309 -30.91 -86.24 57.95
C GLN A 309 -31.04 -86.40 59.46
N LEU A 310 -30.70 -85.33 60.21
CA LEU A 310 -31.20 -85.15 61.55
C LEU A 310 -32.70 -84.73 61.56
N GLU A 311 -33.63 -85.67 61.28
CA GLU A 311 -35.09 -85.50 61.32
C GLU A 311 -35.67 -86.77 60.70
N ILE A 312 -35.02 -87.27 59.64
CA ILE A 312 -35.06 -88.64 59.11
C ILE A 312 -34.52 -89.64 60.12
N ASN A 313 -33.48 -89.29 60.92
CA ASN A 313 -33.09 -90.00 62.13
C ASN A 313 -34.23 -90.01 63.17
N PHE A 314 -35.29 -89.21 62.98
CA PHE A 314 -36.50 -89.19 63.79
C PHE A 314 -37.70 -89.79 63.04
N ASN A 315 -37.44 -90.46 61.89
CA ASN A 315 -38.31 -91.45 61.24
C ASN A 315 -37.87 -92.82 61.74
N THR A 316 -36.75 -93.31 61.16
CA THR A 316 -36.00 -94.52 61.44
C THR A 316 -35.99 -94.93 62.89
N LEU A 317 -35.16 -94.31 63.77
CA LEU A 317 -35.13 -94.62 65.19
C LEU A 317 -36.47 -94.60 65.87
N GLN A 318 -37.37 -93.64 65.58
CA GLN A 318 -38.67 -93.62 66.24
C GLN A 318 -39.55 -94.85 66.06
N THR A 319 -39.32 -95.62 64.99
CA THR A 319 -40.01 -96.85 64.70
C THR A 319 -39.11 -98.04 65.01
N LYS A 320 -37.76 -97.95 64.80
CA LYS A 320 -36.72 -98.86 65.30
C LYS A 320 -36.70 -99.04 66.82
N LEU A 321 -36.54 -97.98 67.65
CA LEU A 321 -37.10 -98.00 68.99
C LEU A 321 -38.61 -97.80 68.97
N ARG A 322 -39.30 -98.91 68.66
CA ARG A 322 -40.71 -99.18 68.83
C ARG A 322 -40.88 -100.64 68.47
N LEU A 323 -40.24 -101.05 67.35
CA LEU A 323 -39.94 -102.46 67.03
C LEU A 323 -38.87 -103.03 67.95
N SER A 324 -39.36 -103.46 69.13
CA SER A 324 -38.60 -103.94 70.27
C SER A 324 -39.59 -104.27 71.37
N ASN A 325 -40.41 -103.25 71.73
CA ASN A 325 -41.20 -103.08 72.93
C ASN A 325 -40.37 -102.40 74.01
N ARG A 326 -40.00 -101.13 73.73
CA ARG A 326 -39.77 -100.13 74.74
C ARG A 326 -39.76 -98.75 74.07
N PRO A 327 -40.51 -97.72 74.46
CA PRO A 327 -40.31 -96.36 73.95
C PRO A 327 -39.00 -95.62 74.24
N ALA A 328 -38.29 -95.19 73.16
CA ALA A 328 -37.17 -94.25 73.28
C ALA A 328 -37.52 -92.85 73.79
N PHE A 329 -36.46 -92.06 74.03
CA PHE A 329 -36.45 -90.68 74.46
C PHE A 329 -37.32 -89.58 73.78
N MET A 330 -37.10 -88.35 74.26
CA MET A 330 -37.28 -87.09 73.59
C MET A 330 -35.86 -86.51 73.66
N PRO A 331 -35.38 -85.49 72.98
CA PRO A 331 -34.01 -85.02 73.21
C PRO A 331 -33.79 -84.45 74.61
N SER A 332 -32.61 -83.84 74.84
CA SER A 332 -32.34 -83.04 76.03
C SER A 332 -33.09 -81.72 75.90
N GLU A 333 -34.42 -81.86 76.12
CA GLU A 333 -35.52 -80.92 76.19
C GLU A 333 -35.37 -79.66 75.34
N GLY A 334 -34.62 -78.66 75.88
CA GLY A 334 -34.33 -77.38 75.26
C GLY A 334 -33.65 -77.44 73.92
N LYS A 335 -33.07 -78.57 73.50
CA LYS A 335 -32.83 -78.83 72.09
C LYS A 335 -34.09 -79.46 71.51
N MET A 336 -35.22 -78.75 71.41
CA MET A 336 -36.50 -79.41 71.19
C MET A 336 -36.66 -79.73 69.72
N VAL A 337 -37.02 -80.98 69.37
CA VAL A 337 -37.12 -81.47 67.99
C VAL A 337 -37.84 -80.52 67.06
N SER A 338 -39.09 -80.19 67.41
CA SER A 338 -39.94 -79.37 66.56
C SER A 338 -39.82 -77.89 66.91
N ASP A 339 -38.55 -77.43 66.97
CA ASP A 339 -38.13 -76.06 67.19
C ASP A 339 -36.84 -75.82 66.41
N ILE A 340 -36.07 -76.91 66.14
CA ILE A 340 -35.01 -76.96 65.11
C ILE A 340 -35.53 -76.54 63.72
N ASN A 341 -36.88 -76.59 63.52
CA ASN A 341 -37.56 -75.98 62.39
C ASN A 341 -37.59 -74.44 62.49
N ASN A 342 -38.08 -73.88 63.61
CA ASN A 342 -38.14 -72.44 63.87
C ASN A 342 -36.77 -71.78 63.78
N ALA A 343 -35.72 -72.49 64.23
CA ALA A 343 -34.33 -72.09 64.10
C ALA A 343 -33.85 -71.91 62.63
N TRP A 344 -34.30 -72.82 61.74
CA TRP A 344 -34.06 -72.80 60.30
C TRP A 344 -34.88 -71.73 59.59
N GLY A 345 -36.10 -71.52 60.10
CA GLY A 345 -36.97 -70.40 59.75
C GLY A 345 -36.33 -69.08 60.04
N GLY A 346 -35.84 -68.85 61.28
CA GLY A 346 -35.07 -67.70 61.75
C GLY A 346 -33.83 -67.44 60.95
N LEU A 347 -33.08 -68.51 60.64
CA LEU A 347 -31.95 -68.49 59.73
C LEU A 347 -32.30 -67.93 58.37
N GLU A 348 -33.36 -68.47 57.71
CA GLU A 348 -33.81 -67.95 56.43
C GLU A 348 -34.51 -66.58 56.52
N GLN A 349 -34.90 -66.11 57.74
CA GLN A 349 -35.38 -64.74 57.95
C GLN A 349 -34.25 -63.77 57.80
N ALA A 350 -33.18 -64.01 58.57
CA ALA A 350 -31.98 -63.20 58.63
C ALA A 350 -31.23 -63.06 57.31
N GLU A 351 -31.32 -64.12 56.46
CA GLU A 351 -30.89 -64.15 55.08
C GLU A 351 -31.58 -63.19 54.11
N LYS A 352 -32.90 -62.97 54.25
CA LYS A 352 -33.82 -62.52 53.22
C LYS A 352 -33.52 -61.15 52.59
N GLY A 353 -32.84 -60.26 53.34
CA GLY A 353 -32.39 -58.98 52.84
C GLY A 353 -31.03 -58.61 53.32
N TYR A 354 -30.12 -59.58 53.50
CA TYR A 354 -28.69 -59.30 53.65
C TYR A 354 -28.11 -59.33 52.24
N GLU A 355 -28.49 -60.33 51.43
CA GLU A 355 -28.02 -60.49 50.06
C GLU A 355 -28.38 -59.29 49.18
N GLU A 356 -29.67 -58.91 49.20
CA GLU A 356 -30.17 -57.78 48.46
C GLU A 356 -29.58 -56.47 48.99
N TRP A 357 -29.39 -56.32 50.32
CA TRP A 357 -28.59 -55.24 50.90
C TRP A 357 -27.17 -55.09 50.31
N LEU A 358 -26.36 -56.17 50.16
CA LEU A 358 -25.12 -56.17 49.41
C LEU A 358 -25.29 -55.60 48.01
N LEU A 359 -26.04 -56.28 47.11
CA LEU A 359 -26.25 -55.91 45.72
C LEU A 359 -26.53 -54.41 45.49
N ASN A 360 -27.43 -53.81 46.30
CA ASN A 360 -27.71 -52.38 46.29
C ASN A 360 -26.53 -51.43 46.57
N GLU A 361 -25.65 -51.74 47.54
CA GLU A 361 -24.49 -50.91 47.89
C GLU A 361 -23.19 -51.40 47.26
N ILE A 362 -23.22 -52.57 46.56
CA ILE A 362 -22.26 -52.88 45.50
C ILE A 362 -22.51 -51.89 44.38
N ARG A 363 -23.79 -51.85 43.92
CA ARG A 363 -24.31 -50.82 43.04
C ARG A 363 -24.20 -49.41 43.63
N ARG A 364 -24.43 -48.41 42.75
CA ARG A 364 -24.28 -46.99 43.01
C ARG A 364 -22.82 -46.62 42.97
N LEU A 365 -22.05 -47.11 43.98
CA LEU A 365 -20.60 -46.98 44.08
C LEU A 365 -19.91 -47.57 42.88
N GLU A 366 -20.47 -48.69 42.36
CA GLU A 366 -20.32 -49.08 40.97
C GLU A 366 -20.99 -48.10 40.03
N ARG A 367 -20.19 -47.13 39.55
CA ARG A 367 -20.50 -46.01 38.67
C ARG A 367 -19.61 -44.86 39.09
N LEU A 368 -19.85 -44.28 40.30
CA LEU A 368 -19.22 -43.06 40.83
C LEU A 368 -17.73 -42.95 40.56
N ASP A 369 -16.89 -43.87 41.07
CA ASP A 369 -15.46 -43.92 40.81
C ASP A 369 -15.00 -43.71 39.37
N HIS A 370 -15.72 -44.31 38.39
CA HIS A 370 -15.43 -44.15 36.97
C HIS A 370 -15.71 -42.75 36.48
N LEU A 371 -16.93 -42.21 36.71
CA LEU A 371 -17.25 -40.83 36.34
C LEU A 371 -16.52 -39.77 37.17
N ALA A 372 -15.98 -40.15 38.35
CA ALA A 372 -15.04 -39.39 39.12
C ALA A 372 -13.65 -39.37 38.49
N GLU A 373 -13.20 -40.46 37.84
CA GLU A 373 -11.98 -40.51 37.05
C GLU A 373 -12.12 -39.73 35.76
N LYS A 374 -13.22 -39.90 35.01
CA LYS A 374 -13.51 -39.04 33.87
C LYS A 374 -13.46 -37.54 34.22
N PHE A 375 -13.97 -37.18 35.42
CA PHE A 375 -13.70 -35.89 36.05
C PHE A 375 -12.23 -35.62 36.36
N ARG A 376 -11.46 -36.48 37.07
CA ARG A 376 -10.05 -36.17 37.41
C ARG A 376 -9.21 -35.84 36.19
N GLN A 377 -9.34 -36.73 35.17
CA GLN A 377 -8.57 -36.70 33.94
C GLN A 377 -8.82 -35.45 33.14
N LYS A 378 -10.10 -35.18 32.78
CA LYS A 378 -10.43 -34.08 31.87
C LYS A 378 -10.47 -32.71 32.55
N ALA A 379 -10.79 -32.60 33.86
CA ALA A 379 -10.80 -31.33 34.57
C ALA A 379 -9.41 -30.75 34.67
N SER A 380 -8.44 -31.61 35.03
CA SER A 380 -7.02 -31.28 35.00
C SER A 380 -6.51 -30.91 33.63
N ILE A 381 -6.74 -31.72 32.57
CA ILE A 381 -6.18 -31.36 31.27
C ILE A 381 -6.80 -30.11 30.65
N HIS A 382 -8.06 -29.77 31.05
CA HIS A 382 -8.67 -28.49 30.69
C HIS A 382 -7.90 -27.28 31.20
N GLU A 383 -7.55 -27.22 32.51
CA GLU A 383 -6.76 -26.11 33.01
C GLU A 383 -5.29 -26.15 32.61
N SER A 384 -4.70 -27.32 32.26
CA SER A 384 -3.34 -27.41 31.69
C SER A 384 -3.20 -26.69 30.36
N TRP A 385 -4.37 -26.33 29.80
CA TRP A 385 -4.59 -25.51 28.64
C TRP A 385 -4.98 -24.06 28.98
N THR A 386 -5.60 -23.72 30.15
CA THR A 386 -5.87 -22.31 30.48
C THR A 386 -4.67 -21.63 31.11
N ASP A 387 -3.84 -22.44 31.80
CA ASP A 387 -2.56 -22.10 32.36
C ASP A 387 -1.55 -21.75 31.27
N GLY A 388 -1.58 -20.49 30.82
CA GLY A 388 -0.91 -20.09 29.60
C GLY A 388 -1.68 -18.97 28.99
N LYS A 389 -2.89 -19.23 28.45
CA LYS A 389 -3.71 -18.31 27.67
C LYS A 389 -3.79 -16.89 28.22
N GLU A 390 -4.43 -16.66 29.38
CA GLU A 390 -4.65 -15.36 30.01
C GLU A 390 -3.39 -14.49 30.14
N ALA A 391 -2.32 -15.06 30.74
CA ALA A 391 -1.03 -14.45 30.95
C ALA A 391 -0.37 -14.06 29.63
N MET A 392 -0.45 -14.93 28.60
CA MET A 392 -0.05 -14.63 27.24
C MET A 392 -0.92 -13.60 26.53
N LEU A 393 -2.24 -13.56 26.77
CA LEU A 393 -3.23 -12.66 26.17
C LEU A 393 -3.09 -11.20 26.54
N GLN A 394 -2.65 -10.90 27.78
CA GLN A 394 -2.53 -9.54 28.26
C GLN A 394 -1.49 -8.73 27.48
N GLN A 395 -0.36 -9.39 27.15
CA GLN A 395 0.81 -8.87 26.50
C GLN A 395 0.50 -8.06 25.24
N LYS A 396 0.97 -6.80 25.17
CA LYS A 396 0.51 -5.81 24.20
C LYS A 396 1.36 -5.73 22.94
N ASP A 397 1.30 -6.83 22.18
CA ASP A 397 2.00 -7.07 20.92
C ASP A 397 1.46 -6.29 19.73
N TYR A 398 0.24 -5.74 19.86
CA TYR A 398 -0.52 -5.02 18.86
C TYR A 398 -0.29 -3.50 18.93
N GLU A 399 0.35 -3.01 20.03
CA GLU A 399 0.54 -1.58 20.22
C GLU A 399 1.75 -1.08 19.44
N THR A 400 2.95 -1.62 19.76
CA THR A 400 4.21 -1.44 19.03
C THR A 400 4.39 -2.61 18.10
N ALA A 401 4.63 -2.36 16.79
CA ALA A 401 4.88 -3.35 15.77
C ALA A 401 4.91 -2.63 14.44
N THR A 402 4.54 -3.30 13.35
CA THR A 402 4.39 -2.70 12.04
C THR A 402 3.22 -3.38 11.39
N LEU A 403 2.67 -2.77 10.31
CA LEU A 403 1.47 -3.22 9.62
C LEU A 403 1.52 -4.67 9.20
N SER A 404 2.61 -5.13 8.55
CA SER A 404 2.89 -6.53 8.27
C SER A 404 2.79 -7.40 9.50
N GLU A 405 3.48 -7.02 10.59
CA GLU A 405 3.59 -7.80 11.82
C GLU A 405 2.30 -7.90 12.62
N ILE A 406 1.50 -6.83 12.77
CA ILE A 406 0.17 -6.94 13.40
C ILE A 406 -0.82 -7.82 12.62
N LYS A 407 -0.86 -7.74 11.27
CA LYS A 407 -1.66 -8.63 10.44
C LYS A 407 -1.24 -10.09 10.52
N ALA A 408 0.09 -10.32 10.60
CA ALA A 408 0.68 -11.59 10.92
C ALA A 408 0.12 -12.18 12.20
N LEU A 409 0.13 -11.39 13.29
CA LEU A 409 -0.49 -11.71 14.57
C LEU A 409 -2.00 -11.92 14.56
N LEU A 410 -2.77 -11.21 13.69
CA LEU A 410 -4.20 -11.39 13.50
C LEU A 410 -4.60 -12.64 12.68
N LYS A 411 -3.68 -13.19 11.87
CA LYS A 411 -3.83 -14.46 11.17
C LYS A 411 -3.37 -15.62 12.05
N LYS A 412 -2.44 -15.32 13.00
CA LYS A 412 -2.18 -16.17 14.15
C LYS A 412 -3.40 -16.20 15.06
N HIS A 413 -4.01 -15.03 15.31
CA HIS A 413 -5.18 -14.80 16.15
C HIS A 413 -6.43 -15.57 15.73
N GLU A 414 -6.79 -15.63 14.43
CA GLU A 414 -7.84 -16.55 13.97
C GLU A 414 -7.50 -18.02 14.24
N ALA A 415 -6.22 -18.35 14.52
CA ALA A 415 -5.80 -19.69 14.96
C ALA A 415 -5.77 -19.90 16.49
N PHE A 416 -5.96 -18.83 17.32
CA PHE A 416 -6.15 -18.90 18.77
C PHE A 416 -7.56 -19.42 19.00
N GLU A 417 -8.55 -18.62 18.57
CA GLU A 417 -9.94 -18.92 18.26
C GLU A 417 -10.23 -20.27 17.64
N SER A 418 -9.39 -20.72 16.69
CA SER A 418 -9.54 -22.02 16.08
C SER A 418 -9.11 -23.17 16.99
N ASP A 419 -8.11 -23.02 17.88
CA ASP A 419 -7.83 -23.94 19.01
C ASP A 419 -9.02 -23.94 19.99
N LEU A 420 -9.37 -22.72 20.43
CA LEU A 420 -10.39 -22.35 21.41
C LEU A 420 -11.75 -23.00 21.19
N ALA A 421 -12.35 -22.88 19.99
CA ALA A 421 -13.63 -23.46 19.63
C ALA A 421 -13.84 -24.94 19.98
N ALA A 422 -12.76 -25.76 19.87
CA ALA A 422 -12.78 -27.17 20.19
C ALA A 422 -12.91 -27.52 21.67
N HIS A 423 -12.20 -26.80 22.58
CA HIS A 423 -12.18 -27.12 24.01
C HIS A 423 -13.44 -26.69 24.76
N GLN A 424 -14.49 -26.26 24.01
CA GLN A 424 -15.77 -25.77 24.47
C GLN A 424 -16.66 -26.93 24.88
N ASP A 425 -16.70 -27.99 24.02
CA ASP A 425 -17.29 -29.30 24.23
C ASP A 425 -16.89 -29.85 25.60
N ARG A 426 -15.58 -29.74 25.92
CA ARG A 426 -15.00 -30.14 27.18
C ARG A 426 -15.59 -29.49 28.44
N VAL A 427 -15.91 -28.17 28.44
CA VAL A 427 -16.46 -27.49 29.61
C VAL A 427 -17.87 -27.96 29.93
N GLU A 428 -18.65 -28.24 28.87
CA GLU A 428 -19.96 -28.87 28.94
C GLU A 428 -19.87 -30.31 29.43
N GLN A 429 -19.03 -31.15 28.79
CA GLN A 429 -18.69 -32.50 29.27
C GLN A 429 -18.24 -32.58 30.74
N ILE A 430 -17.26 -31.74 31.18
CA ILE A 430 -16.82 -31.62 32.56
C ILE A 430 -17.99 -31.26 33.48
N ALA A 431 -18.85 -30.27 33.14
CA ALA A 431 -20.10 -29.99 33.86
C ALA A 431 -21.06 -31.18 34.00
N ALA A 432 -21.79 -31.58 32.95
CA ALA A 432 -22.77 -32.67 32.91
C ALA A 432 -22.46 -33.97 33.68
N ILE A 433 -21.20 -34.46 33.60
CA ILE A 433 -20.76 -35.68 34.22
C ILE A 433 -20.45 -35.46 35.70
N ALA A 434 -19.87 -34.28 36.06
CA ALA A 434 -19.73 -33.86 37.45
C ALA A 434 -21.08 -33.61 38.14
N GLN A 435 -22.04 -33.00 37.41
CA GLN A 435 -23.42 -32.84 37.87
C GLN A 435 -24.08 -34.17 38.22
N GLU A 436 -23.98 -35.20 37.35
CA GLU A 436 -24.35 -36.58 37.67
C GLU A 436 -23.65 -37.15 38.90
N LEU A 437 -22.32 -36.93 39.07
CA LEU A 437 -21.53 -37.36 40.23
C LEU A 437 -22.12 -36.89 41.57
N ASN A 438 -22.60 -35.63 41.62
CA ASN A 438 -23.46 -35.14 42.71
C ASN A 438 -24.69 -36.01 42.95
N GLU A 439 -25.64 -36.09 42.00
CA GLU A 439 -26.91 -36.81 42.13
C GLU A 439 -26.88 -38.28 42.62
N LEU A 440 -25.75 -39.03 42.49
CA LEU A 440 -25.68 -40.42 42.91
C LEU A 440 -24.89 -40.62 44.22
N ASP A 441 -24.76 -39.57 45.06
CA ASP A 441 -24.11 -39.50 46.37
C ASP A 441 -22.61 -39.83 46.49
N TYR A 442 -21.74 -38.83 46.21
CA TYR A 442 -20.29 -38.93 46.30
C TYR A 442 -19.65 -37.91 47.25
N TYR A 443 -18.61 -38.33 47.98
CA TYR A 443 -17.91 -37.58 49.02
C TYR A 443 -17.02 -36.43 48.52
N ASP A 444 -16.43 -36.52 47.31
CA ASP A 444 -15.63 -35.45 46.72
C ASP A 444 -16.52 -34.52 45.88
N SER A 445 -17.87 -34.64 45.96
CA SER A 445 -18.79 -33.75 45.27
C SER A 445 -18.57 -32.26 45.62
N PRO A 446 -18.56 -31.74 46.86
CA PRO A 446 -18.25 -30.33 47.13
C PRO A 446 -16.82 -29.89 46.85
N SER A 447 -15.94 -30.78 46.30
CA SER A 447 -14.61 -30.42 45.80
C SER A 447 -14.55 -30.31 44.29
N VAL A 448 -15.08 -31.31 43.53
CA VAL A 448 -15.04 -31.34 42.07
C VAL A 448 -15.75 -30.13 41.47
N ASN A 449 -16.96 -29.86 41.99
CA ASN A 449 -17.75 -28.64 41.88
C ASN A 449 -16.95 -27.37 42.16
N ALA A 450 -16.34 -27.27 43.36
CA ALA A 450 -15.59 -26.11 43.80
C ALA A 450 -14.41 -25.80 42.89
N ARG A 451 -13.70 -26.84 42.40
CA ARG A 451 -12.68 -26.69 41.35
C ARG A 451 -13.26 -26.29 39.99
N CYS A 452 -14.28 -27.04 39.49
CA CYS A 452 -14.91 -26.96 38.17
C CYS A 452 -15.65 -25.67 37.91
N GLN A 453 -16.27 -25.08 38.95
CA GLN A 453 -16.88 -23.77 38.76
C GLN A 453 -15.85 -22.71 38.50
N LYS A 454 -14.70 -22.72 39.22
CA LYS A 454 -13.59 -21.82 38.91
C LYS A 454 -12.96 -22.06 37.53
N ILE A 455 -13.22 -23.23 36.90
CA ILE A 455 -12.84 -23.51 35.52
C ILE A 455 -13.75 -22.76 34.55
N CYS A 456 -15.04 -22.63 34.89
CA CYS A 456 -16.01 -21.99 34.02
C CYS A 456 -15.99 -20.49 34.19
N ASP A 457 -15.91 -20.06 35.47
CA ASP A 457 -15.77 -18.68 35.94
C ASP A 457 -14.49 -18.06 35.36
N GLN A 458 -13.49 -18.92 35.08
CA GLN A 458 -12.30 -18.62 34.31
C GLN A 458 -12.58 -18.52 32.82
N TRP A 459 -13.13 -19.56 32.15
CA TRP A 459 -13.43 -19.58 30.72
C TRP A 459 -14.18 -18.36 30.24
N ASP A 460 -15.36 -18.06 30.85
CA ASP A 460 -16.26 -16.96 30.48
C ASP A 460 -15.52 -15.62 30.46
N ASN A 461 -14.68 -15.42 31.50
CA ASN A 461 -13.75 -14.33 31.61
C ASN A 461 -12.65 -14.35 30.53
N LEU A 462 -11.91 -15.47 30.37
CA LEU A 462 -10.91 -15.72 29.35
C LEU A 462 -11.44 -15.48 27.92
N GLY A 463 -12.61 -16.04 27.57
CA GLY A 463 -13.41 -15.76 26.38
C GLY A 463 -13.64 -14.29 26.20
N ALA A 464 -14.10 -13.59 27.25
CA ALA A 464 -14.26 -12.16 27.29
C ALA A 464 -12.98 -11.36 26.99
N LEU A 465 -11.83 -11.58 27.67
CA LEU A 465 -10.55 -10.90 27.44
C LEU A 465 -10.07 -10.93 25.98
N THR A 466 -10.18 -12.09 25.33
CA THR A 466 -9.83 -12.38 23.93
C THR A 466 -10.75 -11.69 22.95
N GLN A 467 -12.04 -11.52 23.30
CA GLN A 467 -12.98 -10.72 22.52
C GLN A 467 -12.60 -9.23 22.57
N LYS A 468 -12.11 -8.75 23.74
CA LYS A 468 -11.55 -7.41 23.88
C LYS A 468 -10.17 -7.28 23.21
N ARG A 469 -9.51 -8.43 22.91
CA ARG A 469 -8.25 -8.47 22.19
C ARG A 469 -8.48 -8.50 20.68
N ARG A 470 -9.53 -9.21 20.18
CA ARG A 470 -9.93 -9.15 18.78
C ARG A 470 -10.36 -7.73 18.40
N GLU A 471 -11.14 -7.06 19.28
CA GLU A 471 -11.47 -5.63 19.19
C GLU A 471 -10.24 -4.70 19.11
N ALA A 472 -9.14 -5.08 19.78
CA ALA A 472 -7.89 -4.35 19.73
C ALA A 472 -7.17 -4.51 18.39
N LEU A 473 -7.14 -5.71 17.80
CA LEU A 473 -6.50 -6.02 16.53
C LEU A 473 -7.32 -5.54 15.32
N GLU A 474 -8.66 -5.77 15.33
CA GLU A 474 -9.61 -5.22 14.35
C GLU A 474 -9.62 -3.68 14.34
N ARG A 475 -9.10 -3.04 15.43
CA ARG A 475 -8.92 -1.59 15.51
C ARG A 475 -7.54 -1.11 15.08
N THR A 476 -6.43 -1.65 15.64
CA THR A 476 -5.08 -1.11 15.46
C THR A 476 -4.52 -1.39 14.09
N GLU A 477 -5.08 -2.41 13.41
CA GLU A 477 -4.95 -2.68 12.00
C GLU A 477 -5.53 -1.56 11.17
N LYS A 478 -6.74 -1.11 11.56
CA LYS A 478 -7.42 -0.03 10.89
C LYS A 478 -6.73 1.32 10.99
N LEU A 479 -6.18 1.73 12.16
CA LEU A 479 -5.35 2.93 12.23
C LEU A 479 -4.13 2.84 11.33
N LEU A 480 -3.37 1.73 11.41
CA LEU A 480 -2.20 1.52 10.57
C LEU A 480 -2.50 1.28 9.08
N GLU A 481 -3.72 0.91 8.66
CA GLU A 481 -4.16 1.08 7.27
C GLU A 481 -4.33 2.55 6.90
N THR A 482 -5.08 3.33 7.67
CA THR A 482 -5.35 4.76 7.47
C THR A 482 -4.08 5.58 7.28
N ILE A 483 -3.14 5.45 8.24
CA ILE A 483 -1.80 6.04 8.26
C ILE A 483 -1.00 5.77 6.99
N ASP A 484 -1.00 4.53 6.46
CA ASP A 484 -0.45 4.22 5.15
C ASP A 484 -1.14 4.99 4.01
N GLN A 485 -2.48 4.86 3.90
CA GLN A 485 -3.24 5.40 2.79
C GLN A 485 -3.26 6.95 2.72
N LEU A 486 -3.01 7.71 3.80
CA LEU A 486 -2.89 9.17 3.74
C LEU A 486 -1.43 9.59 3.53
N TYR A 487 -0.46 8.83 4.09
CA TYR A 487 0.93 8.92 3.69
C TYR A 487 1.08 8.68 2.17
N LEU A 488 0.27 7.77 1.60
CA LEU A 488 0.13 7.51 0.18
C LEU A 488 -0.14 8.78 -0.65
N GLU A 489 -1.19 9.56 -0.37
CA GLU A 489 -1.45 10.85 -1.02
C GLU A 489 -0.39 11.94 -0.76
N TYR A 490 0.16 12.11 0.48
CA TYR A 490 1.36 12.95 0.65
C TYR A 490 2.53 12.52 -0.26
N ALA A 491 2.75 11.20 -0.40
CA ALA A 491 3.75 10.62 -1.28
C ALA A 491 3.51 10.83 -2.77
N LYS A 492 2.30 10.51 -3.26
CA LYS A 492 1.93 10.55 -4.66
C LYS A 492 1.95 11.96 -5.21
N ARG A 493 1.48 12.94 -4.41
CA ARG A 493 1.40 14.32 -4.81
C ARG A 493 2.72 15.04 -4.64
N ALA A 494 3.46 14.85 -3.52
CA ALA A 494 4.77 15.47 -3.34
C ALA A 494 5.91 14.67 -3.97
N ALA A 495 5.68 14.16 -5.18
CA ALA A 495 6.66 13.92 -6.21
C ALA A 495 6.29 14.89 -7.35
N PRO A 496 5.25 14.80 -8.19
CA PRO A 496 4.90 15.84 -9.17
C PRO A 496 4.59 17.24 -8.69
N PHE A 497 4.44 17.50 -7.37
CA PHE A 497 4.44 18.82 -6.78
C PHE A 497 5.82 19.24 -6.29
N ASN A 498 6.78 18.31 -6.11
CA ASN A 498 8.15 18.61 -5.78
C ASN A 498 8.91 18.92 -7.06
N ASN A 499 8.52 18.31 -8.21
CA ASN A 499 9.09 18.58 -9.53
C ASN A 499 8.81 20.00 -10.01
N TRP A 500 7.66 20.55 -9.59
CA TRP A 500 7.20 21.84 -10.00
C TRP A 500 8.13 22.92 -9.48
N MET A 501 8.53 22.88 -8.19
CA MET A 501 9.47 23.79 -7.56
C MET A 501 10.90 23.65 -8.09
N GLU A 502 11.36 22.40 -8.37
CA GLU A 502 12.63 22.16 -9.10
C GLU A 502 12.69 22.79 -10.47
N GLY A 503 11.60 22.66 -11.27
CA GLY A 503 11.47 23.32 -12.57
C GLY A 503 11.33 24.81 -12.43
N ALA A 504 10.43 25.27 -11.53
CA ALA A 504 10.23 26.68 -11.22
C ALA A 504 11.47 27.41 -10.74
N MET A 505 12.56 26.70 -10.37
CA MET A 505 13.83 27.27 -10.01
C MET A 505 14.85 27.23 -11.13
N GLU A 506 14.74 26.32 -12.12
CA GLU A 506 15.60 26.32 -13.29
C GLU A 506 15.08 27.10 -14.47
N ASP A 507 13.74 27.14 -14.68
CA ASP A 507 13.07 28.05 -15.58
C ASP A 507 13.32 29.51 -15.21
N LEU A 508 12.99 29.89 -13.96
CA LEU A 508 13.18 31.24 -13.49
C LEU A 508 14.65 31.65 -13.34
N GLN A 509 15.61 30.74 -13.13
CA GLN A 509 17.00 31.17 -13.16
C GLN A 509 17.50 31.47 -14.55
N ASP A 510 17.28 30.58 -15.53
CA ASP A 510 17.66 30.66 -16.94
C ASP A 510 18.14 32.03 -17.47
N THR A 511 19.46 32.23 -17.62
CA THR A 511 19.97 33.55 -18.04
C THR A 511 19.73 33.83 -19.53
N PHE A 512 18.93 34.85 -19.87
CA PHE A 512 18.41 35.05 -21.21
C PHE A 512 19.00 36.28 -21.89
N ILE A 513 19.02 36.30 -23.23
CA ILE A 513 19.59 37.39 -23.99
C ILE A 513 18.59 37.81 -25.04
N VAL A 514 18.60 39.09 -25.48
CA VAL A 514 17.82 39.56 -26.63
C VAL A 514 18.55 40.62 -27.43
N HIS A 515 18.61 40.43 -28.75
CA HIS A 515 19.29 41.34 -29.63
C HIS A 515 18.41 42.52 -30.10
N THR A 516 17.09 42.42 -30.36
CA THR A 516 16.15 43.56 -30.49
C THR A 516 15.04 43.61 -29.43
N ILE A 517 13.75 43.75 -29.80
CA ILE A 517 12.62 43.80 -28.88
C ILE A 517 11.80 42.53 -28.95
N GLU A 518 10.96 42.30 -30.00
CA GLU A 518 9.97 41.23 -30.20
C GLU A 518 10.26 39.91 -29.50
N GLU A 519 11.43 39.30 -29.80
CA GLU A 519 12.05 38.21 -29.07
C GLU A 519 11.89 38.16 -27.53
N ILE A 520 11.85 39.29 -26.79
CA ILE A 520 11.59 39.37 -25.34
C ILE A 520 10.12 39.36 -24.95
N GLN A 521 9.17 39.68 -25.86
CA GLN A 521 7.75 39.73 -25.53
C GLN A 521 7.21 38.36 -25.14
N GLY A 522 7.76 37.32 -25.78
CA GLY A 522 7.60 35.93 -25.37
C GLY A 522 8.07 35.66 -23.95
N LEU A 523 9.25 36.17 -23.55
CA LEU A 523 9.81 35.93 -22.22
C LEU A 523 9.12 36.68 -21.09
N THR A 524 8.71 37.94 -21.33
CA THR A 524 7.80 38.76 -20.51
C THR A 524 6.49 38.03 -20.35
N THR A 525 5.90 37.51 -21.44
CA THR A 525 4.66 36.73 -21.47
C THR A 525 4.69 35.51 -20.59
N ALA A 526 5.66 34.59 -20.72
CA ALA A 526 5.75 33.35 -19.95
C ALA A 526 5.89 33.57 -18.45
N HIS A 527 6.41 34.76 -18.07
CA HIS A 527 6.36 35.23 -16.70
C HIS A 527 4.95 35.55 -16.24
N GLU A 528 4.15 36.32 -17.03
CA GLU A 528 2.71 36.50 -16.78
C GLU A 528 1.96 35.17 -16.58
N GLN A 529 2.25 34.20 -17.47
CA GLN A 529 1.76 32.83 -17.38
C GLN A 529 2.21 32.08 -16.14
N PHE A 530 3.50 32.18 -15.74
CA PHE A 530 4.01 31.56 -14.54
C PHE A 530 3.38 32.11 -13.27
N LYS A 531 3.22 33.45 -13.15
CA LYS A 531 2.42 34.08 -12.10
C LYS A 531 1.01 33.49 -11.95
N ALA A 532 0.37 33.07 -13.06
CA ALA A 532 -0.92 32.41 -13.00
C ALA A 532 -0.94 30.97 -12.44
N THR A 533 0.22 30.27 -12.32
CA THR A 533 0.29 28.90 -11.78
C THR A 533 0.38 28.89 -10.27
N LEU A 534 0.94 29.94 -9.63
CA LEU A 534 0.92 30.05 -8.17
C LEU A 534 -0.45 29.84 -7.49
N PRO A 535 -1.59 30.44 -7.91
CA PRO A 535 -2.89 30.12 -7.33
C PRO A 535 -3.42 28.71 -7.59
N ASP A 536 -2.81 27.86 -8.44
CA ASP A 536 -3.17 26.44 -8.47
C ASP A 536 -2.27 25.68 -7.49
N ALA A 537 -0.94 25.84 -7.64
CA ALA A 537 0.08 25.09 -6.98
C ALA A 537 0.16 25.40 -5.50
N ASP A 538 -0.17 26.63 -5.05
CA ASP A 538 -0.27 26.90 -3.63
C ASP A 538 -1.52 26.21 -3.07
N LYS A 539 -2.62 26.16 -3.83
CA LYS A 539 -3.81 25.40 -3.47
C LYS A 539 -3.60 23.88 -3.41
N GLU A 540 -2.75 23.29 -4.28
CA GLU A 540 -2.25 21.93 -4.11
C GLU A 540 -1.50 21.73 -2.80
N ARG A 541 -0.65 22.71 -2.41
CA ARG A 541 0.00 22.73 -1.12
C ARG A 541 -0.99 22.81 0.05
N GLN A 542 -2.03 23.68 -0.09
CA GLN A 542 -3.12 23.76 0.87
C GLN A 542 -4.09 22.57 0.80
N ALA A 543 -3.69 21.46 0.13
CA ALA A 543 -4.21 20.12 0.29
C ALA A 543 -3.10 19.19 0.83
N ILE A 544 -1.95 19.05 0.11
CA ILE A 544 -0.75 18.24 0.39
C ILE A 544 -0.27 18.26 1.83
N LEU A 545 0.15 19.43 2.37
CA LEU A 545 0.50 19.59 3.78
C LEU A 545 -0.62 19.12 4.71
N GLY A 546 -1.88 19.42 4.34
CA GLY A 546 -3.09 18.95 5.01
C GLY A 546 -3.20 17.45 5.14
N ILE A 547 -2.79 16.67 4.13
CA ILE A 547 -2.87 15.21 4.15
C ILE A 547 -1.81 14.62 5.07
N HIS A 548 -0.56 15.18 5.06
CA HIS A 548 0.46 14.94 6.08
C HIS A 548 0.02 15.36 7.48
N ASN A 549 -0.68 16.51 7.63
CA ASN A 549 -1.26 16.93 8.91
C ASN A 549 -2.20 15.92 9.51
N GLU A 550 -3.11 15.37 8.68
CA GLU A 550 -4.11 14.41 9.16
C GLU A 550 -3.47 13.09 9.57
N VAL A 551 -2.51 12.50 8.79
CA VAL A 551 -1.66 11.39 9.28
C VAL A 551 -1.13 11.59 10.71
N SER A 552 -0.45 12.73 10.95
CA SER A 552 0.04 13.13 12.26
C SER A 552 -1.00 13.19 13.37
N LYS A 553 -2.17 13.79 13.11
CA LYS A 553 -3.27 13.92 14.04
C LYS A 553 -3.93 12.59 14.40
N ILE A 554 -4.08 11.69 13.40
CA ILE A 554 -4.70 10.38 13.52
C ILE A 554 -4.04 9.45 14.53
N VAL A 555 -2.69 9.34 14.58
CA VAL A 555 -1.96 8.55 15.57
C VAL A 555 -2.14 9.07 16.99
N GLN A 556 -1.93 10.39 17.18
CA GLN A 556 -1.86 11.09 18.45
C GLN A 556 -3.14 10.94 19.25
N THR A 557 -4.30 10.95 18.57
CA THR A 557 -5.61 10.79 19.19
C THR A 557 -5.90 9.46 19.90
N TYR A 558 -5.18 8.35 19.59
CA TYR A 558 -5.54 7.05 20.15
C TYR A 558 -4.40 6.39 20.91
N HIS A 559 -3.26 7.09 21.04
CA HIS A 559 -2.03 6.66 21.72
C HIS A 559 -1.33 5.42 21.20
N VAL A 560 -1.73 4.87 20.02
CA VAL A 560 -1.12 3.67 19.47
C VAL A 560 0.26 4.08 18.93
N ASN A 561 1.20 3.14 18.75
CA ASN A 561 2.54 3.53 18.35
C ASN A 561 2.61 3.68 16.84
N MET A 562 3.73 3.29 16.20
CA MET A 562 4.19 3.78 14.90
C MET A 562 4.69 5.21 14.98
N ALA A 563 5.90 5.48 14.44
CA ALA A 563 6.50 6.78 14.56
C ALA A 563 6.05 7.69 13.43
N GLY A 564 6.11 9.04 13.63
CA GLY A 564 5.62 10.00 12.63
C GLY A 564 6.59 10.26 11.49
N THR A 565 6.84 9.21 10.69
CA THR A 565 7.79 9.14 9.58
C THR A 565 7.17 8.41 8.40
N ASN A 566 7.46 8.88 7.16
CA ASN A 566 6.90 8.43 5.89
C ASN A 566 7.86 7.50 5.14
N PRO A 567 7.65 6.20 4.96
CA PRO A 567 8.63 5.36 4.24
C PRO A 567 8.35 5.41 2.73
N TYR A 568 7.22 6.03 2.32
CA TYR A 568 6.63 5.95 0.99
C TYR A 568 6.99 7.04 -0.03
N THR A 569 7.28 8.29 0.37
CA THR A 569 8.17 9.10 -0.45
C THR A 569 9.36 9.44 0.43
N THR A 570 10.35 10.21 -0.08
CA THR A 570 11.55 10.58 0.67
C THR A 570 11.32 11.76 1.59
N ILE A 571 10.65 12.82 1.08
CA ILE A 571 10.70 14.13 1.69
C ILE A 571 9.76 14.30 2.87
N THR A 572 9.77 15.51 3.44
CA THR A 572 8.97 15.86 4.58
C THR A 572 8.42 17.25 4.28
N PRO A 573 7.36 17.79 4.89
CA PRO A 573 6.84 19.09 4.47
C PRO A 573 7.74 20.27 4.79
N GLN A 574 8.82 20.03 5.56
CA GLN A 574 9.66 21.06 6.12
C GLN A 574 10.55 21.74 5.10
N GLU A 575 11.33 20.97 4.31
CA GLU A 575 12.18 21.59 3.29
C GLU A 575 11.38 21.87 2.03
N ILE A 576 10.26 21.11 1.81
CA ILE A 576 9.21 21.38 0.82
C ILE A 576 8.64 22.78 0.95
N ASN A 577 8.28 23.18 2.20
CA ASN A 577 7.68 24.47 2.43
C ASN A 577 8.69 25.59 2.23
N GLY A 578 9.99 25.31 2.47
CA GLY A 578 11.10 26.20 2.17
C GLY A 578 11.22 26.47 0.69
N LYS A 579 11.21 25.40 -0.14
CA LYS A 579 11.14 25.49 -1.59
C LYS A 579 9.99 26.33 -2.11
N TRP A 580 8.81 26.25 -1.46
CA TRP A 580 7.72 27.13 -1.78
C TRP A 580 8.10 28.60 -1.58
N GLU A 581 8.62 29.03 -0.42
CA GLU A 581 9.04 30.41 -0.24
C GLU A 581 10.35 30.80 -0.98
N HIS A 582 11.20 29.83 -1.39
CA HIS A 582 12.26 30.02 -2.39
C HIS A 582 11.69 30.43 -3.75
N VAL A 583 10.77 29.61 -4.31
CA VAL A 583 9.96 29.85 -5.51
C VAL A 583 9.20 31.19 -5.41
N ARG A 584 8.84 31.60 -4.18
CA ARG A 584 8.18 32.85 -3.86
C ARG A 584 9.15 34.02 -3.74
N GLN A 585 10.45 33.77 -3.53
CA GLN A 585 11.53 34.73 -3.75
C GLN A 585 11.83 34.86 -5.24
N LEU A 586 11.84 33.74 -6.00
CA LEU A 586 12.12 33.81 -7.42
C LEU A 586 11.09 34.55 -8.23
N VAL A 587 9.77 34.20 -8.25
CA VAL A 587 8.75 35.01 -8.96
C VAL A 587 8.90 36.56 -8.83
N PRO A 588 8.68 37.27 -7.70
CA PRO A 588 8.82 38.74 -7.53
C PRO A 588 10.26 39.28 -7.59
N ARG A 589 11.24 38.47 -8.00
CA ARG A 589 12.56 38.90 -8.36
C ARG A 589 12.72 38.80 -9.87
N ARG A 590 12.03 37.85 -10.52
CA ARG A 590 12.28 37.55 -11.92
C ARG A 590 11.36 38.30 -12.83
N ASP A 591 10.12 38.62 -12.43
CA ASP A 591 9.28 39.57 -13.15
C ASP A 591 9.97 40.93 -13.24
N GLN A 592 10.59 41.41 -12.15
CA GLN A 592 11.59 42.49 -12.13
C GLN A 592 12.72 42.36 -13.14
N ALA A 593 13.17 41.12 -13.46
CA ALA A 593 14.23 40.80 -14.39
C ALA A 593 13.75 40.63 -15.84
N LEU A 594 12.45 40.35 -16.10
CA LEU A 594 11.81 40.56 -17.40
C LEU A 594 11.49 42.03 -17.58
N MET A 595 11.04 42.64 -16.47
CA MET A 595 10.87 44.05 -16.32
C MET A 595 12.21 44.74 -16.36
N GLU A 596 13.37 44.03 -16.38
CA GLU A 596 14.66 44.65 -16.66
C GLU A 596 14.74 45.04 -18.13
N GLU A 597 13.94 44.42 -19.04
CA GLU A 597 13.75 44.95 -20.39
C GLU A 597 12.55 45.89 -20.50
N HIS A 598 11.88 46.28 -19.40
CA HIS A 598 10.90 47.37 -19.41
C HIS A 598 11.45 48.58 -18.65
N ALA A 599 12.21 48.31 -17.58
CA ALA A 599 13.16 49.14 -16.90
C ALA A 599 14.43 49.32 -17.72
N ARG A 600 14.59 48.56 -18.82
CA ARG A 600 15.22 49.06 -20.02
C ARG A 600 14.14 49.69 -20.90
N GLN A 601 13.35 48.97 -21.75
CA GLN A 601 12.58 49.58 -22.84
C GLN A 601 11.82 50.90 -22.65
N GLN A 602 10.99 51.14 -21.62
CA GLN A 602 10.39 52.47 -21.47
C GLN A 602 11.40 53.56 -21.01
N GLN A 603 12.58 53.12 -20.60
CA GLN A 603 13.76 53.92 -20.32
C GLN A 603 14.73 53.92 -21.53
N ASN A 604 14.72 52.90 -22.44
CA ASN A 604 15.25 53.01 -23.81
C ASN A 604 14.49 54.08 -24.54
N GLU A 605 13.19 54.24 -24.27
CA GLU A 605 12.38 55.40 -24.63
C GLU A 605 12.64 56.62 -23.73
N ARG A 606 13.90 56.78 -23.27
CA ARG A 606 14.46 57.90 -22.57
C ARG A 606 15.89 58.12 -23.06
N LEU A 607 16.69 57.04 -23.29
CA LEU A 607 17.97 57.12 -23.99
C LEU A 607 17.77 57.49 -25.45
N ARG A 608 16.89 56.76 -26.18
CA ARG A 608 16.40 57.17 -27.49
C ARG A 608 15.82 58.59 -27.45
N LYS A 609 15.11 58.95 -26.37
CA LYS A 609 14.35 60.18 -26.29
C LYS A 609 15.20 61.44 -26.14
N GLN A 610 16.23 61.49 -25.27
CA GLN A 610 17.03 62.70 -25.10
C GLN A 610 17.85 63.07 -26.34
N PHE A 611 18.66 62.13 -26.86
CA PHE A 611 19.42 62.31 -28.09
C PHE A 611 18.49 62.58 -29.28
N GLY A 612 17.46 61.72 -29.44
CA GLY A 612 16.52 61.78 -30.55
C GLY A 612 15.73 63.06 -30.59
N ALA A 613 15.12 63.45 -29.46
CA ALA A 613 14.31 64.66 -29.41
C ALA A 613 15.14 65.93 -29.46
N GLN A 614 16.45 65.91 -29.08
CA GLN A 614 17.31 67.05 -29.30
C GLN A 614 17.77 67.12 -30.75
N ALA A 615 18.22 66.01 -31.34
CA ALA A 615 18.65 65.94 -32.73
C ALA A 615 17.56 66.36 -33.71
N ASN A 616 16.29 65.99 -33.41
CA ASN A 616 15.13 66.38 -34.17
C ASN A 616 14.85 67.89 -34.21
N VAL A 617 15.37 68.72 -33.28
CA VAL A 617 15.41 70.19 -33.41
C VAL A 617 16.80 70.73 -33.74
N ILE A 618 17.83 69.87 -33.86
CA ILE A 618 19.12 70.26 -34.44
C ILE A 618 19.04 70.16 -35.95
N GLY A 619 18.71 68.96 -36.52
CA GLY A 619 18.49 68.69 -37.94
C GLY A 619 17.76 69.76 -38.71
N PRO A 620 16.55 70.19 -38.39
CA PRO A 620 15.86 71.24 -39.13
C PRO A 620 16.48 72.61 -38.87
N TRP A 621 17.35 72.79 -37.87
CA TRP A 621 18.06 74.04 -37.63
C TRP A 621 19.40 74.02 -38.38
N ILE A 622 19.80 72.85 -38.92
CA ILE A 622 20.78 72.70 -39.98
C ILE A 622 20.08 73.05 -41.30
N GLN A 623 18.91 72.44 -41.57
CA GLN A 623 18.10 72.68 -42.77
C GLN A 623 17.70 74.13 -42.97
N THR A 624 17.09 74.78 -41.97
CA THR A 624 16.67 76.18 -42.10
C THR A 624 17.80 77.15 -42.38
N LYS A 625 18.96 77.15 -41.70
CA LYS A 625 20.02 78.10 -42.03
C LYS A 625 20.71 77.82 -43.37
N MET A 626 20.68 76.57 -43.86
CA MET A 626 21.05 76.25 -45.24
C MET A 626 20.05 76.75 -46.29
N GLU A 627 18.85 77.13 -45.85
CA GLU A 627 17.79 77.70 -46.68
C GLU A 627 17.77 79.25 -46.58
N GLU A 628 18.05 79.80 -45.38
CA GLU A 628 18.34 81.21 -45.14
C GLU A 628 19.58 81.73 -45.82
N ILE A 629 20.69 80.94 -45.89
CA ILE A 629 21.81 81.28 -46.76
C ILE A 629 21.57 80.69 -48.16
N GLY A 630 20.28 80.67 -48.55
CA GLY A 630 19.75 80.70 -49.90
C GLY A 630 19.01 82.00 -50.12
N ARG A 631 18.85 82.84 -49.06
CA ARG A 631 18.43 84.24 -49.13
C ARG A 631 19.65 85.14 -49.01
N ILE A 632 19.64 86.13 -48.08
CA ILE A 632 20.63 87.16 -47.74
C ILE A 632 21.16 88.05 -48.87
N SER A 633 21.40 87.52 -50.06
CA SER A 633 21.86 88.26 -51.23
C SER A 633 20.75 89.08 -51.89
N ILE A 634 19.98 89.84 -51.08
CA ILE A 634 18.91 90.73 -51.53
C ILE A 634 18.88 92.08 -50.84
N GLU A 635 19.72 92.38 -49.82
CA GLU A 635 19.43 93.44 -48.86
C GLU A 635 19.22 94.91 -49.27
N MET A 636 18.60 95.66 -48.33
CA MET A 636 17.87 96.88 -48.61
C MET A 636 18.60 98.22 -48.47
N HIS A 637 19.93 98.26 -48.25
CA HIS A 637 20.67 99.44 -48.70
C HIS A 637 20.85 99.30 -50.21
N GLY A 638 21.94 98.64 -50.62
CA GLY A 638 22.25 98.42 -52.03
C GLY A 638 22.90 97.08 -52.15
N THR A 639 22.27 96.08 -51.52
CA THR A 639 22.53 94.65 -51.67
C THR A 639 23.80 94.05 -51.10
N LEU A 640 24.90 94.81 -50.87
CA LEU A 640 26.18 94.29 -50.38
C LEU A 640 26.47 94.70 -48.94
N GLU A 641 26.31 95.97 -48.59
CA GLU A 641 26.64 96.52 -47.27
C GLU A 641 25.95 95.82 -46.10
N ASP A 642 24.64 95.57 -46.21
CA ASP A 642 23.81 94.94 -45.18
C ASP A 642 23.87 93.41 -45.22
N GLN A 643 24.19 92.83 -46.38
CA GLN A 643 24.26 91.39 -46.65
C GLN A 643 25.18 90.61 -45.70
N LEU A 644 26.44 91.08 -45.63
CA LEU A 644 27.55 90.57 -44.85
C LEU A 644 27.28 90.70 -43.35
N ASN A 645 26.57 91.77 -42.94
CA ASN A 645 26.00 91.99 -41.62
C ASN A 645 25.11 90.82 -41.18
N HIS A 646 24.13 90.38 -41.99
CA HIS A 646 23.40 89.17 -41.70
C HIS A 646 24.26 87.91 -41.70
N LEU A 647 25.34 87.81 -42.50
CA LEU A 647 26.28 86.72 -42.39
C LEU A 647 27.07 86.67 -41.08
N ARG A 648 27.46 87.81 -40.46
CA ARG A 648 28.13 87.81 -39.17
C ARG A 648 27.11 87.60 -38.06
N GLN A 649 25.83 87.97 -38.35
CA GLN A 649 24.69 87.53 -37.55
C GLN A 649 24.58 86.01 -37.55
N TYR A 650 24.40 85.34 -38.69
CA TYR A 650 24.23 83.90 -38.72
C TYR A 650 25.45 83.10 -38.31
N GLU A 651 26.68 83.61 -38.51
CA GLU A 651 27.90 83.08 -37.91
C GLU A 651 27.84 83.07 -36.37
N LYS A 652 27.41 84.19 -35.77
CA LYS A 652 27.11 84.29 -34.34
C LYS A 652 26.02 83.33 -33.92
N SER A 653 24.87 83.29 -34.62
CA SER A 653 23.80 82.28 -34.47
C SER A 653 24.30 80.84 -34.36
N ILE A 654 25.18 80.38 -35.28
CA ILE A 654 25.77 79.05 -35.24
C ILE A 654 26.60 78.78 -33.99
N VAL A 655 27.55 79.67 -33.61
CA VAL A 655 28.34 79.48 -32.38
C VAL A 655 27.50 79.69 -31.12
N ASN A 656 26.33 80.36 -31.23
CA ASN A 656 25.30 80.44 -30.19
C ASN A 656 24.34 79.24 -30.29
N TYR A 657 24.90 78.07 -30.65
CA TYR A 657 24.16 76.85 -30.79
C TYR A 657 25.14 75.74 -30.57
N LYS A 658 26.26 75.74 -31.34
CA LYS A 658 27.33 74.76 -31.32
C LYS A 658 27.63 74.03 -29.98
N PRO A 659 27.71 74.59 -28.77
CA PRO A 659 27.87 73.76 -27.57
C PRO A 659 26.76 72.74 -27.29
N LYS A 660 25.60 72.76 -27.98
CA LYS A 660 24.63 71.67 -27.98
C LYS A 660 25.10 70.47 -28.77
N ILE A 661 25.69 70.68 -29.97
CA ILE A 661 26.31 69.65 -30.82
C ILE A 661 27.35 68.93 -30.02
N ASP A 662 28.28 69.69 -29.42
CA ASP A 662 29.26 69.26 -28.45
C ASP A 662 28.70 68.58 -27.19
N GLN A 663 27.37 68.66 -26.91
CA GLN A 663 26.67 67.81 -25.95
C GLN A 663 26.19 66.52 -26.60
N LEU A 664 25.51 66.55 -27.76
CA LEU A 664 25.04 65.36 -28.48
C LEU A 664 26.14 64.36 -28.85
N GLU A 665 27.37 64.86 -29.08
CA GLU A 665 28.61 64.07 -29.20
C GLU A 665 28.90 63.10 -28.01
N GLY A 666 28.34 63.38 -26.81
CA GLY A 666 28.47 62.62 -25.56
C GLY A 666 27.18 61.95 -25.16
N ASP A 667 26.01 62.46 -25.64
CA ASP A 667 24.76 61.69 -25.69
C ASP A 667 24.96 60.35 -26.40
N HIS A 668 25.71 60.45 -27.52
CA HIS A 668 26.27 59.39 -28.32
C HIS A 668 27.18 58.50 -27.51
N GLN A 669 28.23 59.03 -26.82
CA GLN A 669 29.11 58.23 -25.95
C GLN A 669 28.34 57.37 -24.96
N GLN A 670 27.44 57.97 -24.15
CA GLN A 670 26.50 57.33 -23.21
C GLN A 670 25.77 56.11 -23.76
N ILE A 671 25.06 56.28 -24.89
CA ILE A 671 24.27 55.28 -25.60
C ILE A 671 25.11 54.15 -26.12
N GLN A 672 26.35 54.43 -26.50
CA GLN A 672 27.25 53.42 -26.98
C GLN A 672 27.85 52.53 -25.90
N GLU A 673 27.82 52.90 -24.60
CA GLU A 673 28.27 52.00 -23.54
C GLU A 673 27.23 51.10 -22.89
N ALA A 674 25.94 51.25 -23.20
CA ALA A 674 24.88 50.48 -22.59
C ALA A 674 24.27 49.52 -23.59
N LEU A 675 24.99 49.16 -24.68
CA LEU A 675 24.61 48.18 -25.66
C LEU A 675 23.20 48.40 -26.23
N ILE A 676 22.86 49.67 -26.55
CA ILE A 676 21.67 50.03 -27.30
C ILE A 676 22.14 50.94 -28.42
N PHE A 677 21.88 50.56 -29.68
CA PHE A 677 22.44 51.21 -30.84
C PHE A 677 21.32 51.82 -31.65
N ASP A 678 20.05 51.43 -31.37
CA ASP A 678 18.91 51.75 -32.19
C ASP A 678 18.09 52.97 -31.72
N ASN A 679 17.79 53.92 -32.64
CA ASN A 679 16.89 55.02 -32.35
C ASN A 679 15.70 55.08 -33.32
N LYS A 680 14.55 54.54 -32.88
CA LYS A 680 13.28 54.63 -33.56
C LYS A 680 12.43 55.84 -33.15
N HIS A 681 13.04 56.98 -32.72
CA HIS A 681 12.34 58.24 -32.51
C HIS A 681 12.82 59.28 -33.49
N THR A 682 14.01 59.09 -34.08
CA THR A 682 14.63 60.03 -35.02
C THR A 682 14.82 59.38 -36.36
N ASN A 683 14.67 60.17 -37.44
CA ASN A 683 15.02 59.78 -38.80
C ASN A 683 16.29 60.51 -39.20
N TYR A 684 17.18 60.76 -38.21
CA TYR A 684 18.39 61.55 -38.44
C TYR A 684 19.66 60.82 -38.02
N THR A 685 19.69 60.16 -36.85
CA THR A 685 20.89 59.47 -36.31
C THR A 685 21.91 60.45 -35.77
N MET A 686 23.10 59.98 -35.34
CA MET A 686 24.18 60.88 -34.99
C MET A 686 24.87 61.48 -36.20
N GLU A 687 25.45 60.68 -37.13
CA GLU A 687 26.22 61.23 -38.23
C GLU A 687 25.55 62.27 -39.11
N HIS A 688 24.26 62.15 -39.54
CA HIS A 688 23.70 63.26 -40.35
C HIS A 688 23.44 64.55 -39.58
N ILE A 689 23.52 64.53 -38.23
CA ILE A 689 23.61 65.77 -37.45
C ILE A 689 25.02 66.32 -37.67
N ARG A 690 26.09 65.56 -37.30
CA ARG A 690 27.49 65.91 -37.50
C ARG A 690 27.88 66.37 -38.88
N VAL A 691 27.72 65.51 -39.91
CA VAL A 691 28.15 65.80 -41.26
C VAL A 691 27.37 66.96 -41.84
N GLY A 692 26.08 67.13 -41.42
CA GLY A 692 25.30 68.35 -41.64
C GLY A 692 25.94 69.59 -41.04
N TRP A 693 26.33 69.52 -39.75
CA TRP A 693 27.06 70.53 -39.00
C TRP A 693 28.48 70.88 -39.53
N GLU A 694 29.33 69.90 -39.92
CA GLU A 694 30.63 70.18 -40.57
C GLU A 694 30.45 70.79 -41.98
N GLN A 695 29.40 70.33 -42.71
CA GLN A 695 28.95 70.97 -43.94
C GLN A 695 28.50 72.41 -43.67
N LEU A 696 27.71 72.66 -42.61
CA LEU A 696 27.23 73.96 -42.13
C LEU A 696 28.34 74.99 -41.83
N LEU A 697 29.45 74.58 -41.16
CA LEU A 697 30.64 75.39 -40.96
C LEU A 697 31.38 75.69 -42.28
N THR A 698 31.20 74.85 -43.31
CA THR A 698 31.62 75.16 -44.70
C THR A 698 30.80 76.28 -45.33
N THR A 699 29.51 76.42 -44.93
CA THR A 699 28.59 77.41 -45.50
C THR A 699 28.76 78.80 -44.89
N ILE A 700 28.98 78.92 -43.56
CA ILE A 700 29.42 80.21 -43.02
C ILE A 700 30.82 80.62 -43.48
N ALA A 701 31.76 79.66 -43.64
CA ALA A 701 33.09 79.96 -44.11
C ALA A 701 33.17 80.35 -45.59
N ARG A 702 32.49 79.63 -46.51
CA ARG A 702 32.53 79.97 -47.92
C ARG A 702 31.61 81.11 -48.26
N THR A 703 30.37 81.17 -47.74
CA THR A 703 29.54 82.36 -48.01
C THR A 703 30.19 83.66 -47.53
N ILE A 704 31.07 83.63 -46.50
CA ILE A 704 31.88 84.82 -46.13
C ILE A 704 33.06 84.99 -47.08
N ASN A 705 33.84 83.93 -47.37
CA ASN A 705 34.97 83.93 -48.28
C ASN A 705 34.59 84.41 -49.69
N GLU A 706 33.48 83.91 -50.25
CA GLU A 706 32.87 84.38 -51.47
C GLU A 706 32.35 85.80 -51.35
N VAL A 707 31.68 86.21 -50.26
CA VAL A 707 31.27 87.59 -50.05
C VAL A 707 32.41 88.59 -49.94
N GLU A 708 33.52 88.32 -49.19
CA GLU A 708 34.82 89.03 -49.27
C GLU A 708 35.55 88.72 -50.59
N ASN A 709 34.80 88.92 -51.67
CA ASN A 709 35.13 88.96 -53.06
C ASN A 709 33.99 89.76 -53.72
N GLN A 710 32.70 89.43 -53.50
CA GLN A 710 31.57 90.20 -54.02
C GLN A 710 31.49 91.71 -53.75
N ILE A 711 31.42 92.11 -52.47
CA ILE A 711 31.44 93.51 -52.05
C ILE A 711 32.75 94.18 -52.44
N LEU A 712 33.83 93.38 -52.45
CA LEU A 712 35.15 93.81 -52.84
C LEU A 712 35.39 94.05 -54.35
N THR A 713 34.58 93.46 -55.26
CA THR A 713 34.85 93.39 -56.70
C THR A 713 33.91 94.23 -57.53
N ARG A 714 32.58 94.24 -57.24
CA ARG A 714 31.54 94.59 -58.19
C ARG A 714 31.44 96.06 -58.59
N ASP A 715 32.23 96.44 -59.61
CA ASP A 715 32.45 97.79 -60.03
C ASP A 715 31.62 98.18 -61.26
N ALA A 716 30.29 97.94 -61.10
CA ALA A 716 29.23 98.36 -62.00
C ALA A 716 28.95 97.29 -63.10
N LYS A 717 28.10 97.48 -64.14
CA LYS A 717 27.37 98.69 -64.49
C LYS A 717 26.34 99.09 -63.45
N GLY A 718 25.77 100.32 -63.56
CA GLY A 718 25.01 100.91 -62.47
C GLY A 718 23.67 101.39 -62.93
N ILE A 719 23.07 102.30 -62.15
CA ILE A 719 21.83 103.03 -62.44
C ILE A 719 22.32 104.47 -62.46
N SER A 720 21.72 105.36 -63.30
CA SER A 720 22.25 106.67 -63.69
C SER A 720 23.45 106.47 -64.62
N GLN A 721 23.34 105.53 -65.58
CA GLN A 721 24.34 104.48 -65.70
C GLN A 721 25.63 104.80 -66.43
N GLU A 722 25.64 105.82 -67.32
CA GLU A 722 26.85 106.31 -67.95
C GLU A 722 27.56 107.31 -67.04
N GLN A 723 26.83 108.14 -66.27
CA GLN A 723 27.46 109.05 -65.33
C GLN A 723 27.89 108.40 -64.04
N MET A 724 27.10 107.46 -63.46
CA MET A 724 27.49 106.70 -62.28
C MET A 724 28.74 105.86 -62.55
N ASN A 725 28.93 105.38 -63.81
CA ASN A 725 30.09 104.59 -64.19
C ASN A 725 31.39 105.33 -64.13
N GLU A 726 31.38 106.63 -64.48
CA GLU A 726 32.56 107.46 -64.54
C GLU A 726 33.07 107.84 -63.16
N PHE A 727 32.20 108.35 -62.26
CA PHE A 727 32.57 108.58 -60.87
C PHE A 727 33.02 107.30 -60.18
N ARG A 728 32.41 106.15 -60.50
CA ARG A 728 32.87 104.83 -60.08
C ARG A 728 34.25 104.47 -60.63
N ALA A 729 34.57 104.82 -61.89
CA ALA A 729 35.86 104.59 -62.52
C ALA A 729 36.93 105.40 -61.84
N SER A 730 36.56 106.63 -61.43
CA SER A 730 37.36 107.56 -60.63
C SER A 730 37.69 107.09 -59.22
N PHE A 731 36.89 106.16 -58.65
CA PHE A 731 37.00 105.62 -57.31
C PHE A 731 37.94 104.40 -57.25
N ASN A 732 38.14 103.65 -58.35
CA ASN A 732 38.96 102.44 -58.35
C ASN A 732 40.45 102.75 -58.21
N HIS A 733 40.85 104.02 -58.37
CA HIS A 733 42.21 104.47 -58.10
C HIS A 733 42.47 104.66 -56.64
N PHE A 734 41.41 104.66 -55.83
CA PHE A 734 41.49 104.89 -54.41
C PHE A 734 40.90 103.76 -53.60
N ASP A 735 40.06 102.87 -54.20
CA ASP A 735 40.04 101.45 -53.82
C ASP A 735 41.40 100.78 -54.10
N ARG A 736 42.43 101.18 -53.34
CA ARG A 736 43.72 100.49 -53.25
C ARG A 736 43.63 99.54 -52.07
N LYS A 737 42.42 99.46 -51.49
CA LYS A 737 42.01 98.46 -50.53
C LYS A 737 41.27 97.30 -51.20
N LYS A 738 40.51 97.57 -52.29
CA LYS A 738 39.69 96.61 -53.01
C LYS A 738 38.43 96.23 -52.22
N THR A 739 37.70 97.26 -51.73
CA THR A 739 36.54 97.14 -50.86
C THR A 739 35.29 97.77 -51.41
N GLY A 740 35.36 99.01 -51.95
CA GLY A 740 34.23 99.93 -52.06
C GLY A 740 34.29 101.01 -51.01
N MET A 741 35.53 101.47 -50.66
CA MET A 741 35.86 102.42 -49.61
C MET A 741 37.30 102.90 -49.82
N MET A 742 37.50 104.23 -50.02
CA MET A 742 38.84 104.81 -49.97
C MET A 742 39.07 105.48 -48.62
N ASP A 743 40.29 106.00 -48.33
CA ASP A 743 40.55 106.77 -47.11
C ASP A 743 40.05 108.22 -47.25
N CYS A 744 40.01 109.01 -46.15
CA CYS A 744 39.51 110.39 -46.21
C CYS A 744 40.49 111.32 -46.89
N GLU A 745 41.79 110.98 -46.85
CA GLU A 745 42.89 111.57 -47.60
C GLU A 745 42.67 111.52 -49.12
N ASP A 746 42.14 110.38 -49.59
CA ASP A 746 41.97 110.13 -51.00
C ASP A 746 40.71 110.74 -51.65
N PHE A 747 39.79 111.46 -50.95
CA PHE A 747 38.68 112.23 -51.57
C PHE A 747 39.21 113.35 -52.48
N ARG A 748 40.23 114.07 -51.95
CA ARG A 748 41.04 115.10 -52.58
C ARG A 748 42.04 114.51 -53.58
N ALA A 749 42.13 113.17 -53.65
CA ALA A 749 42.79 112.47 -54.70
C ALA A 749 41.78 112.09 -55.78
N CYS A 750 40.49 111.92 -55.43
CA CYS A 750 39.42 111.49 -56.31
C CYS A 750 38.90 112.63 -57.16
N LEU A 751 38.97 113.88 -56.64
CA LEU A 751 38.63 115.05 -57.43
C LEU A 751 39.60 115.27 -58.57
N ILE A 752 40.92 115.03 -58.33
CA ILE A 752 41.92 115.00 -59.38
C ILE A 752 42.09 113.63 -60.05
N SER A 753 41.18 112.65 -59.81
CA SER A 753 41.11 111.40 -60.57
C SER A 753 40.33 111.69 -61.83
N MET A 754 39.25 112.47 -61.64
CA MET A 754 38.60 113.27 -62.67
C MET A 754 39.56 114.32 -63.23
N GLY A 755 39.84 115.41 -62.48
CA GLY A 755 40.83 116.37 -62.95
C GLY A 755 41.06 117.61 -62.10
N TYR A 756 40.02 118.17 -61.47
CA TYR A 756 40.03 119.55 -61.00
C TYR A 756 40.15 119.69 -59.48
N ASN A 757 41.37 119.93 -58.94
CA ASN A 757 41.52 120.32 -57.53
C ASN A 757 42.28 121.63 -57.32
N MET A 758 41.91 122.36 -56.25
CA MET A 758 42.52 123.64 -55.86
C MET A 758 43.13 123.59 -54.46
N GLY A 759 42.52 122.90 -53.47
CA GLY A 759 43.18 122.79 -52.17
C GLY A 759 42.33 122.20 -51.07
N GLU A 760 42.99 122.09 -49.90
CA GLU A 760 42.57 121.57 -48.61
C GLU A 760 41.14 121.83 -48.20
N ALA A 761 40.63 123.04 -48.43
CA ALA A 761 39.39 123.59 -47.89
C ALA A 761 38.12 122.77 -48.11
N GLU A 762 37.97 122.13 -49.28
CA GLU A 762 36.78 121.40 -49.65
C GLU A 762 36.71 120.01 -49.03
N PHE A 763 37.82 119.23 -49.06
CA PHE A 763 37.88 117.99 -48.29
C PHE A 763 37.75 118.30 -46.80
N ALA A 764 38.48 119.30 -46.29
CA ALA A 764 38.38 119.78 -44.92
C ALA A 764 37.01 120.24 -44.43
N ARG A 765 36.18 120.82 -45.32
CA ARG A 765 34.82 121.27 -45.05
C ARG A 765 33.85 120.10 -45.00
N ILE A 766 33.93 119.24 -46.02
CA ILE A 766 33.00 118.15 -46.32
C ILE A 766 33.26 116.93 -45.46
N MET A 767 34.52 116.69 -45.02
CA MET A 767 34.82 115.55 -44.16
C MET A 767 34.03 115.48 -42.85
N SER A 768 33.63 116.63 -42.26
CA SER A 768 32.80 116.75 -41.07
C SER A 768 31.47 116.00 -41.12
N ILE A 769 30.81 116.03 -42.30
CA ILE A 769 29.50 115.48 -42.52
C ILE A 769 29.60 114.14 -43.24
N VAL A 770 30.76 113.87 -43.87
CA VAL A 770 31.12 112.61 -44.50
C VAL A 770 31.80 111.65 -43.51
N ASP A 771 32.08 112.04 -42.23
CA ASP A 771 32.36 111.06 -41.18
C ASP A 771 31.80 111.44 -39.79
N PRO A 772 30.47 111.51 -39.57
CA PRO A 772 29.90 111.58 -38.23
C PRO A 772 29.94 110.22 -37.56
N ASN A 773 30.36 109.17 -38.30
CA ASN A 773 30.48 107.78 -37.92
C ASN A 773 31.70 107.59 -37.04
N ARG A 774 32.72 108.45 -37.23
CA ARG A 774 33.99 108.50 -36.52
C ARG A 774 34.83 107.26 -36.92
N MET A 775 35.00 107.09 -38.24
CA MET A 775 35.66 105.98 -38.87
C MET A 775 36.96 106.41 -39.53
N GLY A 776 36.93 107.52 -40.29
CA GLY A 776 38.07 108.04 -41.08
C GLY A 776 38.24 107.40 -42.44
N VAL A 777 37.21 106.70 -42.93
CA VAL A 777 37.28 105.89 -44.15
C VAL A 777 35.96 106.14 -44.87
N VAL A 778 35.94 106.45 -46.19
CA VAL A 778 34.75 106.94 -46.89
C VAL A 778 34.20 105.91 -47.87
N THR A 779 32.95 105.44 -47.66
CA THR A 779 32.33 104.40 -48.50
C THR A 779 32.00 104.92 -49.88
N PHE A 780 32.00 104.06 -50.94
CA PHE A 780 31.59 104.39 -52.31
C PHE A 780 30.31 105.24 -52.42
N GLN A 781 29.35 105.04 -51.51
CA GLN A 781 28.13 105.78 -51.27
C GLN A 781 28.25 107.24 -50.84
N ALA A 782 29.16 107.60 -49.92
CA ALA A 782 29.35 109.00 -49.53
C ALA A 782 30.11 109.84 -50.59
N PHE A 783 30.61 109.15 -51.63
CA PHE A 783 31.09 109.79 -52.85
C PHE A 783 30.00 109.81 -53.92
N ILE A 784 28.77 109.35 -53.62
CA ILE A 784 27.61 109.61 -54.47
C ILE A 784 26.82 110.84 -54.04
N ASP A 785 26.61 111.12 -52.72
CA ASP A 785 25.71 112.20 -52.31
C ASP A 785 26.18 113.62 -52.61
N PHE A 786 27.51 113.86 -52.64
CA PHE A 786 28.07 115.17 -52.96
C PHE A 786 27.83 115.59 -54.42
N MET A 787 27.64 114.60 -55.32
CA MET A 787 27.31 114.82 -56.72
C MET A 787 25.95 115.47 -56.91
N SER A 788 24.85 114.85 -56.39
CA SER A 788 23.49 115.39 -56.43
C SER A 788 23.29 116.44 -55.35
N ARG A 789 24.13 117.48 -55.41
CA ARG A 789 24.27 118.51 -54.42
C ARG A 789 25.00 119.68 -55.07
N GLU A 790 26.11 119.40 -55.80
CA GLU A 790 26.80 120.36 -56.64
C GLU A 790 26.00 120.52 -57.93
N THR A 791 25.45 119.40 -58.45
CA THR A 791 24.51 119.33 -59.57
C THR A 791 23.09 119.65 -59.14
N ALA A 792 22.86 119.94 -57.83
CA ALA A 792 21.56 120.48 -57.44
C ALA A 792 21.40 121.95 -57.86
N ASP A 793 20.69 122.12 -59.00
CA ASP A 793 20.38 123.36 -59.71
C ASP A 793 21.53 123.80 -60.63
N THR A 794 22.33 122.83 -61.13
CA THR A 794 23.43 123.03 -62.08
C THR A 794 23.66 121.72 -62.85
N ASP A 795 22.78 121.40 -63.83
CA ASP A 795 22.68 120.10 -64.46
C ASP A 795 22.69 120.13 -66.01
N THR A 796 21.94 119.20 -66.65
CA THR A 796 21.79 119.14 -68.12
C THR A 796 20.33 118.98 -68.55
N ALA A 797 19.33 118.85 -67.64
CA ALA A 797 17.92 118.67 -67.98
C ALA A 797 17.11 119.97 -67.89
N ASP A 798 16.90 120.56 -66.68
CA ASP A 798 16.17 121.82 -66.52
C ASP A 798 17.00 123.03 -66.98
N GLN A 799 18.34 122.91 -66.88
CA GLN A 799 19.30 123.62 -67.73
C GLN A 799 18.90 123.77 -69.21
N VAL A 800 18.58 122.64 -69.89
CA VAL A 800 18.23 122.61 -71.31
C VAL A 800 16.90 123.27 -71.61
N MET A 801 15.88 123.11 -70.74
CA MET A 801 14.59 123.78 -70.72
C MET A 801 14.62 125.30 -70.84
N ALA A 802 15.54 125.98 -70.11
CA ALA A 802 15.73 127.42 -70.22
C ALA A 802 16.11 127.86 -71.64
N SER A 803 17.03 127.08 -72.24
CA SER A 803 17.63 127.34 -73.53
C SER A 803 16.75 127.06 -74.73
N PHE A 804 15.85 126.07 -74.72
CA PHE A 804 14.82 125.90 -75.72
C PHE A 804 13.72 126.96 -75.63
N LYS A 805 13.22 127.33 -74.40
CA LYS A 805 12.18 128.34 -74.18
C LYS A 805 12.26 129.59 -75.04
N ILE A 806 13.46 130.15 -75.24
CA ILE A 806 13.74 131.34 -76.03
C ILE A 806 13.22 131.22 -77.47
N LEU A 807 13.25 130.00 -78.08
CA LEU A 807 12.79 129.78 -79.44
C LEU A 807 11.26 129.92 -79.55
N ALA A 808 10.54 129.60 -78.47
CA ALA A 808 9.10 129.78 -78.38
C ALA A 808 8.67 131.23 -78.22
N GLY A 809 9.65 132.15 -78.04
CA GLY A 809 9.45 133.52 -77.60
C GLY A 809 9.07 133.55 -76.14
N ASP A 810 9.79 132.74 -75.34
CA ASP A 810 9.61 132.56 -73.91
C ASP A 810 8.23 132.01 -73.50
N LYS A 811 7.69 131.03 -74.26
CA LYS A 811 6.40 130.38 -73.98
C LYS A 811 6.59 128.91 -73.56
N ASN A 812 5.70 128.01 -74.05
CA ASN A 812 5.62 126.61 -73.69
C ASN A 812 5.82 125.66 -74.87
N TYR A 813 5.39 125.99 -76.10
CA TYR A 813 5.50 125.10 -77.26
C TYR A 813 6.73 125.41 -78.15
N ILE A 814 6.92 124.72 -79.29
CA ILE A 814 7.89 125.09 -80.32
C ILE A 814 7.44 124.64 -81.70
N THR A 815 7.46 125.51 -82.73
CA THR A 815 6.99 125.15 -84.09
C THR A 815 8.05 124.41 -84.91
N VAL A 816 7.68 123.50 -85.85
CA VAL A 816 8.61 122.73 -86.69
C VAL A 816 9.50 123.60 -87.56
N ASP A 817 8.94 124.36 -88.53
CA ASP A 817 9.67 125.29 -89.39
C ASP A 817 10.18 126.55 -88.65
N GLU A 818 10.53 126.38 -87.37
CA GLU A 818 11.01 127.34 -86.43
C GLU A 818 12.10 126.63 -85.60
N LEU A 819 11.85 125.39 -85.13
CA LEU A 819 12.85 124.50 -84.53
C LEU A 819 13.83 123.96 -85.57
N ARG A 820 13.35 123.57 -86.76
CA ARG A 820 14.10 123.04 -87.89
C ARG A 820 14.65 124.18 -88.73
N ARG A 821 14.93 125.31 -88.05
CA ARG A 821 15.54 126.52 -88.56
C ARG A 821 16.80 126.76 -87.77
N GLU A 822 16.73 126.65 -86.43
CA GLU A 822 17.92 126.76 -85.60
C GLU A 822 18.82 125.54 -85.68
N LEU A 823 18.27 124.32 -85.60
CA LEU A 823 19.08 123.15 -85.36
C LEU A 823 19.75 122.63 -86.66
N PRO A 824 20.98 122.11 -86.64
CA PRO A 824 21.61 121.39 -87.75
C PRO A 824 20.89 120.10 -88.06
N PRO A 825 21.08 119.40 -89.20
CA PRO A 825 20.12 118.43 -89.74
C PRO A 825 19.99 117.19 -88.91
N ASP A 826 20.87 117.00 -87.94
CA ASP A 826 20.95 115.86 -87.07
C ASP A 826 19.91 116.01 -86.01
N GLN A 827 20.07 117.04 -85.15
CA GLN A 827 19.14 117.33 -84.10
C GLN A 827 17.76 117.67 -84.69
N ALA A 828 17.71 118.66 -85.60
CA ALA A 828 16.54 119.14 -86.30
C ALA A 828 15.53 118.12 -86.81
N GLU A 829 15.93 117.29 -87.78
CA GLU A 829 15.06 116.33 -88.44
C GLU A 829 14.70 115.22 -87.46
N TYR A 830 15.65 114.80 -86.60
CA TYR A 830 15.47 113.80 -85.54
C TYR A 830 14.45 114.23 -84.49
N CYS A 831 14.44 115.52 -84.11
CA CYS A 831 13.52 116.13 -83.15
C CYS A 831 12.05 115.91 -83.48
N ILE A 832 11.64 115.97 -84.75
CA ILE A 832 10.26 115.76 -85.19
C ILE A 832 9.77 114.34 -84.91
N ALA A 833 10.69 113.35 -84.86
CA ALA A 833 10.39 112.02 -84.35
C ALA A 833 10.60 111.95 -82.84
N ARG A 834 11.65 112.62 -82.33
CA ARG A 834 12.08 112.56 -80.93
C ARG A 834 11.22 113.29 -79.92
N MET A 835 10.69 114.50 -80.20
CA MET A 835 9.88 115.20 -79.21
C MET A 835 8.43 114.74 -79.24
N ALA A 836 7.60 115.32 -78.35
CA ALA A 836 6.18 114.98 -78.25
C ALA A 836 5.32 116.20 -78.58
N PRO A 837 4.01 116.09 -78.80
CA PRO A 837 3.20 117.23 -79.23
C PRO A 837 2.84 118.23 -78.12
N TYR A 838 2.20 119.36 -78.53
CA TYR A 838 1.88 120.56 -77.75
C TYR A 838 0.72 120.53 -76.74
N ASN A 839 0.26 119.36 -76.30
CA ASN A 839 -1.12 119.03 -75.89
C ASN A 839 -1.91 119.97 -74.98
N GLY A 840 -2.83 120.72 -75.63
CA GLY A 840 -3.81 121.58 -74.98
C GLY A 840 -4.88 121.90 -75.98
N ARG A 841 -5.53 123.07 -75.88
CA ARG A 841 -6.59 123.46 -76.81
C ARG A 841 -6.01 124.31 -77.92
N ASP A 842 -5.01 125.12 -77.57
CA ASP A 842 -4.62 126.38 -78.17
C ASP A 842 -3.76 126.22 -79.45
N ALA A 843 -4.20 125.34 -80.38
CA ALA A 843 -3.44 124.83 -81.51
C ALA A 843 -2.95 125.79 -82.59
N VAL A 844 -1.62 125.87 -82.81
CA VAL A 844 -1.03 126.47 -83.99
C VAL A 844 -0.77 125.37 -85.01
N PRO A 845 -0.57 125.61 -86.31
CA PRO A 845 -0.41 124.54 -87.28
C PRO A 845 0.99 123.93 -87.29
N GLY A 846 1.39 123.23 -86.20
CA GLY A 846 2.56 122.37 -86.21
C GLY A 846 3.48 122.65 -85.07
N ALA A 847 2.96 122.58 -83.83
CA ALA A 847 3.76 122.71 -82.62
C ALA A 847 4.04 121.39 -81.93
N LEU A 848 5.30 121.20 -81.50
CA LEU A 848 5.70 120.18 -80.55
C LEU A 848 6.04 120.86 -79.25
N ASP A 849 6.41 120.05 -78.25
CA ASP A 849 6.94 120.47 -76.99
C ASP A 849 8.46 120.18 -76.96
N TYR A 850 9.22 121.08 -76.28
CA TYR A 850 10.67 121.03 -76.08
C TYR A 850 11.04 120.43 -74.73
N MET A 851 10.11 120.44 -73.76
CA MET A 851 10.27 119.84 -72.45
C MET A 851 10.44 118.35 -72.60
N SER A 852 9.51 117.72 -73.33
CA SER A 852 9.55 116.35 -73.80
C SER A 852 10.87 115.83 -74.32
N PHE A 853 11.64 116.54 -75.16
CA PHE A 853 12.92 116.03 -75.65
C PHE A 853 13.95 115.89 -74.53
N SER A 854 14.17 116.99 -73.79
CA SER A 854 14.97 117.07 -72.58
C SER A 854 14.61 116.01 -71.55
N THR A 855 13.30 115.91 -71.21
CA THR A 855 12.74 114.82 -70.36
C THR A 855 13.09 113.44 -70.90
N ALA A 856 12.79 113.18 -72.19
CA ALA A 856 12.96 111.89 -72.80
C ALA A 856 14.40 111.56 -73.15
N LEU A 857 15.40 112.43 -72.88
CA LEU A 857 16.80 112.21 -73.16
C LEU A 857 17.71 112.21 -71.94
N TYR A 858 17.42 112.98 -70.87
CA TYR A 858 17.99 112.79 -69.53
C TYR A 858 16.95 112.15 -68.65
N GLY A 859 16.68 110.86 -68.87
CA GLY A 859 15.56 110.18 -68.28
C GLY A 859 15.56 108.75 -68.71
N GLU A 860 16.20 107.88 -67.89
CA GLU A 860 16.29 106.46 -68.15
C GLU A 860 15.00 105.83 -67.58
N SER A 861 14.60 104.62 -68.02
CA SER A 861 13.36 103.97 -67.59
C SER A 861 13.58 103.11 -66.34
N ASP A 862 14.37 103.65 -65.41
CA ASP A 862 15.15 102.95 -64.41
C ASP A 862 15.94 104.10 -63.81
N LEU A 863 15.69 104.54 -62.56
CA LEU A 863 16.41 105.65 -61.96
C LEU A 863 15.96 105.85 -60.49
N LEU B 1 21.33 107.18 -95.68
CA LEU B 1 20.69 108.42 -95.19
C LEU B 1 21.64 109.61 -95.26
N ASP B 2 22.34 109.75 -96.40
CA ASP B 2 23.78 109.89 -96.37
C ASP B 2 24.35 111.31 -96.45
N PRO B 3 24.08 112.08 -97.51
CA PRO B 3 25.03 113.08 -98.01
C PRO B 3 26.51 112.72 -98.25
N ALA B 4 27.13 111.93 -97.39
CA ALA B 4 28.48 111.44 -97.47
C ALA B 4 28.85 110.65 -98.71
N TRP B 5 29.53 111.30 -99.67
CA TRP B 5 30.16 110.71 -100.83
C TRP B 5 31.64 110.55 -100.55
N GLU B 6 32.12 109.31 -100.28
CA GLU B 6 33.53 108.95 -100.16
C GLU B 6 34.43 109.11 -101.41
N LYS B 7 34.05 110.04 -102.30
CA LYS B 7 34.62 110.46 -103.57
C LYS B 7 35.00 111.92 -103.50
N GLN B 8 34.16 112.74 -102.81
CA GLN B 8 34.40 114.14 -102.49
C GLN B 8 35.35 114.20 -101.32
N GLN B 9 35.00 113.50 -100.22
CA GLN B 9 35.73 113.33 -98.97
C GLN B 9 37.10 112.65 -99.10
N ARG B 10 37.91 113.10 -100.07
CA ARG B 10 39.28 112.74 -100.28
C ARG B 10 40.01 114.00 -100.66
N LYS B 11 39.37 114.84 -101.51
CA LYS B 11 39.82 116.17 -101.88
C LYS B 11 40.10 117.03 -100.64
N THR B 12 39.06 117.22 -99.80
CA THR B 12 39.16 117.86 -98.49
C THR B 12 40.19 117.28 -97.55
N PHE B 13 40.35 115.94 -97.45
CA PHE B 13 41.20 115.35 -96.43
C PHE B 13 42.68 115.46 -96.80
N THR B 14 42.97 115.40 -98.13
CA THR B 14 44.25 115.66 -98.79
C THR B 14 44.62 117.11 -98.71
N ALA B 15 43.67 118.00 -99.07
CA ALA B 15 43.80 119.42 -98.85
C ALA B 15 44.04 119.74 -97.39
N TRP B 16 43.34 119.06 -96.45
CA TRP B 16 43.62 119.16 -95.03
C TRP B 16 45.00 118.63 -94.58
N CYS B 17 45.57 117.51 -95.11
CA CYS B 17 46.95 117.11 -94.76
C CYS B 17 48.00 118.12 -95.26
N ASN B 18 47.72 118.72 -96.44
CA ASN B 18 48.55 119.70 -97.10
C ASN B 18 48.48 121.08 -96.47
N SER B 19 47.29 121.46 -95.95
CA SER B 19 47.08 122.76 -95.30
C SER B 19 47.91 122.95 -94.05
N HIS B 20 48.02 121.90 -93.22
CA HIS B 20 48.81 121.96 -92.02
C HIS B 20 50.29 121.98 -92.30
N LEU B 21 50.73 121.31 -93.38
CA LEU B 21 52.10 121.10 -93.76
C LEU B 21 52.90 122.39 -93.91
N ARG B 22 52.36 123.36 -94.67
CA ARG B 22 52.94 124.67 -94.98
C ARG B 22 53.24 125.60 -93.82
N LYS B 23 52.82 125.22 -92.60
CA LYS B 23 53.17 125.90 -91.38
C LYS B 23 54.51 125.37 -90.85
N ALA B 24 54.64 124.03 -90.71
CA ALA B 24 55.89 123.39 -90.34
C ALA B 24 56.95 123.51 -91.43
N GLY B 25 56.62 123.20 -92.70
CA GLY B 25 57.53 123.35 -93.82
C GLY B 25 56.80 123.45 -95.13
N THR B 26 57.26 124.32 -96.07
CA THR B 26 56.49 124.61 -97.29
C THR B 26 56.69 123.62 -98.43
N GLN B 27 56.85 122.31 -98.14
CA GLN B 27 56.82 121.27 -99.14
C GLN B 27 55.35 120.85 -99.31
N ILE B 28 54.99 120.01 -100.29
CA ILE B 28 53.64 119.48 -100.46
C ILE B 28 53.76 118.04 -100.97
N GLU B 29 52.89 117.12 -100.48
CA GLU B 29 52.78 115.75 -100.93
C GLU B 29 51.30 115.43 -101.12
N ASN B 30 50.95 114.25 -101.65
CA ASN B 30 49.59 113.88 -102.01
C ASN B 30 49.22 112.60 -101.22
N ILE B 31 48.00 112.02 -101.34
CA ILE B 31 47.59 110.81 -100.60
C ILE B 31 47.07 109.72 -101.55
N GLU B 32 47.89 108.72 -101.92
CA GLU B 32 47.42 107.44 -102.49
C GLU B 32 48.05 106.24 -101.78
N GLU B 33 49.36 106.24 -101.43
CA GLU B 33 49.94 105.19 -100.60
C GLU B 33 50.00 105.68 -99.15
N ASP B 34 51.15 106.13 -98.63
CA ASP B 34 51.30 107.37 -97.84
C ASP B 34 50.72 107.45 -96.42
N PHE B 35 49.52 106.88 -96.20
CA PHE B 35 48.97 106.59 -94.88
C PHE B 35 49.32 105.17 -94.56
N ARG B 36 49.31 104.33 -95.61
CA ARG B 36 49.72 102.96 -95.58
C ARG B 36 51.10 102.81 -94.99
N ASP B 37 52.03 103.71 -95.38
CA ASP B 37 53.29 103.75 -94.68
C ASP B 37 53.27 104.35 -93.27
N GLY B 38 52.56 105.45 -93.03
CA GLY B 38 52.24 105.89 -91.67
C GLY B 38 53.31 106.75 -91.07
N LEU B 39 54.36 107.01 -91.86
CA LEU B 39 55.39 107.95 -91.46
C LEU B 39 54.86 109.36 -91.65
N LYS B 40 53.98 109.56 -92.66
CA LYS B 40 53.24 110.79 -92.87
C LYS B 40 52.26 111.04 -91.74
N LEU B 41 51.61 109.94 -91.27
CA LEU B 41 50.72 110.02 -90.13
C LEU B 41 51.47 110.35 -88.84
N MET B 42 52.70 109.84 -88.67
CA MET B 42 53.60 110.19 -87.60
C MET B 42 54.09 111.63 -87.61
N LEU B 43 54.50 112.18 -88.77
CA LEU B 43 54.89 113.57 -88.87
C LEU B 43 53.71 114.51 -88.64
N LEU B 44 52.55 114.17 -89.22
CA LEU B 44 51.28 114.84 -89.04
C LEU B 44 50.71 114.72 -87.62
N LEU B 45 51.28 113.82 -86.79
CA LEU B 45 51.03 113.72 -85.36
C LEU B 45 51.99 114.63 -84.58
N GLU B 46 53.24 114.82 -85.06
CA GLU B 46 54.20 115.77 -84.51
C GLU B 46 53.70 117.20 -84.66
N VAL B 47 53.40 117.62 -85.90
CA VAL B 47 53.10 119.00 -86.23
C VAL B 47 51.77 119.53 -85.68
N ILE B 48 50.89 118.66 -85.17
CA ILE B 48 49.67 119.00 -84.45
C ILE B 48 49.87 119.04 -82.93
N SER B 49 51.12 118.96 -82.40
CA SER B 49 51.37 119.33 -80.99
C SER B 49 52.79 119.73 -80.66
N GLY B 50 53.81 119.42 -81.48
CA GLY B 50 55.22 119.68 -81.17
C GLY B 50 55.91 118.48 -80.59
N GLU B 51 55.21 117.33 -80.52
CA GLU B 51 55.76 116.10 -79.92
C GLU B 51 56.58 115.30 -80.90
N ARG B 52 57.73 114.76 -80.48
CA ARG B 52 58.69 114.19 -81.39
C ARG B 52 58.82 112.69 -81.30
N LEU B 53 58.35 112.01 -82.35
CA LEU B 53 57.91 110.65 -82.27
C LEU B 53 58.90 109.79 -82.98
N ALA B 54 60.06 109.53 -82.37
CA ALA B 54 60.98 108.57 -82.94
C ALA B 54 60.45 107.16 -82.77
N LYS B 55 59.93 106.51 -83.85
CA LYS B 55 59.87 105.07 -83.88
C LYS B 55 61.24 104.62 -84.36
N PRO B 56 61.84 103.57 -83.85
CA PRO B 56 62.85 102.82 -84.58
C PRO B 56 62.21 102.22 -85.83
N GLU B 57 62.69 102.57 -87.05
CA GLU B 57 62.29 102.12 -88.39
C GLU B 57 61.45 103.13 -89.21
N ARG B 58 61.69 103.41 -90.54
CA ARG B 58 62.48 102.82 -91.64
C ARG B 58 61.69 101.70 -92.35
N GLY B 59 62.29 101.01 -93.35
CA GLY B 59 61.70 99.84 -94.01
C GLY B 59 60.61 100.10 -95.03
N LYS B 60 60.48 99.18 -96.02
CA LYS B 60 59.22 98.99 -96.75
C LYS B 60 58.62 97.61 -96.54
N MET B 61 59.12 96.89 -95.52
CA MET B 61 58.49 95.68 -95.07
C MET B 61 57.27 96.01 -94.24
N ARG B 62 56.21 95.17 -94.31
CA ARG B 62 54.91 95.40 -93.66
C ARG B 62 55.04 95.72 -92.18
N VAL B 63 55.82 94.91 -91.44
CA VAL B 63 56.15 95.08 -90.02
C VAL B 63 56.63 96.49 -89.64
N HIS B 64 57.46 97.11 -90.50
CA HIS B 64 58.03 98.41 -90.22
C HIS B 64 57.14 99.57 -90.64
N LYS B 65 56.09 99.33 -91.43
CA LYS B 65 55.07 100.32 -91.77
C LYS B 65 53.95 100.26 -90.75
N ILE B 66 53.42 99.04 -90.42
CA ILE B 66 52.43 98.84 -89.35
C ILE B 66 52.88 99.46 -88.06
N SER B 67 54.15 99.25 -87.64
CA SER B 67 54.88 99.98 -86.62
C SER B 67 54.61 101.46 -86.41
N ASN B 68 54.44 102.23 -87.50
CA ASN B 68 54.34 103.68 -87.50
C ASN B 68 52.88 104.12 -87.62
N VAL B 69 51.98 103.21 -88.08
CA VAL B 69 50.55 103.37 -87.83
C VAL B 69 50.21 103.01 -86.39
N ASN B 70 50.79 101.90 -85.86
CA ASN B 70 50.67 101.54 -84.46
C ASN B 70 51.08 102.66 -83.51
N LYS B 71 52.34 103.14 -83.63
CA LYS B 71 52.85 104.24 -82.81
C LYS B 71 52.16 105.56 -83.10
N ALA B 72 51.46 105.70 -84.24
CA ALA B 72 50.52 106.78 -84.43
C ALA B 72 49.28 106.60 -83.55
N LEU B 73 48.63 105.41 -83.51
CA LEU B 73 47.47 105.10 -82.67
C LEU B 73 47.68 105.46 -81.18
N ASP B 74 48.81 105.10 -80.55
CA ASP B 74 49.07 105.38 -79.14
C ASP B 74 49.04 106.87 -78.78
N PHE B 75 49.76 107.71 -79.57
CA PHE B 75 49.80 109.14 -79.30
C PHE B 75 48.51 109.87 -79.69
N ILE B 76 47.80 109.43 -80.76
CA ILE B 76 46.46 109.88 -81.16
C ILE B 76 45.39 109.56 -80.11
N ALA B 77 45.48 108.35 -79.51
CA ALA B 77 44.66 107.90 -78.41
C ALA B 77 44.93 108.69 -77.15
N SER B 78 46.22 108.96 -76.83
CA SER B 78 46.61 109.85 -75.74
C SER B 78 46.35 111.33 -75.98
N LYS B 79 45.81 111.77 -77.13
CA LYS B 79 45.26 113.09 -77.26
C LYS B 79 43.78 113.01 -77.54
N GLY B 80 43.10 112.01 -76.94
CA GLY B 80 41.65 111.79 -76.95
C GLY B 80 40.99 111.73 -78.30
N VAL B 81 41.60 111.08 -79.30
CA VAL B 81 40.95 110.91 -80.59
C VAL B 81 40.13 109.65 -80.53
N LYS B 82 38.82 109.73 -80.91
CA LYS B 82 37.90 108.60 -80.81
C LYS B 82 38.17 107.51 -81.86
N LEU B 83 39.26 106.74 -81.65
CA LEU B 83 39.75 105.67 -82.47
C LEU B 83 38.97 104.36 -82.36
N VAL B 84 37.82 104.29 -81.67
CA VAL B 84 37.02 103.07 -81.65
C VAL B 84 36.55 102.69 -83.05
N SER B 85 36.83 101.44 -83.46
CA SER B 85 36.48 100.82 -84.74
C SER B 85 37.50 101.10 -85.82
N ILE B 86 38.77 101.41 -85.47
CA ILE B 86 39.88 101.62 -86.39
C ILE B 86 40.98 100.63 -85.98
N GLY B 87 41.82 100.13 -86.92
CA GLY B 87 42.84 99.13 -86.62
C GLY B 87 44.19 99.47 -87.23
N ALA B 88 45.03 98.46 -87.47
CA ALA B 88 46.39 98.65 -87.95
C ALA B 88 46.51 98.30 -89.43
N GLU B 89 46.05 97.09 -89.80
CA GLU B 89 45.83 96.62 -91.17
C GLU B 89 44.84 97.49 -91.91
N GLU B 90 43.77 97.97 -91.24
CA GLU B 90 42.85 98.93 -91.82
C GLU B 90 43.52 100.20 -92.37
N ILE B 91 44.64 100.68 -91.79
CA ILE B 91 45.39 101.81 -92.33
C ILE B 91 46.50 101.33 -93.28
N VAL B 92 47.37 100.39 -92.84
CA VAL B 92 48.47 99.86 -93.66
C VAL B 92 48.06 99.08 -94.88
N ASP B 93 47.36 97.95 -94.75
CA ASP B 93 46.93 97.16 -95.90
C ASP B 93 45.68 97.78 -96.51
N GLY B 94 45.00 98.66 -95.76
CA GLY B 94 44.36 99.85 -96.26
C GLY B 94 42.97 99.66 -96.72
N ASN B 95 42.03 99.75 -95.76
CA ASN B 95 40.65 99.97 -96.03
C ASN B 95 40.50 101.45 -96.27
N VAL B 96 40.18 101.80 -97.52
CA VAL B 96 40.18 103.15 -98.01
C VAL B 96 39.03 103.96 -97.43
N LYS B 97 38.09 103.27 -96.74
CA LYS B 97 37.04 103.89 -95.94
C LYS B 97 37.52 104.20 -94.51
N MET B 98 38.41 103.37 -93.96
CA MET B 98 38.87 103.52 -92.59
C MET B 98 40.05 104.47 -92.49
N THR B 99 40.89 104.58 -93.52
CA THR B 99 41.87 105.68 -93.64
C THR B 99 41.19 107.04 -93.53
N LEU B 100 40.21 107.31 -94.42
CA LEU B 100 39.29 108.43 -94.31
C LEU B 100 38.55 108.57 -92.97
N GLY B 101 38.06 107.47 -92.34
CA GLY B 101 37.45 107.49 -91.00
C GLY B 101 38.37 107.92 -89.86
N MET B 102 39.61 107.42 -89.86
CA MET B 102 40.72 107.84 -89.00
C MET B 102 41.14 109.28 -89.24
N ILE B 103 41.34 109.70 -90.51
CA ILE B 103 41.68 111.08 -90.83
C ILE B 103 40.63 112.10 -90.45
N TRP B 104 39.32 111.83 -90.61
CA TRP B 104 38.26 112.72 -90.16
C TRP B 104 38.22 112.84 -88.65
N THR B 105 38.56 111.77 -87.90
CA THR B 105 38.73 111.88 -86.45
C THR B 105 40.01 112.60 -86.04
N ILE B 106 41.10 112.58 -86.85
CA ILE B 106 42.21 113.52 -86.74
C ILE B 106 41.82 114.95 -87.11
N ILE B 107 40.97 115.17 -88.14
CA ILE B 107 40.45 116.48 -88.54
C ILE B 107 39.58 117.07 -87.44
N LEU B 108 38.73 116.24 -86.82
CA LEU B 108 37.80 116.65 -85.76
C LEU B 108 38.45 117.02 -84.42
N ARG B 109 39.59 116.42 -83.98
CA ARG B 109 40.18 116.94 -82.74
C ARG B 109 41.13 118.10 -83.02
N PHE B 110 40.91 119.23 -82.33
CA PHE B 110 41.72 120.43 -82.36
C PHE B 110 42.72 120.44 -81.21
N ALA B 111 43.26 121.62 -80.89
CA ALA B 111 44.13 121.88 -79.77
C ALA B 111 43.82 123.32 -79.36
N ILE B 112 42.52 123.56 -79.14
CA ILE B 112 41.97 124.72 -78.51
C ILE B 112 41.00 124.06 -77.56
N GLN B 113 41.04 124.42 -76.26
CA GLN B 113 40.17 123.79 -75.28
C GLN B 113 38.76 124.28 -75.45
N ASP B 114 38.57 125.59 -75.65
CA ASP B 114 37.28 126.26 -75.69
C ASP B 114 36.47 125.93 -76.96
N ILE B 115 37.06 125.23 -77.95
CA ILE B 115 36.36 124.62 -79.08
C ILE B 115 35.85 123.23 -78.70
N SER B 116 36.68 122.39 -78.04
CA SER B 116 36.24 121.07 -77.58
C SER B 116 35.24 121.13 -76.44
N VAL B 117 35.15 122.23 -75.66
CA VAL B 117 34.13 122.47 -74.64
C VAL B 117 32.68 122.38 -75.13
N GLU B 118 32.41 122.65 -76.44
CA GLU B 118 31.06 122.43 -76.99
C GLU B 118 30.84 120.96 -77.45
N GLU B 119 31.87 120.08 -77.43
CA GLU B 119 31.84 118.73 -78.00
C GLU B 119 31.44 117.68 -76.94
N THR B 120 30.51 116.71 -77.15
CA THR B 120 29.59 116.52 -78.29
C THR B 120 28.30 117.29 -78.07
N SER B 121 27.74 118.11 -78.98
CA SER B 121 28.22 118.47 -80.31
C SER B 121 28.12 119.95 -80.62
N ALA B 122 29.31 120.59 -80.73
CA ALA B 122 29.58 121.92 -81.25
C ALA B 122 28.80 122.32 -82.48
N LYS B 123 28.48 121.35 -83.33
CA LYS B 123 27.53 121.41 -84.44
C LYS B 123 26.28 122.27 -84.21
N GLU B 124 25.67 122.27 -82.99
CA GLU B 124 24.65 123.22 -82.59
C GLU B 124 25.10 124.68 -82.62
N GLY B 125 26.11 125.06 -81.80
CA GLY B 125 26.67 126.42 -81.71
C GLY B 125 27.26 126.91 -83.01
N LEU B 126 27.84 125.97 -83.75
CA LEU B 126 28.26 126.06 -85.11
C LEU B 126 27.11 126.42 -86.05
N LEU B 127 26.03 125.61 -86.15
CA LEU B 127 24.96 125.94 -87.07
C LEU B 127 24.13 127.17 -86.68
N LEU B 128 24.00 127.46 -85.37
CA LEU B 128 23.49 128.70 -84.82
C LEU B 128 24.25 129.95 -85.28
N TRP B 129 25.58 129.85 -85.46
CA TRP B 129 26.47 130.85 -86.05
C TRP B 129 26.21 131.13 -87.55
N TYR B 130 25.58 130.18 -88.27
CA TYR B 130 25.15 130.36 -89.65
C TYR B 130 23.73 130.94 -89.68
N GLN B 131 22.69 130.21 -89.22
CA GLN B 131 21.29 130.63 -89.43
C GLN B 131 20.89 131.90 -88.69
N ARG B 132 20.88 131.86 -87.33
CA ARG B 132 20.49 132.93 -86.41
C ARG B 132 21.21 134.26 -86.69
N LYS B 133 22.40 134.23 -87.32
CA LYS B 133 23.21 135.39 -87.66
C LYS B 133 22.97 135.86 -89.10
N THR B 134 22.74 134.96 -90.07
CA THR B 134 22.32 135.30 -91.45
C THR B 134 20.85 135.68 -91.58
N ALA B 135 20.01 135.48 -90.55
CA ALA B 135 18.59 135.75 -90.55
C ALA B 135 18.07 137.12 -90.99
N PRO B 136 18.77 138.28 -90.92
CA PRO B 136 18.29 139.49 -91.56
C PRO B 136 18.28 139.43 -93.07
N TYR B 137 18.98 138.47 -93.69
CA TYR B 137 19.18 138.42 -95.13
C TYR B 137 18.11 137.53 -95.75
N LYS B 138 16.97 138.15 -96.15
CA LYS B 138 15.71 137.42 -96.36
C LYS B 138 15.59 136.59 -97.66
N ASN B 139 16.70 136.28 -98.37
CA ASN B 139 16.66 135.36 -99.50
C ASN B 139 17.02 133.91 -99.10
N VAL B 140 17.86 133.67 -98.05
CA VAL B 140 18.66 132.44 -97.87
C VAL B 140 18.30 131.58 -96.65
N ASN B 141 18.25 130.23 -96.77
CA ASN B 141 18.04 129.30 -95.65
C ASN B 141 19.28 128.42 -95.37
N ILE B 142 19.78 128.39 -94.10
CA ILE B 142 20.91 127.55 -93.71
C ILE B 142 20.57 126.63 -92.54
N GLN B 143 19.95 125.46 -92.80
CA GLN B 143 19.73 124.43 -91.79
C GLN B 143 20.80 123.34 -91.80
N ASN B 144 21.48 123.09 -92.94
CA ASN B 144 22.37 121.95 -93.04
C ASN B 144 23.56 122.06 -93.98
N PHE B 145 24.69 121.46 -93.57
CA PHE B 145 25.95 121.20 -94.28
C PHE B 145 25.89 120.33 -95.53
N HIS B 146 24.82 120.46 -96.32
CA HIS B 146 24.62 119.74 -97.56
C HIS B 146 23.72 120.55 -98.47
N ILE B 147 22.40 120.27 -98.47
CA ILE B 147 21.48 120.84 -99.44
C ILE B 147 21.10 122.28 -99.16
N SER B 148 21.22 122.74 -97.91
CA SER B 148 20.86 124.10 -97.54
C SER B 148 21.94 125.12 -97.87
N TRP B 149 22.97 124.80 -98.67
CA TRP B 149 23.90 125.82 -99.17
C TRP B 149 23.85 125.86 -100.69
N LYS B 150 22.77 125.32 -101.29
CA LYS B 150 22.82 125.02 -102.71
C LYS B 150 22.53 126.22 -103.64
N ASP B 151 22.24 127.40 -103.09
CA ASP B 151 22.04 128.61 -103.85
C ASP B 151 23.32 129.37 -104.12
N GLY B 152 24.43 129.04 -103.40
CA GLY B 152 25.70 129.74 -103.56
C GLY B 152 25.77 130.98 -102.71
N LEU B 153 24.63 131.70 -102.67
CA LEU B 153 24.32 132.89 -101.91
C LEU B 153 24.66 132.79 -100.44
N GLY B 154 24.32 131.64 -99.79
CA GLY B 154 24.60 131.33 -98.37
C GLY B 154 26.02 131.45 -97.90
N PHE B 155 26.99 131.29 -98.82
CA PHE B 155 28.39 131.52 -98.51
C PHE B 155 28.70 132.99 -98.42
N CYS B 156 28.28 133.76 -99.42
CA CYS B 156 28.44 135.21 -99.50
C CYS B 156 27.76 136.00 -98.37
N ALA B 157 26.49 135.64 -98.08
CA ALA B 157 25.72 136.17 -96.97
C ALA B 157 26.46 136.12 -95.64
N LEU B 158 27.00 134.92 -95.35
CA LEU B 158 27.80 134.55 -94.22
C LEU B 158 29.07 135.37 -93.98
N ILE B 159 29.91 135.60 -95.00
CA ILE B 159 31.13 136.36 -94.86
C ILE B 159 30.80 137.83 -94.65
N HIS B 160 29.74 138.29 -95.33
CA HIS B 160 29.18 139.60 -95.17
C HIS B 160 28.57 139.82 -93.77
N ARG B 161 28.31 138.76 -92.98
CA ARG B 161 27.85 138.91 -91.61
C ARG B 161 28.89 139.39 -90.65
N HIS B 162 30.09 138.82 -90.72
CA HIS B 162 31.07 138.96 -89.67
C HIS B 162 32.03 140.05 -90.06
N ARG B 163 32.51 139.93 -91.30
CA ARG B 163 33.38 140.86 -91.98
C ARG B 163 32.57 141.62 -93.02
N PRO B 164 31.88 142.72 -92.67
CA PRO B 164 30.93 143.38 -93.56
C PRO B 164 31.66 144.15 -94.63
N GLU B 165 32.96 144.44 -94.46
CA GLU B 165 33.72 145.26 -95.38
C GLU B 165 34.10 144.50 -96.64
N LEU B 166 33.91 143.17 -96.64
CA LEU B 166 34.35 142.33 -97.72
C LEU B 166 33.53 142.38 -99.00
N ILE B 167 32.19 142.54 -98.96
CA ILE B 167 31.41 142.54 -100.20
C ILE B 167 30.02 143.16 -100.03
N ASP B 168 29.18 143.14 -101.10
CA ASP B 168 27.90 143.82 -101.25
C ASP B 168 26.81 142.80 -101.59
N TYR B 169 25.74 142.65 -100.77
CA TYR B 169 24.58 141.78 -100.96
C TYR B 169 23.46 142.47 -101.77
N GLY B 170 23.70 143.73 -102.23
CA GLY B 170 22.90 144.42 -103.24
C GLY B 170 23.28 144.00 -104.64
N LYS B 171 24.57 143.68 -104.84
CA LYS B 171 25.04 142.92 -105.99
C LYS B 171 24.62 141.46 -105.85
N LEU B 172 25.16 140.76 -104.82
CA LEU B 172 25.26 139.31 -104.77
C LEU B 172 23.93 138.57 -104.74
N ARG B 173 22.80 139.22 -104.36
CA ARG B 173 21.45 138.67 -104.54
C ARG B 173 21.10 138.36 -106.00
N LYS B 174 21.68 139.12 -106.93
CA LYS B 174 21.45 139.06 -108.34
C LYS B 174 22.79 138.78 -108.98
N ASP B 175 23.61 137.88 -108.40
CA ASP B 175 24.53 137.04 -109.14
C ASP B 175 24.00 135.59 -109.33
N ASP B 176 23.52 135.24 -110.58
CA ASP B 176 22.91 133.98 -110.99
C ASP B 176 23.80 132.75 -110.92
N PRO B 177 24.92 132.62 -111.66
CA PRO B 177 25.60 131.36 -111.84
C PRO B 177 26.23 130.85 -110.56
N LEU B 178 25.48 129.96 -109.88
CA LEU B 178 25.68 129.33 -108.59
C LEU B 178 27.11 128.87 -108.33
N THR B 179 27.63 127.97 -109.18
CA THR B 179 28.94 127.37 -108.98
C THR B 179 30.12 128.23 -109.33
N ASN B 180 29.87 129.32 -110.06
CA ASN B 180 30.87 130.26 -110.50
C ASN B 180 31.10 131.36 -109.46
N LEU B 181 30.29 131.36 -108.38
CA LEU B 181 30.45 132.10 -107.15
C LEU B 181 31.61 131.60 -106.29
N ASN B 182 32.72 131.17 -106.94
CA ASN B 182 34.02 130.87 -106.33
C ASN B 182 34.56 132.05 -105.55
N THR B 183 34.08 133.25 -105.94
CA THR B 183 34.09 134.52 -105.23
C THR B 183 34.04 134.46 -103.71
N ALA B 184 33.19 133.62 -103.07
CA ALA B 184 33.17 133.45 -101.63
C ALA B 184 34.41 132.73 -101.12
N PHE B 185 34.80 131.60 -101.73
CA PHE B 185 36.02 130.85 -101.43
C PHE B 185 37.27 131.60 -101.90
N ASP B 186 37.08 132.66 -102.71
CA ASP B 186 38.10 133.54 -103.20
C ASP B 186 38.32 134.76 -102.30
N VAL B 187 37.27 135.39 -101.73
CA VAL B 187 37.45 136.35 -100.64
C VAL B 187 37.94 135.68 -99.36
N ALA B 188 37.53 134.41 -99.10
CA ALA B 188 37.98 133.64 -97.96
C ALA B 188 39.50 133.43 -97.96
N GLU B 189 40.06 133.40 -99.17
CA GLU B 189 41.47 133.32 -99.44
C GLU B 189 42.27 134.55 -98.95
N LYS B 190 42.40 135.65 -99.73
CA LYS B 190 43.38 136.69 -99.47
C LYS B 190 42.96 137.70 -98.39
N TYR B 191 41.76 137.56 -97.79
CA TYR B 191 41.32 138.49 -96.75
C TYR B 191 41.29 137.82 -95.39
N LEU B 192 40.92 136.53 -95.35
CA LEU B 192 40.71 135.81 -94.11
C LEU B 192 41.78 134.74 -93.87
N ASP B 193 42.42 134.26 -94.95
CA ASP B 193 43.37 133.15 -94.92
C ASP B 193 42.70 131.79 -94.62
N ILE B 194 41.43 131.65 -95.03
CA ILE B 194 40.69 130.40 -94.92
C ILE B 194 41.04 129.52 -96.13
N PRO B 195 41.62 128.34 -96.00
CA PRO B 195 42.18 127.64 -97.15
C PRO B 195 41.11 127.09 -98.08
N LYS B 196 41.33 127.07 -99.41
CA LYS B 196 40.42 126.34 -100.28
C LYS B 196 40.61 124.84 -100.11
N MET B 197 39.60 124.13 -99.57
CA MET B 197 39.63 122.69 -99.44
C MET B 197 38.48 122.06 -100.21
N LEU B 198 37.65 122.88 -100.87
CA LEU B 198 36.49 122.47 -101.61
C LEU B 198 36.57 123.12 -102.95
N ASP B 199 35.87 122.58 -103.95
CA ASP B 199 35.97 123.06 -105.31
C ASP B 199 34.56 123.42 -105.83
N ALA B 200 34.52 124.14 -106.97
CA ALA B 200 33.33 124.73 -107.58
C ALA B 200 32.06 123.87 -107.62
N GLU B 201 32.16 122.59 -108.01
CA GLU B 201 31.05 121.69 -108.22
C GLU B 201 30.68 120.78 -107.05
N ASP B 202 31.12 121.04 -105.81
CA ASP B 202 30.59 120.38 -104.62
C ASP B 202 29.90 121.33 -103.66
N ILE B 203 30.55 122.42 -103.26
CA ILE B 203 30.13 123.43 -102.30
C ILE B 203 28.77 124.10 -102.60
N VAL B 204 28.49 124.27 -103.91
CA VAL B 204 27.16 124.59 -104.43
C VAL B 204 26.65 123.48 -105.36
N GLY B 205 27.56 122.85 -106.12
CA GLY B 205 27.25 122.29 -107.44
C GLY B 205 26.58 120.95 -107.50
N THR B 206 26.88 120.04 -106.57
CA THR B 206 26.43 118.65 -106.64
C THR B 206 24.97 118.51 -106.17
N ALA B 207 24.26 117.44 -106.59
CA ALA B 207 22.84 117.32 -106.33
C ALA B 207 22.51 116.66 -104.99
N ARG B 208 23.46 115.96 -104.36
CA ARG B 208 23.44 115.69 -102.93
C ARG B 208 24.79 116.18 -102.44
N PRO B 209 24.97 117.34 -101.80
CA PRO B 209 26.27 117.79 -101.32
C PRO B 209 26.64 117.09 -100.05
N ASP B 210 27.89 117.28 -99.59
CA ASP B 210 28.48 116.36 -98.65
C ASP B 210 28.51 116.97 -97.26
N GLU B 211 27.90 116.26 -96.28
CA GLU B 211 27.76 116.60 -94.87
C GLU B 211 29.10 116.96 -94.27
N LYS B 212 30.10 116.10 -94.50
CA LYS B 212 31.45 116.22 -94.02
C LYS B 212 32.17 117.36 -94.69
N ALA B 213 32.39 117.28 -96.01
CA ALA B 213 33.11 118.27 -96.81
C ALA B 213 32.79 119.73 -96.52
N ILE B 214 31.48 120.09 -96.57
CA ILE B 214 30.99 121.41 -96.22
C ILE B 214 31.33 121.74 -94.77
N MET B 215 30.89 120.91 -93.79
CA MET B 215 31.11 121.14 -92.36
C MET B 215 32.51 121.54 -91.90
N THR B 216 33.58 120.74 -92.15
CA THR B 216 34.91 121.19 -91.70
C THR B 216 35.60 122.20 -92.61
N TYR B 217 34.83 122.87 -93.49
CA TYR B 217 35.25 124.06 -94.23
C TYR B 217 34.53 125.31 -93.73
N VAL B 218 33.16 125.31 -93.68
CA VAL B 218 32.39 126.46 -93.19
C VAL B 218 32.70 126.77 -91.73
N SER B 219 33.08 125.76 -90.95
CA SER B 219 33.55 125.89 -89.59
C SER B 219 34.86 126.64 -89.46
N SER B 220 35.72 126.69 -90.49
CA SER B 220 36.92 127.52 -90.41
C SER B 220 36.60 129.01 -90.45
N PHE B 221 35.52 129.42 -91.15
CA PHE B 221 35.04 130.80 -91.14
C PHE B 221 34.56 131.32 -89.78
N TYR B 222 34.22 130.43 -88.82
CA TYR B 222 33.81 130.68 -87.43
C TYR B 222 34.74 131.64 -86.72
N HIS B 223 36.06 131.56 -86.99
CA HIS B 223 37.08 132.40 -86.39
C HIS B 223 37.50 133.59 -87.30
N ALA B 224 37.24 133.50 -88.62
CA ALA B 224 37.51 134.48 -89.67
C ALA B 224 38.98 134.82 -89.90
N PHE B 225 39.52 135.71 -89.05
CA PHE B 225 40.89 136.21 -89.10
C PHE B 225 41.48 136.17 -87.69
N SER B 226 40.62 136.12 -86.66
CA SER B 226 41.08 136.19 -85.28
C SER B 226 41.52 134.83 -84.81
N GLY B 227 42.83 134.54 -84.93
CA GLY B 227 43.44 133.28 -84.51
C GLY B 227 43.51 133.06 -83.01
N ALA B 228 42.44 132.49 -82.43
CA ALA B 228 42.37 132.16 -81.01
C ALA B 228 43.29 131.02 -80.55
N GLN B 229 44.39 131.36 -79.82
CA GLN B 229 45.36 130.40 -79.30
C GLN B 229 45.36 130.37 -77.77
N LYS B 230 45.71 129.18 -77.18
CA LYS B 230 45.88 128.89 -75.76
C LYS B 230 46.78 127.65 -75.74
N ALA B 231 47.26 127.17 -74.57
CA ALA B 231 48.20 126.05 -74.51
C ALA B 231 48.17 125.34 -73.16
N GLU B 232 48.52 124.03 -73.17
CA GLU B 232 48.38 123.12 -72.04
C GLU B 232 49.71 122.54 -71.54
N THR B 233 50.33 123.07 -70.48
CA THR B 233 51.64 122.57 -70.02
C THR B 233 51.59 121.36 -69.09
N ALA B 234 51.37 120.13 -69.63
CA ALA B 234 51.23 118.92 -68.82
C ALA B 234 52.52 118.36 -68.20
N ALA B 235 52.47 118.02 -66.88
CA ALA B 235 53.62 117.65 -66.08
C ALA B 235 53.74 116.14 -65.73
N ASN B 236 53.83 115.31 -66.80
CA ASN B 236 54.01 113.85 -66.91
C ASN B 236 54.60 113.05 -65.74
N ARG B 237 53.91 111.94 -65.33
CA ARG B 237 54.34 111.00 -64.30
C ARG B 237 53.72 109.66 -64.70
N ILE B 238 53.89 108.48 -64.05
CA ILE B 238 54.36 108.02 -62.75
C ILE B 238 54.63 106.53 -63.03
N CYS B 239 55.56 105.73 -62.46
CA CYS B 239 56.64 105.81 -61.49
C CYS B 239 56.26 105.80 -60.01
N LYS B 240 55.34 104.87 -59.64
CA LYS B 240 55.06 104.44 -58.28
C LYS B 240 54.21 103.18 -58.39
N VAL B 241 54.60 102.08 -57.74
CA VAL B 241 53.83 100.86 -57.73
C VAL B 241 53.87 100.31 -56.31
N LEU B 242 52.71 100.22 -55.61
CA LEU B 242 52.60 99.51 -54.35
C LEU B 242 51.52 98.45 -54.47
N ALA B 243 51.89 97.32 -55.09
CA ALA B 243 50.96 96.23 -55.29
C ALA B 243 51.70 94.90 -55.28
N VAL B 244 51.92 94.27 -54.11
CA VAL B 244 52.00 94.88 -52.79
C VAL B 244 53.23 94.28 -52.13
N ASN B 245 53.18 92.96 -51.84
CA ASN B 245 54.27 92.02 -51.59
C ASN B 245 55.20 92.29 -50.41
N GLN B 246 54.66 92.01 -49.21
CA GLN B 246 55.41 91.72 -48.01
C GLN B 246 54.57 90.73 -47.24
N GLU B 247 53.29 91.08 -47.02
CA GLU B 247 52.31 90.27 -46.37
C GLU B 247 51.93 89.04 -47.18
N ASN B 248 51.96 89.17 -48.52
CA ASN B 248 51.62 88.17 -49.50
C ASN B 248 52.55 86.99 -49.50
N GLU B 249 53.86 87.22 -49.23
CA GLU B 249 54.84 86.18 -49.12
C GLU B 249 54.49 85.26 -47.92
N GLN B 250 54.07 85.90 -46.79
CA GLN B 250 53.52 85.22 -45.61
C GLN B 250 52.19 84.47 -45.84
N LEU B 251 51.14 85.10 -46.40
CA LEU B 251 49.90 84.35 -46.64
C LEU B 251 50.04 83.28 -47.74
N MET B 252 51.06 83.39 -48.64
CA MET B 252 51.55 82.29 -49.45
C MET B 252 52.20 81.18 -48.64
N GLU B 253 53.10 81.53 -47.69
CA GLU B 253 53.71 80.63 -46.72
C GLU B 253 52.70 79.82 -45.92
N ASP B 254 51.59 80.41 -45.42
CA ASP B 254 50.50 79.76 -44.69
C ASP B 254 49.87 78.54 -45.42
N TYR B 255 49.89 78.54 -46.78
CA TYR B 255 49.61 77.36 -47.59
C TYR B 255 50.67 76.28 -47.40
N GLU B 256 51.95 76.56 -47.70
CA GLU B 256 52.99 75.54 -47.61
C GLU B 256 53.17 74.90 -46.24
N LYS B 257 53.25 75.73 -45.18
CA LYS B 257 53.20 75.43 -43.76
C LYS B 257 52.06 74.52 -43.33
N LEU B 258 50.80 74.99 -43.39
CA LEU B 258 49.63 74.29 -42.89
C LEU B 258 49.36 73.00 -43.64
N ALA B 259 49.59 72.98 -44.97
CA ALA B 259 49.51 71.76 -45.75
C ALA B 259 50.50 70.66 -45.32
N SER B 260 51.65 71.05 -44.73
CA SER B 260 52.66 70.10 -44.28
C SER B 260 52.28 69.36 -43.01
N ASP B 261 51.37 69.93 -42.17
CA ASP B 261 50.67 69.21 -41.11
C ASP B 261 49.67 68.23 -41.73
N LEU B 262 48.70 68.77 -42.50
CA LEU B 262 47.56 68.04 -43.02
C LEU B 262 47.92 66.86 -43.90
N LEU B 263 48.89 67.04 -44.83
CA LEU B 263 49.34 66.00 -45.73
C LEU B 263 50.25 65.00 -45.05
N GLU B 264 50.96 65.37 -43.96
CA GLU B 264 51.61 64.41 -43.08
C GLU B 264 50.56 63.58 -42.39
N TRP B 265 49.73 64.18 -41.51
CA TRP B 265 48.80 63.46 -40.64
C TRP B 265 47.90 62.44 -41.32
N ILE B 266 47.15 62.84 -42.39
CA ILE B 266 46.28 61.93 -43.13
C ILE B 266 47.05 60.86 -43.89
N ARG B 267 48.37 61.05 -44.12
CA ARG B 267 49.18 60.10 -44.86
C ARG B 267 50.05 59.25 -43.94
N ARG B 268 49.88 59.49 -42.62
CA ARG B 268 50.24 58.63 -41.53
C ARG B 268 49.06 57.72 -41.20
N THR B 269 47.86 58.33 -41.09
CA THR B 269 46.65 57.74 -40.50
C THR B 269 46.05 56.52 -41.15
N ILE B 270 45.92 56.40 -42.49
CA ILE B 270 45.29 55.28 -43.21
C ILE B 270 45.43 53.84 -42.63
N PRO B 271 46.58 53.25 -42.27
CA PRO B 271 46.65 51.87 -41.78
C PRO B 271 46.00 51.67 -40.41
N TRP B 272 45.85 52.73 -39.60
CA TRP B 272 45.14 52.66 -38.34
C TRP B 272 43.66 52.50 -38.56
N LEU B 273 43.15 52.88 -39.73
CA LEU B 273 41.76 52.78 -40.08
C LEU B 273 41.54 51.49 -40.86
N GLU B 274 42.53 51.08 -41.68
CA GLU B 274 42.39 49.90 -42.52
C GLU B 274 42.55 48.57 -41.79
N ASN B 275 43.37 48.51 -40.71
CA ASN B 275 43.76 47.31 -39.96
C ASN B 275 42.72 46.19 -39.77
N ARG B 276 41.70 46.40 -38.91
CA ARG B 276 40.57 45.48 -38.68
C ARG B 276 41.00 44.06 -38.25
N ALA B 277 41.23 43.84 -36.94
CA ALA B 277 41.98 42.68 -36.47
C ALA B 277 41.41 42.15 -35.16
N PRO B 278 41.06 40.89 -34.97
CA PRO B 278 40.57 40.39 -33.70
C PRO B 278 41.65 40.33 -32.61
N GLU B 279 41.57 41.21 -31.58
CA GLU B 279 42.28 41.09 -30.32
C GLU B 279 41.55 40.07 -29.45
N ASN B 280 41.91 39.90 -28.16
CA ASN B 280 41.36 38.80 -27.37
C ASN B 280 39.85 38.87 -27.05
N THR B 281 39.44 39.42 -25.91
CA THR B 281 38.05 39.44 -25.46
C THR B 281 37.16 40.38 -26.24
N MET B 282 35.82 40.31 -26.05
CA MET B 282 34.87 41.30 -26.51
C MET B 282 35.20 42.70 -26.03
N GLN B 283 35.44 42.79 -24.70
CA GLN B 283 35.86 43.91 -23.89
C GLN B 283 37.07 44.66 -24.40
N ALA B 284 38.07 43.97 -24.95
CA ALA B 284 39.27 44.58 -25.50
C ALA B 284 38.95 45.33 -26.79
N MET B 285 37.90 44.85 -27.49
CA MET B 285 37.35 45.45 -28.67
C MET B 285 36.46 46.67 -28.35
N GLN B 286 35.98 46.81 -27.08
CA GLN B 286 35.39 48.04 -26.53
C GLN B 286 36.43 49.06 -26.07
N GLN B 287 37.65 48.61 -25.69
CA GLN B 287 38.78 49.51 -25.49
C GLN B 287 39.23 50.00 -26.85
N LYS B 288 39.34 49.05 -27.80
CA LYS B 288 39.50 49.37 -29.21
C LYS B 288 38.45 50.35 -29.76
N LEU B 289 37.23 50.35 -29.16
CA LEU B 289 36.11 51.22 -29.51
C LEU B 289 36.24 52.62 -28.91
N GLU B 290 36.64 52.77 -27.63
CA GLU B 290 37.00 54.05 -27.02
C GLU B 290 38.03 54.83 -27.82
N ASP B 291 39.06 54.15 -28.34
CA ASP B 291 39.99 54.80 -29.26
C ASP B 291 39.34 55.35 -30.51
N PHE B 292 38.25 54.75 -31.01
CA PHE B 292 37.48 55.31 -32.12
C PHE B 292 36.52 56.45 -31.70
N ARG B 293 36.38 56.73 -30.38
CA ARG B 293 35.56 57.82 -29.89
C ARG B 293 36.41 58.99 -29.45
N ASP B 294 37.63 58.73 -28.92
CA ASP B 294 38.69 59.71 -28.79
C ASP B 294 39.12 60.15 -30.20
N TYR B 295 39.41 59.21 -31.12
CA TYR B 295 39.63 59.45 -32.55
C TYR B 295 38.52 60.20 -33.27
N ARG B 296 37.28 59.69 -33.30
CA ARG B 296 36.27 60.34 -34.10
C ARG B 296 35.62 61.51 -33.43
N ARG B 297 35.66 61.69 -32.09
CA ARG B 297 35.09 62.91 -31.51
C ARG B 297 36.06 64.07 -31.56
N LEU B 298 37.34 63.92 -31.18
CA LEU B 298 38.21 65.08 -31.05
C LEU B 298 39.55 65.02 -31.79
N HIS B 299 39.85 63.94 -32.53
CA HIS B 299 40.96 63.94 -33.48
C HIS B 299 40.44 64.29 -34.89
N LYS B 300 39.60 63.43 -35.50
CA LYS B 300 39.09 63.61 -36.85
C LYS B 300 38.29 64.87 -37.17
N PRO B 301 37.30 65.38 -36.44
CA PRO B 301 36.52 66.53 -36.85
C PRO B 301 37.31 67.78 -37.12
N PRO B 302 38.25 68.40 -36.40
CA PRO B 302 38.91 69.60 -36.90
C PRO B 302 39.80 69.34 -38.12
N LYS B 303 40.23 68.09 -38.42
CA LYS B 303 41.04 67.82 -39.60
C LYS B 303 40.22 67.60 -40.88
N VAL B 304 38.88 67.60 -40.75
CA VAL B 304 37.94 67.78 -41.86
C VAL B 304 37.96 69.26 -42.20
N GLN B 305 37.97 70.08 -41.13
CA GLN B 305 37.99 71.52 -41.21
C GLN B 305 39.17 72.12 -41.98
N GLU B 306 40.45 71.76 -41.67
CA GLU B 306 41.64 72.27 -42.35
C GLU B 306 41.57 72.16 -43.85
N LYS B 307 41.04 71.02 -44.32
CA LYS B 307 40.89 70.68 -45.71
C LYS B 307 40.01 71.64 -46.49
N CYS B 308 39.09 72.37 -45.83
CA CYS B 308 38.31 73.48 -46.36
C CYS B 308 39.03 74.80 -46.21
N GLN B 309 39.67 75.06 -45.04
CA GLN B 309 40.45 76.27 -44.80
C GLN B 309 41.54 76.40 -45.87
N LEU B 310 42.34 75.33 -46.04
CA LEU B 310 43.17 75.02 -47.19
C LEU B 310 42.35 74.71 -48.46
N GLU B 311 41.53 75.70 -48.88
CA GLU B 311 40.73 75.77 -50.10
C GLU B 311 40.23 77.22 -50.15
N ILE B 312 39.58 77.69 -49.07
CA ILE B 312 39.25 79.06 -48.71
C ILE B 312 40.45 80.02 -48.71
N ASN B 313 41.65 79.59 -48.27
CA ASN B 313 42.90 80.32 -48.38
C ASN B 313 43.23 80.61 -49.84
N PHE B 314 43.25 79.57 -50.69
CA PHE B 314 43.56 79.65 -52.12
C PHE B 314 42.66 80.64 -52.86
N ASN B 315 41.36 80.52 -52.62
CA ASN B 315 40.35 81.49 -53.05
C ASN B 315 40.66 82.96 -52.71
N THR B 316 41.03 83.27 -51.45
CA THR B 316 41.61 84.59 -51.10
C THR B 316 42.94 84.95 -51.77
N LEU B 317 43.98 84.12 -51.66
CA LEU B 317 45.34 84.46 -52.04
C LEU B 317 45.46 84.65 -53.55
N GLN B 318 44.78 83.78 -54.33
CA GLN B 318 44.76 83.95 -55.77
C GLN B 318 43.90 85.12 -56.24
N THR B 319 43.04 85.75 -55.40
CA THR B 319 42.35 87.00 -55.73
C THR B 319 43.16 88.21 -55.29
N LYS B 320 43.87 88.13 -54.14
CA LYS B 320 44.68 89.21 -53.58
C LYS B 320 45.83 89.62 -54.48
N LEU B 321 46.39 88.67 -55.23
CA LEU B 321 47.35 88.91 -56.30
C LEU B 321 46.75 89.29 -57.64
N ARG B 322 45.52 88.81 -57.95
CA ARG B 322 44.78 89.07 -59.18
C ARG B 322 44.47 90.55 -59.34
N LEU B 323 43.68 91.15 -58.42
CA LEU B 323 43.66 92.61 -58.30
C LEU B 323 44.86 92.98 -57.48
N SER B 324 45.46 94.16 -57.68
CA SER B 324 46.79 94.56 -57.26
C SER B 324 47.77 94.30 -58.38
N ASN B 325 48.03 93.01 -58.73
CA ASN B 325 48.59 92.49 -59.98
C ASN B 325 50.06 92.02 -59.98
N ARG B 326 50.37 90.85 -59.35
CA ARG B 326 51.59 90.09 -59.62
C ARG B 326 51.30 88.58 -59.88
N PRO B 327 52.23 87.79 -60.43
CA PRO B 327 52.11 86.32 -60.49
C PRO B 327 52.25 85.62 -59.14
N ALA B 328 52.14 84.27 -59.15
CA ALA B 328 52.06 83.49 -57.93
C ALA B 328 52.78 82.14 -58.03
N PHE B 329 52.14 81.09 -57.50
CA PHE B 329 52.72 79.81 -57.24
C PHE B 329 51.64 78.74 -57.39
N MET B 330 52.02 77.45 -57.50
CA MET B 330 51.15 76.33 -57.17
C MET B 330 52.09 75.14 -56.97
N PRO B 331 52.35 74.58 -55.78
CA PRO B 331 53.75 74.26 -55.54
C PRO B 331 54.04 72.79 -55.33
N SER B 332 55.35 72.48 -55.38
CA SER B 332 55.99 71.37 -54.67
C SER B 332 55.46 69.97 -54.85
N GLU B 333 55.24 69.56 -56.11
CA GLU B 333 54.91 68.18 -56.51
C GLU B 333 53.54 67.78 -55.93
N GLY B 334 53.41 66.62 -55.25
CA GLY B 334 52.18 66.15 -54.63
C GLY B 334 51.64 66.92 -53.45
N LYS B 335 52.02 68.19 -53.28
CA LYS B 335 51.38 69.09 -52.33
C LYS B 335 50.29 69.93 -52.96
N MET B 336 50.00 69.78 -54.25
CA MET B 336 48.93 70.50 -54.95
C MET B 336 47.54 70.28 -54.36
N VAL B 337 46.73 71.39 -54.31
CA VAL B 337 45.43 71.54 -53.65
C VAL B 337 44.43 70.48 -54.03
N SER B 338 44.51 70.10 -55.32
CA SER B 338 43.70 69.08 -55.97
C SER B 338 43.82 67.74 -55.26
N ASP B 339 45.02 67.12 -55.28
CA ASP B 339 45.33 65.80 -54.74
C ASP B 339 45.19 65.66 -53.25
N ILE B 340 45.04 66.78 -52.51
CA ILE B 340 44.56 66.83 -51.14
C ILE B 340 43.17 66.17 -51.02
N ASN B 341 42.33 66.26 -52.09
CA ASN B 341 41.09 65.52 -52.29
C ASN B 341 41.32 64.02 -52.46
N ASN B 342 42.30 63.60 -53.28
CA ASN B 342 42.63 62.19 -53.47
C ASN B 342 43.15 61.51 -52.19
N ALA B 343 43.97 62.20 -51.36
CA ALA B 343 44.34 61.68 -50.05
C ALA B 343 43.16 61.55 -49.06
N TRP B 344 42.19 62.48 -49.13
CA TRP B 344 40.98 62.56 -48.32
C TRP B 344 40.00 61.44 -48.59
N GLY B 345 39.74 61.16 -49.89
CA GLY B 345 38.87 60.11 -50.38
C GLY B 345 39.35 58.75 -49.96
N GLY B 346 40.67 58.51 -50.06
CA GLY B 346 41.42 57.38 -49.51
C GLY B 346 41.26 57.24 -48.03
N LEU B 347 41.30 58.37 -47.29
CA LEU B 347 40.93 58.41 -45.88
C LEU B 347 39.50 57.92 -45.62
N GLU B 348 38.46 58.45 -46.32
CA GLU B 348 37.10 57.96 -46.13
C GLU B 348 36.84 56.55 -46.71
N GLN B 349 37.80 56.00 -47.52
CA GLN B 349 37.86 54.58 -47.82
C GLN B 349 38.33 53.81 -46.60
N ALA B 350 39.41 54.28 -45.96
CA ALA B 350 40.03 53.62 -44.82
C ALA B 350 39.11 53.45 -43.61
N GLU B 351 38.24 54.45 -43.39
CA GLU B 351 37.15 54.46 -42.44
C GLU B 351 36.12 53.36 -42.60
N LYS B 352 35.88 52.92 -43.85
CA LYS B 352 34.58 52.47 -44.32
C LYS B 352 34.05 51.23 -43.65
N GLY B 353 34.92 50.23 -43.38
CA GLY B 353 34.58 49.05 -42.59
C GLY B 353 35.38 48.92 -41.34
N TYR B 354 35.97 50.00 -40.79
CA TYR B 354 36.59 49.93 -39.47
C TYR B 354 35.51 50.01 -38.42
N GLU B 355 34.50 50.88 -38.66
CA GLU B 355 33.40 51.05 -37.75
C GLU B 355 32.60 49.77 -37.61
N GLU B 356 31.94 49.32 -38.69
CA GLU B 356 31.09 48.13 -38.67
C GLU B 356 31.83 46.84 -38.34
N TRP B 357 33.12 46.66 -38.69
CA TRP B 357 33.93 45.53 -38.23
C TRP B 357 33.90 45.33 -36.71
N LEU B 358 34.23 46.37 -35.90
CA LEU B 358 34.08 46.37 -34.45
C LEU B 358 32.73 45.86 -34.00
N LEU B 359 31.64 46.47 -34.48
CA LEU B 359 30.31 46.18 -33.97
C LEU B 359 29.73 44.81 -34.29
N ASN B 360 30.00 44.30 -35.51
CA ASN B 360 29.80 42.89 -35.83
C ASN B 360 30.61 41.94 -34.91
N GLU B 361 31.88 42.27 -34.62
CA GLU B 361 32.69 41.54 -33.66
C GLU B 361 32.19 41.62 -32.24
N ILE B 362 31.85 42.82 -31.72
CA ILE B 362 31.29 43.04 -30.38
C ILE B 362 30.13 42.08 -30.14
N ARG B 363 29.14 42.06 -31.04
CA ARG B 363 27.90 41.34 -30.85
C ARG B 363 27.97 39.88 -31.31
N ARG B 364 29.10 39.44 -31.94
CA ARG B 364 29.52 38.04 -32.00
C ARG B 364 30.04 37.62 -30.63
N LEU B 365 31.10 38.28 -30.15
CA LEU B 365 31.82 37.97 -28.92
C LEU B 365 30.94 38.03 -27.68
N GLU B 366 30.10 39.05 -27.54
CA GLU B 366 29.06 39.20 -26.52
C GLU B 366 28.16 37.96 -26.40
N ARG B 367 27.52 37.59 -27.54
CA ARG B 367 26.74 36.37 -27.66
C ARG B 367 27.50 35.08 -27.31
N LEU B 368 28.81 34.90 -27.67
CA LEU B 368 29.72 33.82 -27.21
C LEU B 368 29.74 33.71 -25.68
N ASP B 369 30.20 34.74 -24.97
CA ASP B 369 30.43 34.83 -23.53
C ASP B 369 29.20 34.55 -22.71
N HIS B 370 28.03 35.08 -23.13
CA HIS B 370 26.77 34.78 -22.44
C HIS B 370 26.46 33.30 -22.49
N LEU B 371 26.58 32.63 -23.65
CA LEU B 371 26.48 31.18 -23.70
C LEU B 371 27.61 30.40 -23.00
N ALA B 372 28.86 30.91 -22.96
CA ALA B 372 29.93 30.36 -22.15
C ALA B 372 29.68 30.40 -20.64
N GLU B 373 28.96 31.45 -20.19
CA GLU B 373 28.42 31.60 -18.84
C GLU B 373 27.24 30.69 -18.58
N LYS B 374 26.23 30.65 -19.48
CA LYS B 374 25.14 29.69 -19.39
C LYS B 374 25.59 28.24 -19.29
N PHE B 375 26.76 27.93 -19.93
CA PHE B 375 27.49 26.71 -19.71
C PHE B 375 28.05 26.58 -18.30
N ARG B 376 28.77 27.55 -17.71
CA ARG B 376 29.33 27.38 -16.35
C ARG B 376 28.24 27.10 -15.33
N GLN B 377 27.16 27.90 -15.44
CA GLN B 377 26.01 27.87 -14.57
C GLN B 377 25.30 26.52 -14.65
N LYS B 378 24.59 26.20 -15.77
CA LYS B 378 23.84 24.93 -15.82
C LYS B 378 24.67 23.64 -15.81
N ALA B 379 25.90 23.61 -16.39
CA ALA B 379 26.73 22.42 -16.40
C ALA B 379 27.16 22.01 -15.01
N SER B 380 27.55 22.97 -14.15
CA SER B 380 27.87 22.73 -12.75
C SER B 380 26.68 22.33 -11.93
N ILE B 381 25.51 22.99 -12.07
CA ILE B 381 24.35 22.60 -11.28
C ILE B 381 23.80 21.23 -11.67
N HIS B 382 24.11 20.73 -12.89
CA HIS B 382 23.79 19.35 -13.26
C HIS B 382 24.56 18.32 -12.45
N GLU B 383 25.91 18.46 -12.32
CA GLU B 383 26.64 17.51 -11.49
C GLU B 383 26.42 17.70 -9.99
N SER B 384 25.96 18.89 -9.54
CA SER B 384 25.50 19.08 -8.17
C SER B 384 24.26 18.23 -7.87
N TRP B 385 23.60 17.78 -8.95
CA TRP B 385 22.56 16.77 -8.94
C TRP B 385 23.08 15.33 -9.19
N THR B 386 24.30 15.04 -9.70
CA THR B 386 24.81 13.65 -9.80
C THR B 386 25.62 13.22 -8.61
N ASP B 387 26.30 14.19 -7.95
CA ASP B 387 27.08 13.97 -6.74
C ASP B 387 26.20 13.57 -5.57
N GLY B 388 26.01 12.25 -5.42
CA GLY B 388 25.04 11.72 -4.47
C GLY B 388 24.43 10.50 -5.03
N LYS B 389 23.53 10.65 -6.03
CA LYS B 389 22.73 9.62 -6.69
C LYS B 389 23.34 8.22 -6.72
N GLU B 390 24.36 7.96 -7.57
CA GLU B 390 25.04 6.66 -7.77
C GLU B 390 25.56 5.99 -6.49
N ALA B 391 26.24 6.77 -5.62
CA ALA B 391 26.78 6.38 -4.34
C ALA B 391 25.69 5.91 -3.39
N MET B 392 24.57 6.66 -3.34
CA MET B 392 23.34 6.29 -2.65
C MET B 392 22.62 5.08 -3.26
N LEU B 393 22.41 5.06 -4.59
CA LEU B 393 21.74 4.07 -5.42
C LEU B 393 22.28 2.67 -5.29
N GLN B 394 23.60 2.53 -5.11
CA GLN B 394 24.31 1.25 -5.06
C GLN B 394 23.81 0.30 -3.96
N GLN B 395 23.53 0.86 -2.77
CA GLN B 395 23.37 0.21 -1.50
C GLN B 395 22.23 -0.81 -1.50
N LYS B 396 22.39 -1.96 -0.83
CA LYS B 396 21.58 -3.14 -1.11
C LYS B 396 20.41 -3.36 -0.15
N ASP B 397 19.64 -2.27 0.01
CA ASP B 397 18.48 -2.06 0.87
C ASP B 397 17.31 -3.00 0.59
N TYR B 398 17.20 -3.48 -0.64
CA TYR B 398 16.20 -4.35 -1.18
C TYR B 398 16.46 -5.82 -0.86
N GLU B 399 17.72 -6.18 -0.50
CA GLU B 399 18.03 -7.53 -0.09
C GLU B 399 17.63 -7.74 1.39
N THR B 400 18.02 -6.79 2.27
CA THR B 400 17.91 -6.86 3.74
C THR B 400 16.69 -6.15 4.29
N ALA B 401 15.47 -6.72 4.12
CA ALA B 401 14.29 -6.03 4.61
C ALA B 401 13.06 -6.93 4.80
N THR B 402 11.87 -6.35 4.64
CA THR B 402 10.60 -7.02 4.84
C THR B 402 9.67 -6.51 3.77
N LEU B 403 8.60 -7.27 3.47
CA LEU B 403 7.62 -6.97 2.44
C LEU B 403 7.08 -5.54 2.47
N SER B 404 6.57 -5.04 3.63
CA SER B 404 6.22 -3.63 3.83
C SER B 404 7.30 -2.65 3.42
N GLU B 405 8.56 -2.87 3.89
CA GLU B 405 9.72 -2.03 3.65
C GLU B 405 10.26 -2.03 2.22
N ILE B 406 10.45 -3.18 1.52
CA ILE B 406 10.80 -3.20 0.09
C ILE B 406 9.87 -2.38 -0.81
N LYS B 407 8.55 -2.60 -0.68
CA LYS B 407 7.48 -1.82 -1.31
C LYS B 407 7.50 -0.33 -0.99
N ALA B 408 7.73 0.04 0.29
CA ALA B 408 7.96 1.40 0.69
C ALA B 408 9.09 2.11 -0.03
N LEU B 409 10.24 1.43 -0.16
CA LEU B 409 11.40 1.80 -0.96
C LEU B 409 11.19 1.83 -2.47
N LEU B 410 10.24 1.02 -3.03
CA LEU B 410 9.80 1.03 -4.43
C LEU B 410 8.78 2.14 -4.75
N LYS B 411 7.90 2.54 -3.80
CA LYS B 411 7.14 3.79 -3.94
C LYS B 411 8.02 5.04 -3.82
N LYS B 412 9.09 4.96 -3.00
CA LYS B 412 10.20 5.89 -3.00
C LYS B 412 10.97 5.88 -4.33
N HIS B 413 11.19 4.70 -4.92
CA HIS B 413 12.02 4.48 -6.10
C HIS B 413 11.42 5.05 -7.36
N GLU B 414 10.09 5.00 -7.51
CA GLU B 414 9.38 5.79 -8.53
C GLU B 414 9.57 7.30 -8.34
N ALA B 415 9.97 7.77 -7.14
CA ALA B 415 10.36 9.17 -6.94
C ALA B 415 11.82 9.45 -7.34
N PHE B 416 12.67 8.39 -7.50
CA PHE B 416 13.93 8.53 -8.22
C PHE B 416 13.62 8.81 -9.69
N GLU B 417 13.16 7.81 -10.46
CA GLU B 417 12.67 7.87 -11.84
C GLU B 417 11.89 9.10 -12.30
N SER B 418 10.96 9.64 -11.48
CA SER B 418 10.20 10.83 -11.87
C SER B 418 10.75 12.15 -11.33
N ASP B 419 11.84 12.17 -10.52
CA ASP B 419 12.73 13.33 -10.39
C ASP B 419 13.58 13.37 -11.66
N LEU B 420 14.16 12.16 -11.90
CA LEU B 420 15.10 11.79 -12.94
C LEU B 420 14.64 12.20 -14.33
N ALA B 421 13.37 11.98 -14.69
CA ALA B 421 12.83 12.38 -15.98
C ALA B 421 12.98 13.88 -16.33
N ALA B 422 12.83 14.79 -15.33
CA ALA B 422 12.92 16.22 -15.53
C ALA B 422 14.32 16.75 -15.89
N HIS B 423 15.38 16.25 -15.22
CA HIS B 423 16.75 16.68 -15.44
C HIS B 423 17.37 16.15 -16.73
N GLN B 424 16.56 15.46 -17.57
CA GLN B 424 16.93 14.95 -18.88
C GLN B 424 17.10 16.10 -19.84
N ASP B 425 16.15 17.07 -19.79
CA ASP B 425 16.12 18.32 -20.52
C ASP B 425 17.41 19.09 -20.28
N ARG B 426 17.94 19.06 -19.05
CA ARG B 426 19.21 19.68 -18.73
C ARG B 426 20.42 19.13 -19.48
N VAL B 427 20.54 17.80 -19.64
CA VAL B 427 21.63 17.14 -20.38
C VAL B 427 21.61 17.57 -21.85
N GLU B 428 20.41 17.70 -22.43
CA GLU B 428 20.13 18.23 -23.75
C GLU B 428 20.48 19.70 -23.93
N GLN B 429 19.88 20.64 -23.15
CA GLN B 429 20.21 22.06 -23.28
C GLN B 429 21.68 22.37 -23.04
N ILE B 430 22.32 21.72 -22.03
CA ILE B 430 23.77 21.70 -21.84
C ILE B 430 24.53 21.33 -23.10
N ALA B 431 24.14 20.21 -23.79
CA ALA B 431 24.71 19.79 -25.08
C ALA B 431 24.56 20.83 -26.20
N ALA B 432 23.36 21.07 -26.76
CA ALA B 432 23.08 22.00 -27.87
C ALA B 432 23.65 23.44 -27.77
N ILE B 433 23.64 24.03 -26.55
CA ILE B 433 24.22 25.35 -26.32
C ILE B 433 25.73 25.27 -26.39
N ALA B 434 26.33 24.21 -25.77
CA ALA B 434 27.76 23.95 -25.90
C ALA B 434 28.18 23.68 -27.35
N GLN B 435 27.28 23.06 -28.13
CA GLN B 435 27.46 22.83 -29.56
C GLN B 435 27.45 24.13 -30.36
N GLU B 436 26.42 25.02 -30.21
CA GLU B 436 26.39 26.38 -30.79
C GLU B 436 27.67 27.13 -30.48
N LEU B 437 28.10 27.05 -29.21
CA LEU B 437 29.35 27.62 -28.71
C LEU B 437 30.61 27.12 -29.43
N ASN B 438 30.79 25.81 -29.71
CA ASN B 438 31.92 25.27 -30.48
C ASN B 438 32.16 25.94 -31.84
N GLU B 439 31.15 25.98 -32.74
CA GLU B 439 31.20 26.46 -34.12
C GLU B 439 31.94 27.76 -34.46
N LEU B 440 32.08 28.68 -33.49
CA LEU B 440 32.59 30.03 -33.71
C LEU B 440 34.05 30.16 -33.23
N ASP B 441 34.73 29.01 -33.10
CA ASP B 441 36.08 28.79 -32.63
C ASP B 441 36.31 29.33 -31.21
N TYR B 442 35.40 28.91 -30.31
CA TYR B 442 35.32 29.35 -28.95
C TYR B 442 36.49 28.86 -28.09
N TYR B 443 37.10 29.76 -27.29
CA TYR B 443 38.33 29.52 -26.55
C TYR B 443 38.38 28.39 -25.54
N ASP B 444 37.37 28.23 -24.66
CA ASP B 444 37.37 27.18 -23.65
C ASP B 444 36.66 25.92 -24.18
N SER B 445 36.36 25.81 -25.50
CA SER B 445 35.68 24.62 -26.05
C SER B 445 36.36 23.27 -25.73
N PRO B 446 37.67 22.97 -25.87
CA PRO B 446 38.25 21.70 -25.45
C PRO B 446 38.22 21.45 -23.96
N SER B 447 37.87 22.44 -23.12
CA SER B 447 37.75 22.22 -21.68
C SER B 447 36.33 21.87 -21.32
N VAL B 448 35.36 22.71 -21.74
CA VAL B 448 33.94 22.55 -21.46
C VAL B 448 33.35 21.27 -22.02
N ASN B 449 33.67 20.89 -23.28
CA ASN B 449 33.38 19.59 -23.89
C ASN B 449 33.94 18.43 -23.09
N ALA B 450 35.25 18.47 -22.76
CA ALA B 450 35.91 17.46 -21.95
C ALA B 450 35.30 17.34 -20.56
N ARG B 451 34.74 18.44 -20.00
CA ARG B 451 33.94 18.40 -18.78
C ARG B 451 32.50 17.90 -18.99
N CYS B 452 31.80 18.34 -20.05
CA CYS B 452 30.42 18.11 -20.47
C CYS B 452 30.14 16.69 -20.92
N GLN B 453 31.09 16.07 -21.66
CA GLN B 453 30.91 14.72 -22.13
C GLN B 453 30.98 13.71 -21.01
N LYS B 454 31.87 13.91 -20.01
CA LYS B 454 31.87 13.12 -18.78
C LYS B 454 30.58 13.26 -17.94
N ILE B 455 29.78 14.32 -18.20
CA ILE B 455 28.45 14.48 -17.62
C ILE B 455 27.47 13.51 -18.27
N CYS B 456 27.65 13.24 -19.58
CA CYS B 456 26.78 12.38 -20.35
C CYS B 456 27.19 10.92 -20.25
N ASP B 457 28.52 10.66 -20.25
CA ASP B 457 29.15 9.37 -20.03
C ASP B 457 28.81 8.84 -18.64
N GLN B 458 28.51 9.79 -17.72
CA GLN B 458 27.94 9.55 -16.41
C GLN B 458 26.44 9.30 -16.45
N TRP B 459 25.64 10.12 -17.16
CA TRP B 459 24.18 10.00 -17.23
C TRP B 459 23.69 8.65 -17.74
N ASP B 460 24.24 8.18 -18.89
CA ASP B 460 23.90 6.89 -19.50
C ASP B 460 24.06 5.76 -18.46
N ASN B 461 25.15 5.83 -17.68
CA ASN B 461 25.46 4.99 -16.54
C ASN B 461 24.47 5.14 -15.37
N LEU B 462 24.17 6.40 -14.96
CA LEU B 462 23.23 6.77 -13.89
C LEU B 462 21.87 6.12 -14.18
N GLY B 463 21.37 6.31 -15.42
CA GLY B 463 20.22 5.65 -16.00
C GLY B 463 20.32 4.15 -15.98
N ALA B 464 21.42 3.57 -16.51
CA ALA B 464 21.70 2.16 -16.50
C ALA B 464 21.69 1.48 -15.12
N LEU B 465 22.42 2.00 -14.11
CA LEU B 465 22.52 1.47 -12.76
C LEU B 465 21.16 1.31 -12.10
N THR B 466 20.33 2.35 -12.19
CA THR B 466 18.96 2.43 -11.70
C THR B 466 17.98 1.52 -12.42
N GLN B 467 18.17 1.27 -13.74
CA GLN B 467 17.40 0.25 -14.44
C GLN B 467 17.67 -1.15 -13.90
N LYS B 468 18.92 -1.42 -13.46
CA LYS B 468 19.25 -2.65 -12.76
C LYS B 468 18.75 -2.65 -11.32
N ARG B 469 18.59 -1.47 -10.70
CA ARG B 469 18.02 -1.34 -9.38
C ARG B 469 16.51 -1.60 -9.40
N ARG B 470 15.78 -1.11 -10.42
CA ARG B 470 14.36 -1.40 -10.61
C ARG B 470 14.11 -2.88 -10.81
N GLU B 471 14.94 -3.54 -11.66
CA GLU B 471 14.96 -4.98 -11.85
C GLU B 471 15.21 -5.78 -10.57
N ALA B 472 15.96 -5.21 -9.61
CA ALA B 472 16.10 -5.76 -8.28
C ALA B 472 14.87 -5.57 -7.39
N LEU B 473 14.13 -4.45 -7.46
CA LEU B 473 12.91 -4.18 -6.70
C LEU B 473 11.70 -5.00 -7.20
N GLU B 474 11.44 -4.99 -8.52
CA GLU B 474 10.46 -5.80 -9.24
C GLU B 474 10.73 -7.31 -9.07
N ARG B 475 12.00 -7.67 -8.70
CA ARG B 475 12.41 -9.00 -8.28
C ARG B 475 12.20 -9.30 -6.79
N THR B 476 12.79 -8.55 -5.85
CA THR B 476 12.85 -8.92 -4.42
C THR B 476 11.52 -8.81 -3.73
N GLU B 477 10.67 -7.90 -4.20
CA GLU B 477 9.28 -7.80 -3.85
C GLU B 477 8.54 -9.10 -4.18
N LYS B 478 8.74 -9.62 -5.42
CA LYS B 478 8.16 -10.88 -5.85
C LYS B 478 8.54 -12.13 -5.02
N LEU B 479 9.82 -12.33 -4.62
CA LEU B 479 10.16 -13.44 -3.74
C LEU B 479 9.44 -13.39 -2.41
N LEU B 480 9.43 -12.24 -1.73
CA LEU B 480 8.71 -12.03 -0.49
C LEU B 480 7.18 -12.00 -0.63
N GLU B 481 6.59 -11.76 -1.81
CA GLU B 481 5.19 -12.08 -2.08
C GLU B 481 4.94 -13.59 -2.13
N THR B 482 5.83 -14.37 -2.76
CA THR B 482 5.75 -15.85 -2.87
C THR B 482 5.79 -16.52 -1.52
N ILE B 483 6.86 -16.24 -0.76
CA ILE B 483 7.14 -16.67 0.61
C ILE B 483 5.97 -16.46 1.58
N ASP B 484 5.38 -15.25 1.64
CA ASP B 484 4.16 -14.99 2.41
C ASP B 484 2.99 -15.94 2.11
N GLN B 485 2.65 -16.08 0.81
CA GLN B 485 1.49 -16.82 0.36
C GLN B 485 1.63 -18.35 0.44
N LEU B 486 2.84 -18.96 0.44
CA LEU B 486 3.01 -20.38 0.72
C LEU B 486 3.02 -20.63 2.23
N TYR B 487 3.61 -19.71 3.03
CA TYR B 487 3.35 -19.67 4.47
C TYR B 487 1.86 -19.59 4.77
N LEU B 488 1.08 -18.88 3.94
CA LEU B 488 -0.35 -18.70 4.06
C LEU B 488 -1.11 -20.02 3.96
N GLU B 489 -0.87 -20.87 2.93
CA GLU B 489 -1.43 -22.21 2.83
C GLU B 489 -0.98 -23.17 3.95
N TYR B 490 0.33 -23.28 4.28
CA TYR B 490 0.77 -24.02 5.47
C TYR B 490 -0.01 -23.65 6.75
N ALA B 491 -0.10 -22.33 7.03
CA ALA B 491 -0.76 -21.74 8.16
C ALA B 491 -2.26 -21.97 8.20
N LYS B 492 -2.95 -21.76 7.06
CA LYS B 492 -4.38 -21.88 6.91
C LYS B 492 -4.86 -23.28 7.24
N ARG B 493 -4.13 -24.29 6.71
CA ARG B 493 -4.36 -25.70 6.92
C ARG B 493 -3.88 -26.13 8.29
N ALA B 494 -2.78 -25.55 8.81
CA ALA B 494 -2.35 -25.75 10.18
C ALA B 494 -3.19 -25.03 11.26
N ALA B 495 -4.47 -24.76 10.97
CA ALA B 495 -5.52 -24.49 11.91
C ALA B 495 -6.41 -25.75 11.82
N PRO B 496 -7.35 -26.05 10.90
CA PRO B 496 -8.11 -27.30 10.94
C PRO B 496 -7.37 -28.63 10.85
N PHE B 497 -6.06 -28.70 10.51
CA PHE B 497 -5.24 -29.91 10.57
C PHE B 497 -4.38 -29.91 11.85
N ASN B 498 -4.46 -28.84 12.66
CA ASN B 498 -3.97 -28.84 14.01
C ASN B 498 -5.07 -29.33 14.94
N ASN B 499 -6.35 -28.98 14.66
CA ASN B 499 -7.53 -29.38 15.44
C ASN B 499 -7.82 -30.87 15.40
N TRP B 500 -7.43 -31.53 14.29
CA TRP B 500 -7.75 -32.91 14.04
C TRP B 500 -6.93 -33.78 14.99
N MET B 501 -5.66 -33.44 15.22
CA MET B 501 -4.77 -34.14 16.14
C MET B 501 -5.15 -33.82 17.57
N GLU B 502 -5.64 -32.60 17.86
CA GLU B 502 -6.29 -32.32 19.15
C GLU B 502 -7.45 -33.26 19.46
N GLY B 503 -8.37 -33.46 18.49
CA GLY B 503 -9.47 -34.43 18.57
C GLY B 503 -9.01 -35.86 18.67
N ALA B 504 -8.11 -36.29 17.78
CA ALA B 504 -7.54 -37.62 17.76
C ALA B 504 -6.76 -37.96 19.02
N MET B 505 -6.12 -36.96 19.66
CA MET B 505 -5.58 -37.03 21.00
C MET B 505 -6.64 -37.14 22.08
N GLU B 506 -7.73 -36.33 22.07
CA GLU B 506 -8.85 -36.39 23.00
C GLU B 506 -9.71 -37.65 22.91
N ASP B 507 -10.50 -37.83 21.82
CA ASP B 507 -11.32 -38.99 21.52
C ASP B 507 -10.65 -40.36 21.75
N LEU B 508 -9.39 -40.51 21.32
CA LEU B 508 -8.64 -41.72 21.55
C LEU B 508 -7.77 -41.72 22.82
N GLN B 509 -7.88 -40.73 23.72
CA GLN B 509 -7.40 -40.83 25.10
C GLN B 509 -8.51 -41.23 26.02
N ASP B 510 -9.75 -40.82 25.77
CA ASP B 510 -10.99 -41.09 26.48
C ASP B 510 -11.23 -42.40 27.28
N THR B 511 -11.37 -42.34 28.64
CA THR B 511 -11.69 -43.48 29.50
C THR B 511 -13.15 -43.98 29.49
N PHE B 512 -13.52 -45.05 28.76
CA PHE B 512 -14.85 -45.68 28.84
C PHE B 512 -14.89 -47.06 29.53
N ILE B 513 -16.02 -47.36 30.23
CA ILE B 513 -16.48 -48.70 30.61
C ILE B 513 -17.57 -49.11 29.62
N VAL B 514 -18.10 -50.35 29.63
CA VAL B 514 -19.38 -50.68 29.02
C VAL B 514 -20.06 -51.73 29.89
N HIS B 515 -21.40 -51.80 29.89
CA HIS B 515 -22.08 -52.82 30.67
C HIS B 515 -22.74 -53.89 29.78
N THR B 516 -22.79 -53.67 28.44
CA THR B 516 -23.46 -54.53 27.45
C THR B 516 -22.74 -54.67 26.09
N ILE B 517 -23.18 -55.65 25.25
CA ILE B 517 -22.55 -56.02 23.96
C ILE B 517 -22.72 -55.05 22.78
N GLU B 518 -23.90 -54.44 22.57
CA GLU B 518 -24.14 -53.53 21.46
C GLU B 518 -23.40 -52.22 21.63
N GLU B 519 -23.48 -51.70 22.87
CA GLU B 519 -22.84 -50.50 23.34
C GLU B 519 -21.31 -50.57 23.24
N ILE B 520 -20.70 -51.77 23.17
CA ILE B 520 -19.27 -51.91 22.88
C ILE B 520 -18.96 -52.06 21.40
N GLN B 521 -19.75 -52.82 20.61
CA GLN B 521 -19.50 -52.97 19.18
C GLN B 521 -19.69 -51.64 18.45
N GLY B 522 -20.52 -50.75 19.02
CA GLY B 522 -20.54 -49.31 18.71
C GLY B 522 -19.20 -48.62 18.89
N LEU B 523 -18.63 -48.64 20.11
CA LEU B 523 -17.33 -48.01 20.37
C LEU B 523 -16.14 -48.64 19.64
N THR B 524 -16.23 -49.93 19.28
CA THR B 524 -15.32 -50.64 18.38
C THR B 524 -15.43 -50.12 16.96
N THR B 525 -16.67 -49.99 16.45
CA THR B 525 -16.98 -49.47 15.11
C THR B 525 -16.61 -48.01 14.95
N ALA B 526 -16.76 -47.16 15.98
CA ALA B 526 -16.21 -45.82 16.02
C ALA B 526 -14.67 -45.78 15.95
N HIS B 527 -13.94 -46.74 16.57
CA HIS B 527 -12.52 -46.92 16.28
C HIS B 527 -12.25 -47.23 14.81
N GLU B 528 -12.96 -48.23 14.21
CA GLU B 528 -12.84 -48.53 12.77
C GLU B 528 -12.92 -47.31 11.83
N GLN B 529 -13.96 -46.47 11.97
CA GLN B 529 -14.11 -45.24 11.20
C GLN B 529 -13.02 -44.19 11.47
N PHE B 530 -12.55 -44.02 12.73
CA PHE B 530 -11.49 -43.05 13.03
C PHE B 530 -10.08 -43.56 12.69
N LYS B 531 -9.91 -44.87 12.43
CA LYS B 531 -8.78 -45.39 11.71
C LYS B 531 -8.91 -45.09 10.21
N ALA B 532 -10.14 -45.08 9.66
CA ALA B 532 -10.38 -44.74 8.27
C ALA B 532 -10.09 -43.29 7.86
N THR B 533 -10.13 -42.28 8.78
CA THR B 533 -9.71 -40.90 8.47
C THR B 533 -8.20 -40.68 8.64
N LEU B 534 -7.42 -41.65 9.17
CA LEU B 534 -5.97 -41.62 9.04
C LEU B 534 -5.42 -41.50 7.60
N PRO B 535 -5.82 -42.25 6.55
CA PRO B 535 -5.26 -42.09 5.22
C PRO B 535 -5.62 -40.79 4.50
N ASP B 536 -6.71 -40.06 4.85
CA ASP B 536 -6.88 -38.70 4.33
C ASP B 536 -5.96 -37.75 5.10
N ALA B 537 -5.97 -37.79 6.43
CA ALA B 537 -5.26 -36.91 7.32
C ALA B 537 -3.75 -36.97 7.15
N ASP B 538 -3.17 -38.13 6.80
CA ASP B 538 -1.75 -38.20 6.49
C ASP B 538 -1.50 -37.54 5.14
N LYS B 539 -2.32 -37.83 4.10
CA LYS B 539 -2.30 -37.15 2.82
C LYS B 539 -2.35 -35.61 2.91
N GLU B 540 -3.14 -35.06 3.85
CA GLU B 540 -3.10 -33.66 4.26
C GLU B 540 -1.74 -33.24 4.77
N ARG B 541 -1.15 -33.94 5.77
CA ARG B 541 0.21 -33.69 6.26
C ARG B 541 1.28 -33.78 5.17
N GLN B 542 1.13 -34.77 4.27
CA GLN B 542 2.04 -34.98 3.16
C GLN B 542 1.88 -33.95 2.05
N ALA B 543 0.92 -33.00 2.18
CA ALA B 543 0.82 -31.79 1.41
C ALA B 543 1.32 -30.59 2.23
N ILE B 544 0.76 -30.39 3.45
CA ILE B 544 1.08 -29.39 4.48
C ILE B 544 2.55 -29.19 4.74
N LEU B 545 3.30 -30.22 5.18
CA LEU B 545 4.75 -30.15 5.30
C LEU B 545 5.42 -29.73 4.00
N GLY B 546 4.92 -30.25 2.85
CA GLY B 546 5.33 -29.83 1.50
C GLY B 546 5.25 -28.35 1.22
N ILE B 547 4.21 -27.66 1.72
CA ILE B 547 3.98 -26.24 1.51
C ILE B 547 4.96 -25.41 2.35
N HIS B 548 5.18 -25.74 3.65
CA HIS B 548 6.27 -25.17 4.46
C HIS B 548 7.64 -25.54 3.92
N ASN B 549 7.80 -26.72 3.26
CA ASN B 549 9.02 -27.11 2.58
C ASN B 549 9.37 -26.18 1.44
N GLU B 550 8.40 -25.87 0.55
CA GLU B 550 8.66 -24.99 -0.58
C GLU B 550 8.97 -23.56 -0.16
N VAL B 551 8.32 -22.99 0.89
CA VAL B 551 8.80 -21.76 1.54
C VAL B 551 10.29 -21.77 1.85
N SER B 552 10.77 -22.75 2.64
CA SER B 552 12.20 -22.94 2.93
C SER B 552 13.10 -23.05 1.71
N LYS B 553 12.72 -23.83 0.67
CA LYS B 553 13.52 -24.02 -0.54
C LYS B 553 13.70 -22.75 -1.35
N ILE B 554 12.59 -22.00 -1.53
CA ILE B 554 12.50 -20.83 -2.37
C ILE B 554 13.36 -19.64 -1.90
N VAL B 555 13.68 -19.47 -0.61
CA VAL B 555 14.61 -18.43 -0.13
C VAL B 555 16.07 -18.77 -0.39
N GLN B 556 16.44 -20.06 -0.16
CA GLN B 556 17.79 -20.56 -0.05
C GLN B 556 18.59 -20.36 -1.32
N THR B 557 17.92 -20.40 -2.49
CA THR B 557 18.56 -20.23 -3.79
C THR B 557 18.98 -18.80 -4.12
N TYR B 558 18.36 -17.79 -3.46
CA TYR B 558 18.56 -16.39 -3.84
C TYR B 558 19.39 -15.63 -2.82
N HIS B 559 19.73 -16.26 -1.68
CA HIS B 559 20.59 -15.74 -0.62
C HIS B 559 20.03 -14.52 0.08
N VAL B 560 18.70 -14.46 0.30
CA VAL B 560 18.04 -13.26 0.79
C VAL B 560 17.72 -13.44 2.28
N ASN B 561 17.16 -12.37 2.88
CA ASN B 561 16.92 -12.23 4.30
C ASN B 561 15.44 -12.43 4.49
N MET B 562 14.89 -12.14 5.70
CA MET B 562 13.69 -12.74 6.27
C MET B 562 14.01 -14.15 6.75
N ALA B 563 13.88 -14.45 8.06
CA ALA B 563 14.32 -15.74 8.53
C ALA B 563 13.28 -16.81 8.23
N GLY B 564 13.67 -18.10 8.29
CA GLY B 564 12.78 -19.23 8.00
C GLY B 564 11.87 -19.53 9.16
N THR B 565 11.03 -18.54 9.50
CA THR B 565 10.11 -18.43 10.63
C THR B 565 8.77 -17.93 10.10
N ASN B 566 7.64 -18.56 10.51
CA ASN B 566 6.31 -18.37 9.95
C ASN B 566 5.53 -17.22 10.61
N PRO B 567 5.14 -16.15 9.94
CA PRO B 567 4.34 -15.12 10.59
C PRO B 567 2.88 -15.54 10.78
N TYR B 568 2.29 -16.30 9.82
CA TYR B 568 0.83 -16.42 9.70
C TYR B 568 0.12 -17.52 10.45
N THR B 569 0.81 -18.52 11.04
CA THR B 569 0.21 -19.16 12.22
C THR B 569 1.28 -19.35 13.26
N THR B 570 0.90 -19.91 14.42
CA THR B 570 1.69 -20.09 15.63
C THR B 570 2.65 -21.27 15.59
N ILE B 571 2.09 -22.49 15.42
CA ILE B 571 2.72 -23.80 15.48
C ILE B 571 3.71 -24.08 14.35
N THR B 572 4.67 -25.01 14.53
CA THR B 572 5.73 -25.25 13.55
C THR B 572 5.69 -26.69 13.05
N PRO B 573 6.30 -27.08 11.91
CA PRO B 573 6.12 -28.45 11.40
C PRO B 573 6.70 -29.55 12.27
N GLN B 574 7.64 -29.22 13.18
CA GLN B 574 8.42 -30.20 13.90
C GLN B 574 7.67 -30.79 15.10
N GLU B 575 6.89 -29.97 15.85
CA GLU B 575 6.04 -30.47 16.92
C GLU B 575 4.66 -30.87 16.38
N ILE B 576 4.24 -30.34 15.18
CA ILE B 576 3.10 -30.82 14.40
C ILE B 576 3.34 -32.25 13.94
N ASN B 577 4.54 -32.52 13.37
CA ASN B 577 4.99 -33.86 13.08
C ASN B 577 5.11 -34.73 14.34
N GLY B 578 5.29 -34.10 15.52
CA GLY B 578 5.25 -34.73 16.84
C GLY B 578 3.89 -35.23 17.22
N LYS B 579 2.86 -34.36 17.18
CA LYS B 579 1.43 -34.66 17.37
C LYS B 579 0.93 -35.81 16.55
N TRP B 580 1.42 -35.90 15.30
CA TRP B 580 1.15 -37.02 14.42
C TRP B 580 1.55 -38.35 15.06
N GLU B 581 2.74 -38.43 15.68
CA GLU B 581 3.20 -39.60 16.38
C GLU B 581 2.77 -39.66 17.86
N HIS B 582 2.05 -38.66 18.42
CA HIS B 582 1.16 -38.87 19.55
C HIS B 582 -0.03 -39.69 19.11
N VAL B 583 -0.74 -39.18 18.07
CA VAL B 583 -1.85 -39.77 17.34
C VAL B 583 -1.58 -41.19 16.82
N ARG B 584 -0.45 -41.44 16.12
CA ARG B 584 -0.04 -42.79 15.74
C ARG B 584 0.37 -43.70 16.91
N GLN B 585 0.83 -43.16 18.07
CA GLN B 585 0.97 -43.96 19.30
C GLN B 585 -0.39 -44.42 19.80
N LEU B 586 -1.38 -43.50 19.94
CA LEU B 586 -2.72 -43.82 20.42
C LEU B 586 -3.45 -44.90 19.64
N VAL B 587 -3.59 -44.78 18.30
CA VAL B 587 -4.23 -45.78 17.45
C VAL B 587 -4.03 -47.27 17.82
N PRO B 588 -2.87 -47.97 17.74
CA PRO B 588 -2.66 -49.37 18.18
C PRO B 588 -2.53 -49.58 19.71
N ARG B 589 -3.22 -48.76 20.51
CA ARG B 589 -3.38 -48.91 21.94
C ARG B 589 -4.87 -48.98 22.28
N ARG B 590 -5.71 -48.63 21.30
CA ARG B 590 -7.14 -48.48 21.50
C ARG B 590 -7.90 -49.69 21.03
N ASP B 591 -7.52 -50.27 19.89
CA ASP B 591 -7.96 -51.60 19.44
C ASP B 591 -7.68 -52.70 20.50
N GLN B 592 -6.52 -52.59 21.18
CA GLN B 592 -6.12 -53.37 22.35
C GLN B 592 -7.03 -53.10 23.56
N ALA B 593 -7.28 -51.83 23.91
CA ALA B 593 -8.25 -51.47 24.94
C ALA B 593 -9.70 -51.89 24.64
N LEU B 594 -10.14 -51.85 23.35
CA LEU B 594 -11.37 -52.52 22.92
C LEU B 594 -11.31 -54.02 23.19
N MET B 595 -10.19 -54.69 22.89
CA MET B 595 -10.00 -56.11 23.17
C MET B 595 -10.15 -56.49 24.65
N GLU B 596 -9.68 -55.64 25.58
CA GLU B 596 -9.95 -55.71 27.02
C GLU B 596 -11.45 -55.74 27.33
N GLU B 597 -12.27 -54.81 26.77
CA GLU B 597 -13.72 -54.77 26.93
C GLU B 597 -14.43 -55.93 26.22
N HIS B 598 -13.87 -56.41 25.10
CA HIS B 598 -14.31 -57.57 24.35
C HIS B 598 -14.14 -58.84 25.21
N ALA B 599 -13.05 -58.90 26.01
CA ALA B 599 -12.86 -59.84 27.08
C ALA B 599 -13.87 -59.70 28.24
N ARG B 600 -14.60 -58.57 28.39
CA ARG B 600 -15.90 -58.59 29.06
C ARG B 600 -17.07 -58.97 28.14
N GLN B 601 -17.72 -57.99 27.47
CA GLN B 601 -19.02 -58.05 26.80
C GLN B 601 -19.28 -59.26 25.89
N GLN B 602 -18.36 -59.51 24.93
CA GLN B 602 -18.31 -60.68 24.06
C GLN B 602 -18.33 -62.00 24.83
N GLN B 603 -17.79 -62.01 26.07
CA GLN B 603 -17.90 -63.15 26.95
C GLN B 603 -19.24 -63.10 27.69
N ASN B 604 -19.66 -61.93 28.23
CA ASN B 604 -20.94 -61.69 28.90
C ASN B 604 -22.21 -62.18 28.16
N GLU B 605 -22.44 -61.91 26.86
CA GLU B 605 -23.60 -62.48 26.13
C GLU B 605 -23.55 -64.00 26.03
N ARG B 606 -22.32 -64.53 25.89
CA ARG B 606 -22.07 -65.96 25.83
C ARG B 606 -22.37 -66.67 27.15
N LEU B 607 -22.25 -65.97 28.30
CA LEU B 607 -22.52 -66.47 29.64
C LEU B 607 -24.00 -66.49 29.97
N ARG B 608 -24.79 -65.44 29.59
CA ARG B 608 -26.26 -65.51 29.65
C ARG B 608 -26.77 -66.75 28.92
N LYS B 609 -26.19 -66.97 27.72
CA LYS B 609 -26.37 -68.18 26.94
C LYS B 609 -25.93 -69.49 27.61
N GLN B 610 -24.69 -69.62 28.13
CA GLN B 610 -24.19 -70.82 28.82
C GLN B 610 -24.99 -71.22 30.03
N PHE B 611 -25.36 -70.26 30.89
CA PHE B 611 -26.20 -70.47 32.05
C PHE B 611 -27.57 -71.01 31.65
N GLY B 612 -28.11 -70.53 30.51
CA GLY B 612 -29.28 -71.12 29.86
C GLY B 612 -29.07 -72.56 29.40
N ALA B 613 -27.98 -72.83 28.67
CA ALA B 613 -27.61 -74.12 28.13
C ALA B 613 -27.44 -75.23 29.17
N GLN B 614 -26.97 -74.85 30.38
CA GLN B 614 -26.85 -75.70 31.52
C GLN B 614 -28.21 -75.82 32.23
N ALA B 615 -28.66 -74.74 32.90
CA ALA B 615 -29.79 -74.73 33.82
C ALA B 615 -31.15 -75.09 33.21
N ASN B 616 -31.34 -74.90 31.89
CA ASN B 616 -32.60 -75.24 31.24
C ASN B 616 -32.76 -76.73 31.03
N VAL B 617 -31.66 -77.53 31.08
CA VAL B 617 -31.70 -78.99 31.06
C VAL B 617 -31.38 -79.59 32.42
N ILE B 618 -30.59 -78.90 33.27
CA ILE B 618 -30.39 -79.26 34.66
C ILE B 618 -31.70 -79.12 35.43
N GLY B 619 -32.33 -77.92 35.48
CA GLY B 619 -33.69 -77.61 35.94
C GLY B 619 -34.78 -78.64 35.74
N PRO B 620 -35.20 -79.10 34.56
CA PRO B 620 -36.20 -80.16 34.43
C PRO B 620 -35.67 -81.55 34.76
N TRP B 621 -34.36 -81.73 35.03
CA TRP B 621 -33.89 -82.99 35.58
C TRP B 621 -34.32 -83.05 37.05
N ILE B 622 -34.55 -81.89 37.71
CA ILE B 622 -35.27 -81.80 38.97
C ILE B 622 -36.76 -82.09 38.78
N GLN B 623 -37.45 -81.39 37.84
CA GLN B 623 -38.89 -81.50 37.66
C GLN B 623 -39.33 -82.90 37.31
N THR B 624 -38.68 -83.51 36.30
CA THR B 624 -38.93 -84.89 35.91
C THR B 624 -38.71 -85.90 37.02
N LYS B 625 -37.69 -85.77 37.90
CA LYS B 625 -37.59 -86.62 39.07
C LYS B 625 -38.67 -86.35 40.12
N MET B 626 -39.02 -85.08 40.43
CA MET B 626 -40.20 -84.75 41.22
C MET B 626 -41.54 -85.36 40.71
N GLU B 627 -41.70 -85.49 39.37
CA GLU B 627 -42.80 -86.16 38.70
C GLU B 627 -42.81 -87.69 38.94
N GLU B 628 -41.63 -88.34 38.79
CA GLU B 628 -41.37 -89.74 39.06
C GLU B 628 -41.43 -90.18 40.51
N ILE B 629 -41.17 -89.28 41.51
CA ILE B 629 -41.13 -89.64 42.94
C ILE B 629 -42.57 -89.68 43.51
N GLY B 630 -43.49 -90.06 42.61
CA GLY B 630 -44.92 -90.24 42.73
C GLY B 630 -45.36 -91.43 41.92
N ARG B 631 -44.47 -92.00 41.07
CA ARG B 631 -44.58 -93.33 40.50
C ARG B 631 -43.68 -94.20 41.35
N ILE B 632 -43.00 -95.20 40.74
CA ILE B 632 -42.05 -96.13 41.33
C ILE B 632 -42.78 -97.14 42.21
N SER B 633 -43.41 -96.65 43.30
CA SER B 633 -44.42 -97.25 44.19
C SER B 633 -45.52 -98.14 43.61
N ILE B 634 -45.50 -98.48 42.29
CA ILE B 634 -46.60 -99.09 41.55
C ILE B 634 -46.32 -100.43 40.88
N GLU B 635 -45.06 -100.94 40.82
CA GLU B 635 -44.62 -101.92 39.82
C GLU B 635 -45.23 -103.35 39.83
N MET B 636 -44.58 -104.30 39.15
CA MET B 636 -45.22 -105.35 38.38
C MET B 636 -45.70 -106.61 39.11
N HIS B 637 -44.87 -107.24 39.98
CA HIS B 637 -45.27 -108.47 40.66
C HIS B 637 -45.97 -108.19 41.98
N GLY B 638 -45.42 -107.36 42.88
CA GLY B 638 -45.78 -107.44 44.29
C GLY B 638 -46.19 -106.12 44.83
N THR B 639 -45.23 -105.34 45.35
CA THR B 639 -45.44 -103.98 45.82
C THR B 639 -44.09 -103.31 46.01
N LEU B 640 -43.17 -103.96 46.75
CA LEU B 640 -42.01 -103.37 47.42
C LEU B 640 -40.70 -103.71 46.72
N GLU B 641 -40.48 -104.97 46.35
CA GLU B 641 -39.31 -105.53 45.69
C GLU B 641 -38.91 -104.83 44.39
N ASP B 642 -39.69 -104.95 43.27
CA ASP B 642 -39.46 -104.28 41.98
C ASP B 642 -39.47 -102.73 42.03
N GLN B 643 -39.82 -102.20 43.21
CA GLN B 643 -40.10 -100.82 43.51
C GLN B 643 -38.94 -100.16 44.26
N LEU B 644 -38.41 -100.78 45.32
CA LEU B 644 -37.26 -100.34 46.12
C LEU B 644 -36.03 -100.43 45.24
N ASN B 645 -35.98 -101.48 44.38
CA ASN B 645 -35.14 -101.67 43.22
C ASN B 645 -34.96 -100.44 42.32
N HIS B 646 -36.07 -99.78 41.93
CA HIS B 646 -35.97 -98.59 41.11
C HIS B 646 -35.63 -97.34 41.94
N LEU B 647 -35.79 -97.35 43.28
CA LEU B 647 -35.31 -96.25 44.11
C LEU B 647 -33.81 -96.35 44.37
N ARG B 648 -33.26 -97.58 44.55
CA ARG B 648 -31.84 -97.86 44.47
C ARG B 648 -31.22 -97.45 43.10
N GLN B 649 -32.06 -97.42 42.02
CA GLN B 649 -31.75 -96.89 40.69
C GLN B 649 -31.79 -95.37 40.61
N TYR B 650 -32.92 -94.70 40.96
CA TYR B 650 -33.01 -93.25 40.86
C TYR B 650 -32.06 -92.45 41.76
N GLU B 651 -31.64 -92.97 42.93
CA GLU B 651 -30.50 -92.45 43.67
C GLU B 651 -29.20 -92.54 42.85
N LYS B 652 -28.87 -93.75 42.33
CA LYS B 652 -27.72 -94.01 41.47
C LYS B 652 -27.66 -93.07 40.26
N SER B 653 -28.85 -92.69 39.73
CA SER B 653 -29.15 -91.67 38.74
C SER B 653 -28.85 -90.22 39.20
N ILE B 654 -29.25 -89.79 40.43
CA ILE B 654 -28.87 -88.51 41.06
C ILE B 654 -27.35 -88.41 41.26
N VAL B 655 -26.74 -89.43 41.90
CA VAL B 655 -25.31 -89.54 42.21
C VAL B 655 -24.40 -89.45 40.97
N ASN B 656 -24.86 -89.98 39.81
CA ASN B 656 -24.25 -89.69 38.53
C ASN B 656 -24.30 -88.21 38.12
N TYR B 657 -25.49 -87.58 38.02
CA TYR B 657 -25.68 -86.28 37.37
C TYR B 657 -24.85 -85.12 37.93
N LYS B 658 -24.65 -85.11 39.28
CA LYS B 658 -24.07 -84.06 40.12
C LYS B 658 -23.17 -82.97 39.51
N PRO B 659 -22.00 -83.15 38.86
CA PRO B 659 -20.99 -82.09 38.83
C PRO B 659 -21.31 -80.94 37.92
N LYS B 660 -22.47 -80.95 37.24
CA LYS B 660 -23.00 -79.82 36.50
C LYS B 660 -23.60 -78.78 37.40
N ILE B 661 -24.30 -79.23 38.47
CA ILE B 661 -24.73 -78.40 39.60
C ILE B 661 -23.56 -77.61 40.14
N ASP B 662 -22.37 -78.23 40.26
CA ASP B 662 -21.14 -77.55 40.65
C ASP B 662 -20.61 -76.62 39.56
N GLN B 663 -20.66 -77.01 38.26
CA GLN B 663 -20.27 -76.13 37.16
C GLN B 663 -21.09 -74.84 37.09
N LEU B 664 -22.42 -74.89 37.40
CA LEU B 664 -23.28 -73.71 37.54
C LEU B 664 -22.76 -72.66 38.54
N GLU B 665 -22.27 -73.09 39.72
CA GLU B 665 -21.57 -72.22 40.68
C GLU B 665 -20.36 -71.45 40.09
N GLY B 666 -19.76 -72.00 39.00
CA GLY B 666 -18.65 -71.44 38.20
C GLY B 666 -19.10 -70.56 37.04
N ASP B 667 -20.16 -70.98 36.30
CA ASP B 667 -20.90 -70.16 35.35
C ASP B 667 -21.28 -68.81 35.97
N HIS B 668 -21.90 -68.89 37.17
CA HIS B 668 -22.23 -67.78 38.04
C HIS B 668 -21.02 -66.98 38.51
N GLN B 669 -19.91 -67.59 38.95
CA GLN B 669 -18.67 -66.88 39.25
C GLN B 669 -18.14 -65.99 38.12
N GLN B 670 -17.94 -66.49 36.88
CA GLN B 670 -17.45 -65.65 35.79
C GLN B 670 -18.46 -64.59 35.31
N ILE B 671 -19.74 -64.68 35.71
CA ILE B 671 -20.73 -63.61 35.61
C ILE B 671 -20.60 -62.63 36.78
N GLN B 672 -20.51 -63.11 38.04
CA GLN B 672 -20.51 -62.22 39.20
C GLN B 672 -19.34 -61.28 39.35
N GLU B 673 -18.15 -61.60 38.80
CA GLU B 673 -17.05 -60.65 38.76
C GLU B 673 -17.15 -59.67 37.56
N ALA B 674 -17.99 -59.95 36.54
CA ALA B 674 -18.24 -59.05 35.43
C ALA B 674 -19.35 -58.03 35.67
N LEU B 675 -20.02 -58.02 36.86
CA LEU B 675 -21.16 -57.16 37.18
C LEU B 675 -22.25 -57.05 36.10
N ILE B 676 -22.57 -58.20 35.48
CA ILE B 676 -23.86 -58.40 34.86
C ILE B 676 -24.58 -59.32 35.81
N PHE B 677 -25.91 -59.18 35.89
CA PHE B 677 -26.78 -60.01 36.70
C PHE B 677 -27.91 -60.51 35.81
N ASP B 678 -28.33 -59.61 34.91
CA ASP B 678 -29.45 -59.67 34.02
C ASP B 678 -29.46 -60.79 32.99
N ASN B 679 -29.73 -62.04 33.38
CA ASN B 679 -30.08 -63.06 32.43
C ASN B 679 -31.47 -62.83 31.81
N LYS B 680 -31.52 -62.26 30.59
CA LYS B 680 -32.72 -61.98 29.82
C LYS B 680 -33.06 -63.13 28.88
N HIS B 681 -32.74 -64.38 29.30
CA HIS B 681 -32.94 -65.62 28.56
C HIS B 681 -33.65 -66.70 29.41
N THR B 682 -33.15 -67.01 30.63
CA THR B 682 -33.67 -68.12 31.45
C THR B 682 -34.94 -67.82 32.25
N ASN B 683 -35.70 -68.87 32.61
CA ASN B 683 -36.85 -68.82 33.50
C ASN B 683 -36.53 -69.47 34.85
N TYR B 684 -35.26 -69.92 35.11
CA TYR B 684 -34.87 -70.61 36.35
C TYR B 684 -34.17 -69.75 37.42
N THR B 685 -32.84 -69.55 37.30
CA THR B 685 -31.94 -68.87 38.27
C THR B 685 -31.57 -69.72 39.47
N MET B 686 -30.56 -69.31 40.29
CA MET B 686 -29.84 -70.21 41.17
C MET B 686 -30.55 -70.76 42.41
N GLU B 687 -31.30 -69.95 43.18
CA GLU B 687 -32.01 -70.42 44.36
C GLU B 687 -33.04 -71.53 44.06
N HIS B 688 -33.69 -71.49 42.88
CA HIS B 688 -34.50 -72.60 42.38
C HIS B 688 -33.70 -73.84 42.02
N ILE B 689 -32.46 -73.70 41.48
CA ILE B 689 -31.54 -74.83 41.32
C ILE B 689 -31.10 -75.40 42.67
N ARG B 690 -30.55 -74.58 43.61
CA ARG B 690 -30.15 -75.02 44.96
C ARG B 690 -31.31 -75.67 45.74
N VAL B 691 -32.47 -75.00 45.91
CA VAL B 691 -33.60 -75.59 46.61
C VAL B 691 -34.17 -76.78 45.85
N GLY B 692 -34.34 -76.68 44.51
CA GLY B 692 -34.87 -77.80 43.73
C GLY B 692 -34.05 -79.08 43.75
N TRP B 693 -32.72 -78.96 43.57
CA TRP B 693 -31.76 -80.05 43.67
C TRP B 693 -31.59 -80.57 45.11
N GLU B 694 -31.32 -79.69 46.08
CA GLU B 694 -31.12 -80.03 47.49
C GLU B 694 -32.40 -80.47 48.23
N GLN B 695 -33.61 -80.07 47.76
CA GLN B 695 -34.90 -80.66 48.14
C GLN B 695 -35.10 -81.99 47.44
N LEU B 696 -34.68 -82.16 46.15
CA LEU B 696 -34.77 -83.43 45.44
C LEU B 696 -34.18 -84.61 46.21
N LEU B 697 -33.05 -84.37 46.91
CA LEU B 697 -32.46 -85.32 47.87
C LEU B 697 -33.45 -85.76 48.96
N THR B 698 -34.11 -84.84 49.68
CA THR B 698 -35.22 -85.12 50.60
C THR B 698 -36.37 -85.88 49.98
N THR B 699 -36.64 -85.65 48.69
CA THR B 699 -37.80 -86.21 48.01
C THR B 699 -37.61 -87.71 47.83
N ILE B 700 -36.41 -88.09 47.36
CA ILE B 700 -35.97 -89.47 47.43
C ILE B 700 -35.84 -89.94 48.88
N ALA B 701 -35.24 -89.17 49.82
CA ALA B 701 -35.05 -89.58 51.21
C ALA B 701 -36.28 -89.61 52.14
N ARG B 702 -37.49 -89.37 51.62
CA ARG B 702 -38.75 -89.58 52.33
C ARG B 702 -39.54 -90.68 51.65
N THR B 703 -39.49 -90.74 50.30
CA THR B 703 -40.08 -91.85 49.53
C THR B 703 -39.34 -93.13 49.78
N ILE B 704 -38.00 -93.09 49.73
CA ILE B 704 -37.13 -94.18 50.16
C ILE B 704 -37.46 -94.44 51.60
N ASN B 705 -37.07 -93.53 52.53
CA ASN B 705 -37.24 -93.80 53.95
C ASN B 705 -38.62 -93.45 54.53
N GLU B 706 -39.73 -93.85 53.90
CA GLU B 706 -40.91 -94.28 54.63
C GLU B 706 -41.10 -95.76 54.26
N VAL B 707 -40.59 -96.23 53.10
CA VAL B 707 -40.67 -97.61 52.60
C VAL B 707 -39.71 -98.56 53.31
N GLU B 708 -38.55 -98.06 53.81
CA GLU B 708 -37.74 -98.59 54.91
C GLU B 708 -38.59 -98.63 56.22
N ASN B 709 -39.73 -99.35 56.14
CA ASN B 709 -40.86 -99.43 57.05
C ASN B 709 -42.07 -100.11 56.41
N GLN B 710 -42.54 -99.72 55.21
CA GLN B 710 -43.81 -100.23 54.65
C GLN B 710 -43.84 -101.73 54.32
N ILE B 711 -42.70 -102.33 53.93
CA ILE B 711 -42.52 -103.77 53.86
C ILE B 711 -42.49 -104.35 55.25
N LEU B 712 -41.80 -103.70 56.19
CA LEU B 712 -41.61 -104.19 57.54
C LEU B 712 -42.87 -104.35 58.39
N THR B 713 -43.98 -103.64 58.10
CA THR B 713 -45.11 -103.30 59.01
C THR B 713 -45.76 -104.32 59.94
N ARG B 714 -45.00 -105.05 60.77
CA ARG B 714 -45.29 -105.09 62.19
C ARG B 714 -44.07 -104.49 62.84
N ASP B 715 -44.12 -103.18 63.14
CA ASP B 715 -43.15 -102.44 63.92
C ASP B 715 -43.22 -102.76 65.43
N ALA B 716 -43.18 -104.08 65.66
CA ALA B 716 -43.22 -104.72 66.95
C ALA B 716 -42.26 -105.89 66.91
N LYS B 717 -42.29 -106.68 65.79
CA LYS B 717 -41.47 -107.88 65.54
C LYS B 717 -39.98 -107.65 65.78
N GLY B 718 -39.50 -106.56 65.15
CA GLY B 718 -38.15 -106.09 65.15
C GLY B 718 -37.85 -105.76 63.72
N ILE B 719 -36.62 -106.08 63.44
CA ILE B 719 -36.01 -106.33 62.18
C ILE B 719 -35.54 -107.77 62.50
N SER B 720 -34.45 -108.34 61.99
CA SER B 720 -33.73 -109.45 62.61
C SER B 720 -33.37 -109.28 64.13
N GLN B 721 -32.22 -109.78 64.61
CA GLN B 721 -31.13 -108.88 64.94
C GLN B 721 -29.83 -109.52 64.48
N GLU B 722 -29.82 -110.67 63.76
CA GLU B 722 -28.64 -111.52 63.65
C GLU B 722 -27.38 -110.81 63.12
N GLN B 723 -27.50 -110.07 61.99
CA GLN B 723 -26.45 -109.22 61.40
C GLN B 723 -25.81 -108.27 62.41
N MET B 724 -26.64 -107.26 62.80
CA MET B 724 -26.30 -106.22 63.74
C MET B 724 -26.01 -106.76 65.11
N ASN B 725 -26.28 -108.05 65.46
CA ASN B 725 -25.85 -108.56 66.75
C ASN B 725 -24.37 -108.90 66.71
N GLU B 726 -23.83 -109.68 65.75
CA GLU B 726 -22.37 -109.76 65.57
C GLU B 726 -21.66 -108.45 65.19
N PHE B 727 -22.31 -107.54 64.41
CA PHE B 727 -21.78 -106.20 64.18
C PHE B 727 -21.87 -105.30 65.43
N ARG B 728 -22.84 -105.52 66.34
CA ARG B 728 -22.80 -105.04 67.71
C ARG B 728 -21.63 -105.64 68.47
N ALA B 729 -21.44 -106.97 68.46
CA ALA B 729 -20.33 -107.63 69.13
C ALA B 729 -18.97 -107.09 68.69
N SER B 730 -18.83 -106.81 67.37
CA SER B 730 -17.71 -106.13 66.71
C SER B 730 -17.47 -104.73 67.25
N PHE B 731 -18.47 -103.82 67.14
CA PHE B 731 -18.44 -102.50 67.78
C PHE B 731 -18.19 -102.56 69.30
N ASN B 732 -18.69 -103.59 70.01
CA ASN B 732 -18.52 -103.77 71.45
C ASN B 732 -17.06 -104.06 71.82
N HIS B 733 -16.22 -104.39 70.81
CA HIS B 733 -14.78 -104.28 70.93
C HIS B 733 -14.31 -102.86 70.91
N PHE B 734 -14.54 -102.13 69.83
CA PHE B 734 -14.03 -100.78 69.67
C PHE B 734 -14.71 -99.76 70.58
N ASP B 735 -15.82 -100.14 71.26
CA ASP B 735 -16.36 -99.51 72.46
C ASP B 735 -15.38 -99.64 73.67
N ARG B 736 -14.10 -99.19 73.51
CA ARG B 736 -13.03 -99.20 74.50
C ARG B 736 -13.21 -98.13 75.55
N LYS B 737 -14.14 -97.20 75.28
CA LYS B 737 -14.53 -96.14 76.18
C LYS B 737 -15.67 -96.63 77.07
N LYS B 738 -16.53 -97.57 76.58
CA LYS B 738 -17.84 -98.03 77.07
C LYS B 738 -18.69 -97.05 77.85
N THR B 739 -18.83 -95.88 77.20
CA THR B 739 -19.90 -94.90 77.30
C THR B 739 -20.93 -95.19 76.22
N GLY B 740 -20.45 -95.80 75.10
CA GLY B 740 -21.03 -95.70 73.78
C GLY B 740 -20.29 -94.68 72.97
N MET B 741 -19.03 -95.02 72.55
CA MET B 741 -18.31 -94.28 71.51
C MET B 741 -17.01 -94.96 71.07
N MET B 742 -16.71 -94.90 69.76
CA MET B 742 -15.41 -95.25 69.20
C MET B 742 -15.11 -94.14 68.20
N ASP B 743 -13.84 -93.88 67.86
CA ASP B 743 -13.46 -92.74 67.05
C ASP B 743 -13.56 -93.07 65.54
N CYS B 744 -13.44 -92.10 64.62
CA CYS B 744 -13.56 -92.41 63.18
C CYS B 744 -12.39 -93.18 62.53
N GLU B 745 -11.27 -93.42 63.23
CA GLU B 745 -10.30 -94.43 62.79
C GLU B 745 -10.88 -95.82 63.02
N ASP B 746 -11.44 -95.97 64.23
CA ASP B 746 -12.09 -97.15 64.76
C ASP B 746 -13.27 -97.65 63.91
N PHE B 747 -13.88 -96.77 63.06
CA PHE B 747 -14.76 -97.06 61.93
C PHE B 747 -14.14 -98.06 60.96
N ARG B 748 -13.08 -97.62 60.25
CA ARG B 748 -12.23 -98.34 59.29
C ARG B 748 -11.67 -99.63 59.85
N ALA B 749 -11.23 -99.57 61.12
CA ALA B 749 -10.82 -100.72 61.89
C ALA B 749 -11.93 -101.73 62.16
N CYS B 750 -13.17 -101.28 62.45
CA CYS B 750 -14.28 -102.15 62.85
C CYS B 750 -15.00 -102.76 61.66
N LEU B 751 -14.85 -102.20 60.44
CA LEU B 751 -15.34 -102.88 59.23
C LEU B 751 -14.61 -104.19 59.04
N ILE B 752 -13.27 -104.13 59.21
CA ILE B 752 -12.37 -105.26 59.21
C ILE B 752 -12.30 -105.97 60.58
N SER B 753 -13.31 -105.77 61.46
CA SER B 753 -13.62 -106.70 62.55
C SER B 753 -14.36 -107.89 61.96
N MET B 754 -15.17 -107.62 60.92
CA MET B 754 -15.75 -108.66 60.08
C MET B 754 -14.92 -108.89 58.83
N GLY B 755 -14.61 -107.84 58.05
CA GLY B 755 -13.87 -108.04 56.81
C GLY B 755 -13.53 -106.83 55.97
N TYR B 756 -14.51 -106.07 55.46
CA TYR B 756 -14.33 -105.41 54.18
C TYR B 756 -14.05 -103.90 54.15
N ASN B 757 -12.91 -103.57 53.51
CA ASN B 757 -12.72 -102.37 52.71
C ASN B 757 -11.66 -102.76 51.68
N MET B 758 -11.31 -101.84 50.76
CA MET B 758 -10.38 -102.12 49.67
C MET B 758 -9.22 -101.14 49.70
N GLY B 759 -9.52 -99.84 49.84
CA GLY B 759 -8.52 -98.81 49.91
C GLY B 759 -9.21 -97.59 50.39
N GLU B 760 -8.48 -96.48 50.56
CA GLU B 760 -8.95 -95.31 51.28
C GLU B 760 -10.13 -94.53 50.72
N ALA B 761 -10.68 -94.89 49.56
CA ALA B 761 -11.85 -94.25 48.98
C ALA B 761 -13.11 -94.35 49.83
N GLU B 762 -13.37 -95.53 50.42
CA GLU B 762 -14.64 -95.88 51.04
C GLU B 762 -14.97 -95.14 52.34
N PHE B 763 -14.15 -95.34 53.41
CA PHE B 763 -14.32 -94.62 54.67
C PHE B 763 -14.17 -93.10 54.51
N ALA B 764 -13.29 -92.63 53.58
CA ALA B 764 -13.23 -91.21 53.23
C ALA B 764 -14.47 -90.63 52.53
N ARG B 765 -15.47 -91.45 52.14
CA ARG B 765 -16.79 -91.01 51.73
C ARG B 765 -17.72 -90.89 52.93
N ILE B 766 -17.81 -91.95 53.78
CA ILE B 766 -18.69 -91.98 54.94
C ILE B 766 -18.28 -90.96 56.00
N MET B 767 -16.96 -90.73 56.16
CA MET B 767 -16.44 -89.80 57.14
C MET B 767 -17.03 -88.40 57.06
N SER B 768 -17.05 -87.72 55.88
CA SER B 768 -17.55 -86.35 55.80
C SER B 768 -19.06 -86.20 55.79
N ILE B 769 -19.80 -87.30 56.01
CA ILE B 769 -21.20 -87.21 56.37
C ILE B 769 -21.44 -87.79 57.77
N VAL B 770 -20.38 -88.13 58.52
CA VAL B 770 -20.40 -88.64 59.90
C VAL B 770 -19.73 -87.62 60.82
N ASP B 771 -18.73 -86.87 60.29
CA ASP B 771 -18.15 -85.67 60.88
C ASP B 771 -18.64 -84.32 60.26
N PRO B 772 -19.94 -84.04 59.98
CA PRO B 772 -20.36 -82.70 59.62
C PRO B 772 -20.55 -81.88 60.89
N ASN B 773 -20.16 -82.40 62.07
CA ASN B 773 -20.10 -81.65 63.31
C ASN B 773 -18.71 -81.04 63.45
N ARG B 774 -17.68 -81.87 63.77
CA ARG B 774 -16.24 -81.61 63.84
C ARG B 774 -15.62 -82.24 65.08
N MET B 775 -15.81 -83.56 65.23
CA MET B 775 -15.58 -84.23 66.50
C MET B 775 -14.87 -85.54 66.25
N GLY B 776 -15.43 -86.38 65.34
CA GLY B 776 -14.82 -87.63 64.89
C GLY B 776 -15.06 -88.80 65.81
N VAL B 777 -16.26 -88.83 66.42
CA VAL B 777 -16.62 -89.84 67.42
C VAL B 777 -17.92 -90.51 67.00
N VAL B 778 -17.86 -91.76 66.50
CA VAL B 778 -18.97 -92.38 65.80
C VAL B 778 -19.88 -93.10 66.78
N THR B 779 -21.03 -92.46 67.09
CA THR B 779 -22.07 -93.10 67.90
C THR B 779 -22.87 -94.01 66.98
N PHE B 780 -23.99 -94.64 67.37
CA PHE B 780 -24.50 -95.79 66.61
C PHE B 780 -25.68 -95.53 65.65
N GLN B 781 -26.17 -94.28 65.55
CA GLN B 781 -27.00 -93.89 64.43
C GLN B 781 -26.13 -93.64 63.22
N ALA B 782 -24.96 -92.99 63.43
CA ALA B 782 -23.89 -92.90 62.47
C ALA B 782 -23.18 -94.23 62.25
N PHE B 783 -23.30 -95.21 63.17
CA PHE B 783 -22.75 -96.54 62.94
C PHE B 783 -23.67 -97.46 62.16
N ILE B 784 -24.99 -97.59 62.46
CA ILE B 784 -25.93 -98.37 61.63
C ILE B 784 -26.04 -97.93 60.18
N ASP B 785 -25.96 -96.62 59.85
CA ASP B 785 -26.34 -96.07 58.55
C ASP B 785 -25.32 -96.27 57.42
N PHE B 786 -24.88 -97.52 57.26
CA PHE B 786 -24.04 -98.04 56.19
C PHE B 786 -23.99 -99.56 56.30
N MET B 787 -24.03 -100.12 57.55
CA MET B 787 -24.45 -101.50 57.82
C MET B 787 -25.82 -101.76 57.20
N SER B 788 -26.71 -100.77 57.40
CA SER B 788 -28.07 -100.69 56.94
C SER B 788 -28.15 -100.38 55.46
N ARG B 789 -27.46 -99.31 55.02
CA ARG B 789 -27.69 -98.67 53.74
C ARG B 789 -27.05 -99.37 52.58
N GLU B 790 -26.19 -100.36 52.81
CA GLU B 790 -25.83 -101.31 51.77
C GLU B 790 -26.96 -102.29 51.55
N THR B 791 -27.34 -103.02 52.62
CA THR B 791 -28.32 -104.12 52.65
C THR B 791 -29.68 -103.77 52.06
N ALA B 792 -30.12 -102.51 52.21
CA ALA B 792 -31.38 -101.92 51.76
C ALA B 792 -31.70 -102.16 50.30
N ASP B 793 -32.60 -103.15 50.09
CA ASP B 793 -32.84 -103.85 48.86
C ASP B 793 -31.57 -104.37 48.16
N THR B 794 -30.98 -105.38 48.81
CA THR B 794 -30.40 -106.56 48.16
C THR B 794 -30.94 -107.75 48.95
N ASP B 795 -32.02 -107.50 49.72
CA ASP B 795 -32.23 -108.05 51.05
C ASP B 795 -32.56 -109.54 51.13
N THR B 796 -32.42 -110.13 52.34
CA THR B 796 -32.76 -111.56 52.60
C THR B 796 -34.26 -111.70 52.82
N ALA B 797 -34.99 -110.56 52.73
CA ALA B 797 -36.39 -110.48 52.35
C ALA B 797 -36.56 -110.37 50.83
N ASP B 798 -36.36 -109.18 50.19
CA ASP B 798 -36.63 -108.92 48.78
C ASP B 798 -35.92 -109.83 47.75
N GLN B 799 -34.63 -110.17 47.96
CA GLN B 799 -33.92 -111.08 47.07
C GLN B 799 -34.50 -112.50 47.13
N VAL B 800 -35.16 -112.87 48.26
CA VAL B 800 -35.94 -114.08 48.44
C VAL B 800 -37.35 -114.00 47.83
N MET B 801 -38.07 -112.84 47.89
CA MET B 801 -39.26 -112.57 47.09
C MET B 801 -39.04 -112.83 45.62
N ALA B 802 -37.99 -112.23 45.04
CA ALA B 802 -37.54 -112.48 43.69
C ALA B 802 -37.37 -113.95 43.37
N SER B 803 -36.73 -114.75 44.25
CA SER B 803 -36.60 -116.21 44.08
C SER B 803 -37.91 -116.98 43.94
N PHE B 804 -38.95 -116.69 44.78
CA PHE B 804 -40.27 -117.31 44.72
C PHE B 804 -41.01 -117.12 43.41
N LYS B 805 -40.90 -115.92 42.78
CA LYS B 805 -41.55 -115.53 41.52
C LYS B 805 -41.44 -116.62 40.47
N ILE B 806 -40.22 -117.13 40.29
CA ILE B 806 -39.83 -118.11 39.30
C ILE B 806 -40.42 -119.48 39.58
N LEU B 807 -40.52 -119.90 40.87
CA LEU B 807 -41.05 -121.22 41.25
C LEU B 807 -42.53 -121.33 40.86
N ALA B 808 -43.28 -120.23 40.99
CA ALA B 808 -44.63 -120.18 40.48
C ALA B 808 -44.68 -119.89 38.98
N GLY B 809 -43.83 -118.97 38.49
CA GLY B 809 -43.68 -118.58 37.10
C GLY B 809 -44.39 -117.29 36.86
N ASP B 810 -43.71 -116.15 37.11
CA ASP B 810 -44.23 -114.80 37.32
C ASP B 810 -45.72 -114.67 37.67
N LYS B 811 -46.09 -115.29 38.82
CA LYS B 811 -47.42 -115.40 39.40
C LYS B 811 -47.38 -115.40 40.92
N ASN B 812 -48.02 -114.43 41.62
CA ASN B 812 -48.08 -114.32 43.09
C ASN B 812 -48.50 -115.59 43.85
N TYR B 813 -49.34 -116.42 43.22
CA TYR B 813 -49.74 -117.70 43.77
C TYR B 813 -48.87 -118.84 43.26
N ILE B 814 -48.51 -119.75 44.18
CA ILE B 814 -47.66 -120.91 43.94
C ILE B 814 -48.40 -122.17 44.36
N THR B 815 -48.31 -123.29 43.63
CA THR B 815 -49.11 -124.49 43.94
C THR B 815 -48.38 -125.45 44.86
N VAL B 816 -49.09 -126.20 45.75
CA VAL B 816 -48.53 -127.23 46.64
C VAL B 816 -47.72 -128.23 45.87
N ASP B 817 -48.28 -128.85 44.83
CA ASP B 817 -47.61 -129.79 43.96
C ASP B 817 -46.44 -129.22 43.18
N GLU B 818 -46.34 -127.89 42.99
CA GLU B 818 -45.17 -127.29 42.36
C GLU B 818 -44.05 -127.07 43.37
N LEU B 819 -44.31 -126.39 44.51
CA LEU B 819 -43.26 -126.22 45.53
C LEU B 819 -42.87 -127.55 46.17
N ARG B 820 -43.85 -128.46 46.39
CA ARG B 820 -43.63 -129.83 46.80
C ARG B 820 -43.44 -130.71 45.56
N ARG B 821 -42.64 -130.24 44.61
CA ARG B 821 -41.95 -131.10 43.69
C ARG B 821 -40.51 -130.72 43.87
N GLU B 822 -40.23 -129.44 43.60
CA GLU B 822 -38.98 -128.73 43.74
C GLU B 822 -38.25 -128.90 45.07
N LEU B 823 -38.79 -128.37 46.19
CA LEU B 823 -38.01 -128.20 47.41
C LEU B 823 -37.78 -129.47 48.20
N PRO B 824 -36.65 -129.65 48.91
CA PRO B 824 -36.50 -130.70 49.91
C PRO B 824 -37.53 -130.60 51.04
N PRO B 825 -37.89 -131.61 51.82
CA PRO B 825 -39.16 -131.60 52.54
C PRO B 825 -39.20 -130.65 53.73
N ASP B 826 -38.07 -130.24 54.35
CA ASP B 826 -38.09 -129.22 55.39
C ASP B 826 -38.10 -127.81 54.79
N GLN B 827 -37.85 -127.69 53.49
CA GLN B 827 -38.01 -126.44 52.79
C GLN B 827 -39.47 -126.38 52.29
N ALA B 828 -39.98 -127.48 51.71
CA ALA B 828 -41.38 -127.63 51.30
C ALA B 828 -42.39 -127.61 52.47
N GLU B 829 -42.79 -128.80 52.99
CA GLU B 829 -43.83 -129.03 54.01
C GLU B 829 -43.87 -128.00 55.13
N TYR B 830 -42.70 -127.72 55.75
CA TYR B 830 -42.51 -126.67 56.75
C TYR B 830 -43.09 -125.31 56.37
N CYS B 831 -42.88 -124.87 55.11
CA CYS B 831 -43.38 -123.63 54.56
C CYS B 831 -44.84 -123.69 54.13
N ILE B 832 -45.46 -124.88 53.97
CA ILE B 832 -46.92 -125.03 53.77
C ILE B 832 -47.66 -124.72 55.07
N ALA B 833 -46.93 -124.67 56.20
CA ALA B 833 -47.44 -124.24 57.49
C ALA B 833 -47.03 -122.80 57.87
N ARG B 834 -46.27 -122.08 57.02
CA ARG B 834 -45.86 -120.69 57.22
C ARG B 834 -46.58 -119.70 56.31
N MET B 835 -46.80 -120.08 55.04
CA MET B 835 -47.38 -119.25 54.00
C MET B 835 -48.87 -119.54 53.85
N ALA B 836 -49.64 -118.60 53.27
CA ALA B 836 -51.08 -118.63 53.28
C ALA B 836 -51.64 -119.33 52.04
N PRO B 837 -52.94 -119.68 51.95
CA PRO B 837 -53.61 -119.88 50.67
C PRO B 837 -53.72 -118.56 49.89
N TYR B 838 -54.10 -118.61 48.60
CA TYR B 838 -53.97 -117.57 47.57
C TYR B 838 -54.43 -116.11 47.75
N ASN B 839 -54.74 -115.64 48.99
CA ASN B 839 -55.24 -114.32 49.40
C ASN B 839 -56.51 -113.76 48.75
N GLY B 840 -56.53 -113.72 47.41
CA GLY B 840 -57.41 -112.87 46.63
C GLY B 840 -58.67 -113.51 46.12
N ARG B 841 -58.63 -114.12 44.92
CA ARG B 841 -59.86 -114.27 44.12
C ARG B 841 -60.05 -115.67 43.58
N ASP B 842 -59.51 -115.93 42.37
CA ASP B 842 -59.63 -117.14 41.61
C ASP B 842 -58.95 -118.31 42.28
N ALA B 843 -59.35 -119.54 41.91
CA ALA B 843 -58.79 -120.76 42.42
C ALA B 843 -58.26 -121.58 41.26
N VAL B 844 -57.05 -122.13 41.39
CA VAL B 844 -56.61 -123.30 40.64
C VAL B 844 -56.39 -124.35 41.72
N PRO B 845 -56.23 -125.66 41.50
CA PRO B 845 -56.35 -126.62 42.59
C PRO B 845 -55.16 -126.64 43.55
N GLY B 846 -55.21 -125.83 44.63
CA GLY B 846 -54.26 -125.90 45.74
C GLY B 846 -53.26 -124.79 45.72
N ALA B 847 -53.70 -123.56 45.44
CA ALA B 847 -52.82 -122.42 45.36
C ALA B 847 -52.48 -121.83 46.72
N LEU B 848 -51.19 -121.56 46.97
CA LEU B 848 -50.66 -120.92 48.14
C LEU B 848 -50.26 -119.51 47.74
N ASP B 849 -49.78 -118.71 48.71
CA ASP B 849 -49.37 -117.35 48.54
C ASP B 849 -47.99 -117.22 49.19
N TYR B 850 -46.95 -116.91 48.40
CA TYR B 850 -45.60 -116.77 48.90
C TYR B 850 -45.28 -115.39 49.48
N MET B 851 -46.16 -114.39 49.26
CA MET B 851 -45.91 -112.99 49.52
C MET B 851 -45.95 -112.73 51.00
N SER B 852 -47.06 -113.13 51.65
CA SER B 852 -47.35 -113.03 53.09
C SER B 852 -46.31 -113.73 53.99
N PHE B 853 -45.45 -114.58 53.38
CA PHE B 853 -44.29 -115.18 54.00
C PHE B 853 -43.06 -114.27 54.14
N SER B 854 -42.60 -113.53 53.10
CA SER B 854 -41.37 -112.73 53.20
C SER B 854 -41.58 -111.47 54.00
N THR B 855 -42.82 -110.92 53.93
CA THR B 855 -43.38 -109.85 54.78
C THR B 855 -43.58 -110.29 56.23
N ALA B 856 -42.86 -111.31 56.72
CA ALA B 856 -42.97 -111.80 58.08
C ALA B 856 -41.65 -112.06 58.80
N LEU B 857 -40.84 -113.06 58.39
CA LEU B 857 -39.72 -113.53 59.19
C LEU B 857 -38.50 -112.65 59.01
N TYR B 858 -38.00 -112.52 57.75
CA TYR B 858 -36.83 -111.70 57.41
C TYR B 858 -37.15 -110.22 57.39
N GLY B 859 -36.12 -109.39 57.15
CA GLY B 859 -36.21 -107.92 57.09
C GLY B 859 -35.06 -107.36 57.86
N GLU B 860 -33.97 -106.93 57.19
CA GLU B 860 -32.69 -106.78 57.86
C GLU B 860 -32.43 -105.35 58.39
N SER B 861 -31.31 -104.64 58.15
CA SER B 861 -30.97 -103.48 59.01
C SER B 861 -31.52 -102.15 58.53
N ASP B 862 -31.28 -101.76 57.27
CA ASP B 862 -32.35 -101.11 56.55
C ASP B 862 -32.82 -102.29 55.74
N LEU B 863 -34.03 -102.77 56.03
CA LEU B 863 -34.90 -103.02 54.93
C LEU B 863 -35.73 -101.73 55.01
#